data_1KD5
# 
_entry.id   1KD5 
# 
_audit_conform.dict_name       mmcif_pdbx.dic 
_audit_conform.dict_version    5.386 
_audit_conform.dict_location   http://mmcif.pdb.org/dictionaries/ascii/mmcif_pdbx.dic 
# 
loop_
_database_2.database_id 
_database_2.database_code 
_database_2.pdbx_database_accession 
_database_2.pdbx_DOI 
PDB   1KD5         pdb_00001kd5 10.2210/pdb1kd5/pdb 
NDB   AR0038       ?            ?                   
RCSB  RCSB014830   ?            ?                   
WWPDB D_1000014830 ?            ?                   
# 
loop_
_pdbx_audit_revision_history.ordinal 
_pdbx_audit_revision_history.data_content_type 
_pdbx_audit_revision_history.major_revision 
_pdbx_audit_revision_history.minor_revision 
_pdbx_audit_revision_history.revision_date 
1 'Structure model' 1 0 2003-03-04 
2 'Structure model' 1 1 2008-04-27 
3 'Structure model' 1 2 2011-07-13 
4 'Structure model' 1 3 2024-02-07 
# 
_pdbx_audit_revision_details.ordinal             1 
_pdbx_audit_revision_details.revision_ordinal    1 
_pdbx_audit_revision_details.data_content_type   'Structure model' 
_pdbx_audit_revision_details.provider            repository 
_pdbx_audit_revision_details.type                'Initial release' 
_pdbx_audit_revision_details.description         ? 
_pdbx_audit_revision_details.details             ? 
# 
loop_
_pdbx_audit_revision_group.ordinal 
_pdbx_audit_revision_group.revision_ordinal 
_pdbx_audit_revision_group.data_content_type 
_pdbx_audit_revision_group.group 
1 2 'Structure model' 'Version format compliance' 
2 3 'Structure model' 'Version format compliance' 
3 4 'Structure model' 'Data collection'           
4 4 'Structure model' 'Database references'       
5 4 'Structure model' 'Refinement description'    
# 
loop_
_pdbx_audit_revision_category.ordinal 
_pdbx_audit_revision_category.revision_ordinal 
_pdbx_audit_revision_category.data_content_type 
_pdbx_audit_revision_category.category 
1 4 'Structure model' chem_comp_atom 
2 4 'Structure model' chem_comp_bond 
3 4 'Structure model' database_2     
4 4 'Structure model' software       
# 
loop_
_pdbx_audit_revision_item.ordinal 
_pdbx_audit_revision_item.revision_ordinal 
_pdbx_audit_revision_item.data_content_type 
_pdbx_audit_revision_item.item 
1 4 'Structure model' '_database_2.pdbx_DOI'                
2 4 'Structure model' '_database_2.pdbx_database_accession' 
3 4 'Structure model' '_software.name'                      
# 
_pdbx_database_status.status_code                     REL 
_pdbx_database_status.entry_id                        1KD5 
_pdbx_database_status.recvd_initial_deposition_date   2001-11-12 
_pdbx_database_status.deposit_site                    NDB 
_pdbx_database_status.process_site                    RCSB 
_pdbx_database_status.status_code_sf                  REL 
_pdbx_database_status.SG_entry                        . 
_pdbx_database_status.pdb_format_compatible           Y 
_pdbx_database_status.status_code_mr                  ? 
_pdbx_database_status.status_code_cs                  ? 
_pdbx_database_status.status_code_nmr_data            ? 
_pdbx_database_status.methods_development_category    ? 
# 
loop_
_audit_author.name 
_audit_author.pdbx_ordinal 
'Kacer, V.'       1 
'Scaringe, S.A.'  2 
'Scarsdale, J.N.' 3 
'Rife, J.P.'      4 
# 
_citation.id                        primary 
_citation.title                     'Crystal structures of r(GGUCACAGCCC)2.' 
_citation.journal_abbrev            'Acta Crystallogr.,Sect.D' 
_citation.journal_volume            59 
_citation.page_first                423 
_citation.page_last                 432 
_citation.year                      2003 
_citation.journal_id_ASTM           ABCRE6 
_citation.country                   DK 
_citation.journal_id_ISSN           0907-4449 
_citation.journal_id_CSD            0766 
_citation.book_publisher            ? 
_citation.pdbx_database_id_PubMed   12595698 
_citation.pdbx_database_id_DOI      10.1107/S0907444902021911 
# 
loop_
_citation_author.citation_id 
_citation_author.name 
_citation_author.ordinal 
_citation_author.identifier_ORCID 
primary 'Kacer, V.'       1 ? 
primary 'Scaringe, S.A.'  2 ? 
primary 'Scarsdale, J.N.' 3 ? 
primary 'Rife, J.P.'      4 ? 
# 
loop_
_entity.id 
_entity.type 
_entity.src_method 
_entity.pdbx_description 
_entity.formula_weight 
_entity.pdbx_number_of_molecules 
_entity.pdbx_ec 
_entity.pdbx_mutation 
_entity.pdbx_fragment 
_entity.details 
1 polymer syn "5'-R(*GP*GP*UP*CP*AP*CP*AP*GP*CP*CP*C)-3'" 3481.146 2   ? ? ? ? 
2 water   nat water                                       18.015   127 ? ? ? ? 
# 
_entity_poly.entity_id                      1 
_entity_poly.type                           polyribonucleotide 
_entity_poly.nstd_linkage                   no 
_entity_poly.nstd_monomer                   no 
_entity_poly.pdbx_seq_one_letter_code       GGUCACAGCCC 
_entity_poly.pdbx_seq_one_letter_code_can   GGUCACAGCCC 
_entity_poly.pdbx_strand_id                 A,B 
_entity_poly.pdbx_target_identifier         ? 
# 
_pdbx_entity_nonpoly.entity_id   2 
_pdbx_entity_nonpoly.name        water 
_pdbx_entity_nonpoly.comp_id     HOH 
# 
loop_
_entity_poly_seq.entity_id 
_entity_poly_seq.num 
_entity_poly_seq.mon_id 
_entity_poly_seq.hetero 
1 1  G n 
1 2  G n 
1 3  U n 
1 4  C n 
1 5  A n 
1 6  C n 
1 7  A n 
1 8  G n 
1 9  C n 
1 10 C n 
1 11 C n 
# 
loop_
_chem_comp.id 
_chem_comp.type 
_chem_comp.mon_nstd_flag 
_chem_comp.name 
_chem_comp.pdbx_synonyms 
_chem_comp.formula 
_chem_comp.formula_weight 
A   'RNA linking' y "ADENOSINE-5'-MONOPHOSPHATE" ? 'C10 H14 N5 O7 P' 347.221 
C   'RNA linking' y "CYTIDINE-5'-MONOPHOSPHATE"  ? 'C9 H14 N3 O8 P'  323.197 
G   'RNA linking' y "GUANOSINE-5'-MONOPHOSPHATE" ? 'C10 H14 N5 O8 P' 363.221 
HOH non-polymer   . WATER                        ? 'H2 O'            18.015  
U   'RNA linking' y "URIDINE-5'-MONOPHOSPHATE"   ? 'C9 H13 N2 O9 P'  324.181 
# 
loop_
_pdbx_poly_seq_scheme.asym_id 
_pdbx_poly_seq_scheme.entity_id 
_pdbx_poly_seq_scheme.seq_id 
_pdbx_poly_seq_scheme.mon_id 
_pdbx_poly_seq_scheme.ndb_seq_num 
_pdbx_poly_seq_scheme.pdb_seq_num 
_pdbx_poly_seq_scheme.auth_seq_num 
_pdbx_poly_seq_scheme.pdb_mon_id 
_pdbx_poly_seq_scheme.auth_mon_id 
_pdbx_poly_seq_scheme.pdb_strand_id 
_pdbx_poly_seq_scheme.pdb_ins_code 
_pdbx_poly_seq_scheme.hetero 
A 1 1  G 1  1  1  G G A . n 
A 1 2  G 2  2  2  G G A . n 
A 1 3  U 3  3  3  U U A . n 
A 1 4  C 4  4  4  C C A . n 
A 1 5  A 5  5  5  A A A . n 
A 1 6  C 6  6  6  C C A . n 
A 1 7  A 7  7  7  A A A . n 
A 1 8  G 8  8  8  G G A . n 
A 1 9  C 9  9  9  C C A . n 
A 1 10 C 10 10 10 C C A . n 
A 1 11 C 11 11 11 C C A . n 
B 1 1  G 1  1  1  G G B . n 
B 1 2  G 2  2  2  G G B . n 
B 1 3  U 3  3  3  U U B . n 
B 1 4  C 4  4  4  C C B . n 
B 1 5  A 5  5  5  A A B . n 
B 1 6  C 6  6  6  C C B . n 
B 1 7  A 7  7  7  A A B . n 
B 1 8  G 8  8  8  G G B . n 
B 1 9  C 9  9  9  C C B . n 
B 1 10 C 10 10 10 C C B . n 
B 1 11 C 11 11 11 C C B . n 
# 
loop_
_pdbx_nonpoly_scheme.asym_id 
_pdbx_nonpoly_scheme.entity_id 
_pdbx_nonpoly_scheme.mon_id 
_pdbx_nonpoly_scheme.ndb_seq_num 
_pdbx_nonpoly_scheme.pdb_seq_num 
_pdbx_nonpoly_scheme.auth_seq_num 
_pdbx_nonpoly_scheme.pdb_mon_id 
_pdbx_nonpoly_scheme.auth_mon_id 
_pdbx_nonpoly_scheme.pdb_strand_id 
_pdbx_nonpoly_scheme.pdb_ins_code 
C 2 HOH 1  27  27  HOH HOH A . 
C 2 HOH 2  28  28  HOH HOH A . 
C 2 HOH 3  31  31  HOH HOH A . 
C 2 HOH 4  34  34  HOH HOH A . 
C 2 HOH 5  35  35  HOH HOH A . 
C 2 HOH 6  36  36  HOH HOH A . 
C 2 HOH 7  37  37  HOH HOH A . 
C 2 HOH 8  38  38  HOH HOH A . 
C 2 HOH 9  41  41  HOH HOH A . 
C 2 HOH 10 42  42  HOH HOH A . 
C 2 HOH 11 46  46  HOH HOH A . 
C 2 HOH 12 47  47  HOH HOH A . 
C 2 HOH 13 51  51  HOH HOH A . 
C 2 HOH 14 53  53  HOH HOH A . 
C 2 HOH 15 54  54  HOH HOH A . 
C 2 HOH 16 56  56  HOH HOH A . 
C 2 HOH 17 59  59  HOH HOH A . 
C 2 HOH 18 60  60  HOH HOH A . 
C 2 HOH 19 63  63  HOH HOH A . 
C 2 HOH 20 64  64  HOH HOH A . 
C 2 HOH 21 65  65  HOH HOH A . 
C 2 HOH 22 67  67  HOH HOH A . 
C 2 HOH 23 71  71  HOH HOH A . 
C 2 HOH 24 73  73  HOH HOH A . 
C 2 HOH 25 75  75  HOH HOH A . 
C 2 HOH 26 78  78  HOH HOH A . 
C 2 HOH 27 79  79  HOH HOH A . 
C 2 HOH 28 82  82  HOH HOH A . 
C 2 HOH 29 87  87  HOH HOH A . 
C 2 HOH 30 88  88  HOH HOH A . 
C 2 HOH 31 92  92  HOH HOH A . 
C 2 HOH 32 94  94  HOH HOH A . 
C 2 HOH 33 95  95  HOH HOH A . 
C 2 HOH 34 96  96  HOH HOH A . 
C 2 HOH 35 97  97  HOH HOH A . 
C 2 HOH 36 98  98  HOH HOH A . 
C 2 HOH 37 102 102 HOH HOH A . 
C 2 HOH 38 104 104 HOH HOH A . 
C 2 HOH 39 105 105 HOH HOH A . 
C 2 HOH 40 107 107 HOH HOH A . 
C 2 HOH 41 108 108 HOH HOH A . 
C 2 HOH 42 110 110 HOH HOH A . 
C 2 HOH 43 112 112 HOH HOH A . 
C 2 HOH 44 118 118 HOH HOH A . 
C 2 HOH 45 120 120 HOH HOH A . 
C 2 HOH 46 121 121 HOH HOH A . 
C 2 HOH 47 122 122 HOH HOH A . 
C 2 HOH 48 124 124 HOH HOH A . 
C 2 HOH 49 126 126 HOH HOH A . 
C 2 HOH 50 131 131 HOH HOH A . 
C 2 HOH 51 132 132 HOH HOH A . 
C 2 HOH 52 133 133 HOH HOH A . 
C 2 HOH 53 136 136 HOH HOH A . 
C 2 HOH 54 137 137 HOH HOH A . 
C 2 HOH 55 138 138 HOH HOH A . 
C 2 HOH 56 139 139 HOH HOH A . 
C 2 HOH 57 141 141 HOH HOH A . 
C 2 HOH 58 144 144 HOH HOH A . 
C 2 HOH 59 145 145 HOH HOH A . 
C 2 HOH 60 146 146 HOH HOH A . 
C 2 HOH 61 150 150 HOH HOH A . 
C 2 HOH 62 152 152 HOH HOH A . 
C 2 HOH 63 155 155 HOH HOH A . 
C 2 HOH 64 156 156 HOH HOH A . 
D 2 HOH 1  26  26  HOH HOH B . 
D 2 HOH 2  29  29  HOH HOH B . 
D 2 HOH 3  30  30  HOH HOH B . 
D 2 HOH 4  32  32  HOH HOH B . 
D 2 HOH 5  33  33  HOH HOH B . 
D 2 HOH 6  39  39  HOH HOH B . 
D 2 HOH 7  40  40  HOH HOH B . 
D 2 HOH 8  43  43  HOH HOH B . 
D 2 HOH 9  44  44  HOH HOH B . 
D 2 HOH 10 45  45  HOH HOH B . 
D 2 HOH 11 48  48  HOH HOH B . 
D 2 HOH 12 49  49  HOH HOH B . 
D 2 HOH 13 50  50  HOH HOH B . 
D 2 HOH 14 52  52  HOH HOH B . 
D 2 HOH 15 55  55  HOH HOH B . 
D 2 HOH 16 57  57  HOH HOH B . 
D 2 HOH 17 58  58  HOH HOH B . 
D 2 HOH 18 61  61  HOH HOH B . 
D 2 HOH 19 62  62  HOH HOH B . 
D 2 HOH 20 66  66  HOH HOH B . 
D 2 HOH 21 68  68  HOH HOH B . 
D 2 HOH 22 69  69  HOH HOH B . 
D 2 HOH 23 70  70  HOH HOH B . 
D 2 HOH 24 72  72  HOH HOH B . 
D 2 HOH 25 74  74  HOH HOH B . 
D 2 HOH 26 76  76  HOH HOH B . 
D 2 HOH 27 77  77  HOH HOH B . 
D 2 HOH 28 80  80  HOH HOH B . 
D 2 HOH 29 81  81  HOH HOH B . 
D 2 HOH 30 83  83  HOH HOH B . 
D 2 HOH 31 84  84  HOH HOH B . 
D 2 HOH 32 85  85  HOH HOH B . 
D 2 HOH 33 86  86  HOH HOH B . 
D 2 HOH 34 89  89  HOH HOH B . 
D 2 HOH 35 90  90  HOH HOH B . 
D 2 HOH 36 91  91  HOH HOH B . 
D 2 HOH 37 93  93  HOH HOH B . 
D 2 HOH 38 99  99  HOH HOH B . 
D 2 HOH 39 100 100 HOH HOH B . 
D 2 HOH 40 101 101 HOH HOH B . 
D 2 HOH 41 103 103 HOH HOH B . 
D 2 HOH 42 106 106 HOH HOH B . 
D 2 HOH 43 109 109 HOH HOH B . 
D 2 HOH 44 111 111 HOH HOH B . 
D 2 HOH 45 113 113 HOH HOH B . 
D 2 HOH 46 114 114 HOH HOH B . 
D 2 HOH 47 116 116 HOH HOH B . 
D 2 HOH 48 117 117 HOH HOH B . 
D 2 HOH 49 119 119 HOH HOH B . 
D 2 HOH 50 123 123 HOH HOH B . 
D 2 HOH 51 125 125 HOH HOH B . 
D 2 HOH 52 127 127 HOH HOH B . 
D 2 HOH 53 128 128 HOH HOH B . 
D 2 HOH 54 129 129 HOH HOH B . 
D 2 HOH 55 130 130 HOH HOH B . 
D 2 HOH 56 134 134 HOH HOH B . 
D 2 HOH 57 135 135 HOH HOH B . 
D 2 HOH 58 140 140 HOH HOH B . 
D 2 HOH 59 142 142 HOH HOH B . 
D 2 HOH 60 143 143 HOH HOH B . 
D 2 HOH 61 147 147 HOH HOH B . 
D 2 HOH 62 148 148 HOH HOH B . 
D 2 HOH 63 149 149 HOH HOH B . 
# 
loop_
_software.name 
_software.classification 
_software.version 
_software.citation_id 
_software.pdbx_ordinal 
DENZO     'data reduction' . ? 1 
SCALEPACK 'data scaling'   . ? 2 
SHARP     phasing          . ? 3 
SHELXL    refinement       . ? 4 
# 
_cell.entry_id           1KD5 
_cell.length_a           45.388 
_cell.length_b           45.388 
_cell.length_c           51.499 
_cell.angle_alpha        90.00 
_cell.angle_beta         90.00 
_cell.angle_gamma        90.00 
_cell.Z_PDB              8 
_cell.pdbx_unique_axis   ? 
# 
_symmetry.entry_id                         1KD5 
_symmetry.space_group_name_H-M             'P 43' 
_symmetry.pdbx_full_space_group_name_H-M   ? 
_symmetry.cell_setting                     tetragonal 
_symmetry.Int_Tables_number                78 
# 
_exptl.entry_id          1KD5 
_exptl.method            'X-RAY DIFFRACTION' 
_exptl.crystals_number   1 
# 
_exptl_crystal.id                    1 
_exptl_crystal.density_meas          ? 
_exptl_crystal.density_percent_sol   61.6 
_exptl_crystal.density_Matthews      3.23 
_exptl_crystal.description           ? 
# 
_exptl_crystal_grow.crystal_id      1 
_exptl_crystal_grow.method          'VAPOR DIFFUSION, HANGING DROP' 
_exptl_crystal_grow.temp            293 
_exptl_crystal_grow.temp_details    ? 
_exptl_crystal_grow.pH              6.4 
_exptl_crystal_grow.pdbx_details    
'50 mM tris HCl (pH 6.4), 1.4 M (NH4)2SO4, 20 mM MgCl2, 18 mM spermine, neomycin B, pH 6.4, VAPOR DIFFUSION, HANGING DROP at 293K' 
_exptl_crystal_grow.pdbx_pH_range   . 
# 
loop_
_exptl_crystal_grow_comp.crystal_id 
_exptl_crystal_grow_comp.id 
_exptl_crystal_grow_comp.sol_id 
_exptl_crystal_grow_comp.name 
_exptl_crystal_grow_comp.conc 
_exptl_crystal_grow_comp.volume 
_exptl_crystal_grow_comp.details 
1 1 1 'tris HCl'   ? ? ? 
1 2 1 '(NH4)2SO4'  ? ? ? 
1 3 1 MgCl2        ? ? ? 
1 4 1 spermine     ? ? ? 
1 5 1 'neomycin B' ? ? ? 
1 6 2 'tris HCl'   ? ? ? 
1 7 2 '(NH4)2SO4'  ? ? ? 
1 8 2 MgCl2        ? ? ? 
1 9 2 spermine     ? ? ? 
# 
_diffrn.id                     1 
_diffrn.ambient_temp           98 
_diffrn.ambient_temp_details   ? 
_diffrn.crystal_id             1 
# 
_diffrn_detector.diffrn_id              1 
_diffrn_detector.detector               CCD 
_diffrn_detector.type                   'ADSC QUANTUM 4' 
_diffrn_detector.pdbx_collection_date   2000-08-20 
_diffrn_detector.details                ? 
# 
_diffrn_radiation.diffrn_id                        1 
_diffrn_radiation.wavelength_id                    1 
_diffrn_radiation.monochromator                    ? 
_diffrn_radiation.pdbx_monochromatic_or_laue_m_l   M 
_diffrn_radiation.pdbx_diffrn_protocol             'SINGLE WAVELENGTH' 
_diffrn_radiation.pdbx_scattering_type             x-ray 
# 
_diffrn_radiation_wavelength.id           1 
_diffrn_radiation_wavelength.wavelength   1.000 
_diffrn_radiation_wavelength.wt           1.0 
# 
_diffrn_source.diffrn_id                   1 
_diffrn_source.source                      SYNCHROTRON 
_diffrn_source.type                        'NSLS BEAMLINE X8C' 
_diffrn_source.pdbx_synchrotron_site       NSLS 
_diffrn_source.pdbx_synchrotron_beamline   X8C 
_diffrn_source.pdbx_wavelength             ? 
_diffrn_source.pdbx_wavelength_list        1.000 
# 
_reflns.entry_id                     1KD5 
_reflns.observed_criterion_sigma_I   -3 
_reflns.observed_criterion_sigma_F   ? 
_reflns.d_resolution_low             25 
_reflns.d_resolution_high            1.58 
_reflns.number_obs                   14143 
_reflns.number_all                   14792 
_reflns.percent_possible_obs         95.6 
_reflns.pdbx_Rmerge_I_obs            0.058 
_reflns.pdbx_Rsym_value              ? 
_reflns.pdbx_netI_over_sigmaI        17.7 
_reflns.B_iso_Wilson_estimate        ? 
_reflns.pdbx_redundancy              5.4 
_reflns.R_free_details               ? 
_reflns.pdbx_diffrn_id               1 
_reflns.pdbx_ordinal                 1 
# 
_reflns_shell.d_res_high             1.58 
_reflns_shell.d_res_low              1.67 
_reflns_shell.percent_possible_all   91.7 
_reflns_shell.Rmerge_I_obs           0.558 
_reflns_shell.pdbx_Rsym_value        ? 
_reflns_shell.meanI_over_sigI_obs    1.7 
_reflns_shell.pdbx_redundancy        2.2 
_reflns_shell.percent_possible_obs   ? 
_reflns_shell.number_unique_all      721 
_reflns_shell.pdbx_diffrn_id         ? 
_reflns_shell.pdbx_ordinal           1 
# 
_refine.entry_id                                 1KD5 
_refine.ls_number_reflns_obs                     13324 
_refine.ls_number_reflns_all                     ? 
_refine.pdbx_ls_sigma_I                          ? 
_refine.pdbx_ls_sigma_F                          2.0 
_refine.pdbx_data_cutoff_high_absF               ? 
_refine.pdbx_data_cutoff_low_absF                ? 
_refine.ls_d_res_low                             5.00 
_refine.ls_d_res_high                            1.58 
_refine.ls_percent_reflns_obs                    96.4 
_refine.ls_R_factor_obs                          0.1714 
_refine.ls_R_factor_all                          0.174 
_refine.ls_R_factor_R_work                       0.1714 
_refine.ls_R_factor_R_free                       0.226 
_refine.ls_R_factor_R_free_error                 ? 
_refine.ls_R_factor_R_free_error_details         ? 
_refine.ls_percent_reflns_R_free                 9.93 
_refine.ls_number_reflns_R_free                  1324 
_refine.ls_number_parameters                     5286 
_refine.ls_number_restraints                     6608 
_refine.occupancy_min                            ? 
_refine.occupancy_max                            ? 
_refine.B_iso_mean                               ? 
_refine.aniso_B[1][1]                            ? 
_refine.aniso_B[2][2]                            ? 
_refine.aniso_B[3][3]                            ? 
_refine.aniso_B[1][2]                            ? 
_refine.aniso_B[1][3]                            ? 
_refine.aniso_B[2][3]                            ? 
_refine.solvent_model_details                    'MOEWS & KRETSINGER, J.MOL.BIOL.91(1973)201-227' 
_refine.solvent_model_param_ksol                 ? 
_refine.solvent_model_param_bsol                 ? 
_refine.pdbx_ls_cross_valid_method               THROUGHOUT 
_refine.details                                  
;Preliminary refinement in CNS. 
Restrained Anisotropic B factors as implemented in SHELXL-96
;
_refine.pdbx_starting_model                      ? 
_refine.pdbx_method_to_determine_struct          SIRAS 
_refine.pdbx_isotropic_thermal_model             'Restrained Anisotropic B factors as implemented in SHELXL-96' 
_refine.pdbx_stereochemistry_target_values       ? 
_refine.pdbx_stereochem_target_val_spec_case     ? 
_refine.pdbx_R_Free_selection_details            random 
_refine.pdbx_overall_ESU_R_Free                  ? 
_refine.overall_SU_B                             ? 
_refine.ls_redundancy_reflns_obs                 ? 
_refine.correlation_coeff_Fo_to_Fc               ? 
_refine.overall_SU_R_Cruickshank_DPI             ? 
_refine.overall_SU_R_free                        ? 
_refine.overall_SU_ML                            ? 
_refine.pdbx_overall_ESU_R                       ? 
_refine.pdbx_data_cutoff_high_rms_absF           ? 
_refine.correlation_coeff_Fo_to_Fc_free          ? 
_refine.pdbx_solvent_vdw_probe_radii             ? 
_refine.pdbx_solvent_ion_probe_radii             ? 
_refine.pdbx_solvent_shrinkage_radii             ? 
_refine.pdbx_refine_id                           'X-RAY DIFFRACTION' 
_refine.pdbx_diffrn_id                           1 
_refine.pdbx_TLS_residual_ADP_flag               ? 
_refine.pdbx_overall_phase_error                 ? 
_refine.pdbx_overall_SU_R_free_Cruickshank_DPI   ? 
_refine.pdbx_overall_SU_R_Blow_DPI               ? 
_refine.pdbx_overall_SU_R_free_Blow_DPI          ? 
# 
_refine_analyze.entry_id                        1KD5 
_refine_analyze.Luzzati_coordinate_error_obs    0.164 
_refine_analyze.Luzzati_sigma_a_obs             ? 
_refine_analyze.Luzzati_d_res_low_obs           5.00 
_refine_analyze.Luzzati_coordinate_error_free   ? 
_refine_analyze.Luzzati_sigma_a_free            ? 
_refine_analyze.Luzzati_d_res_low_free          ? 
_refine_analyze.number_disordered_residues      0 
_refine_analyze.occupancy_sum_hydrogen          0.00 
_refine_analyze.occupancy_sum_non_hydrogen      587.00 
_refine_analyze.pdbx_refine_id                  'X-RAY DIFFRACTION' 
# 
_refine_hist.pdbx_refine_id                   'X-RAY DIFFRACTION' 
_refine_hist.cycle_id                         LAST 
_refine_hist.pdbx_number_atoms_protein        0 
_refine_hist.pdbx_number_atoms_nucleic_acid   460 
_refine_hist.pdbx_number_atoms_ligand         0 
_refine_hist.number_atoms_solvent             127 
_refine_hist.number_atoms_total               587 
_refine_hist.d_res_high                       1.58 
_refine_hist.d_res_low                        5.00 
# 
loop_
_refine_ls_restr.type 
_refine_ls_restr.dev_ideal 
_refine_ls_restr.dev_ideal_target 
_refine_ls_restr.weight 
_refine_ls_restr.number 
_refine_ls_restr.pdbx_refine_id 
_refine_ls_restr.pdbx_restraint_function 
s_bond_d              0.013 ? ? ? 'X-RAY DIFFRACTION' ? 
s_angle_d             0.028 ? ? ? 'X-RAY DIFFRACTION' ? 
s_similar_dist        0.037 ? ? ? 'X-RAY DIFFRACTION' ? 
s_zero_chiral_vol     ?     ? ? ? 'X-RAY DIFFRACTION' ? 
s_anti_bump_dis_restr 0.016 ? ? ? 'X-RAY DIFFRACTION' ? 
# 
_pdbx_refine.entry_id                                    1KD5 
_pdbx_refine.R_factor_all_no_cutoff                      0.1714 
_pdbx_refine.R_factor_obs_no_cutoff                      0.1714 
_pdbx_refine.free_R_factor_no_cutoff                     0.226 
_pdbx_refine.free_R_val_test_set_size_perc_no_cutoff     ? 
_pdbx_refine.free_R_val_test_set_ct_no_cutoff            ? 
_pdbx_refine.R_factor_all_4sig_cutoff                    0.1569 
_pdbx_refine.R_factor_obs_4sig_cutoff                    0.1569 
_pdbx_refine.free_R_factor_4sig_cutoff                   0.226 
_pdbx_refine.free_R_val_test_set_size_perc_4sig_cutoff   13.9 
_pdbx_refine.free_R_val_test_set_ct_4sig_cutoff          1324 
_pdbx_refine.number_reflns_obs_4sig_cutoff               9475 
_pdbx_refine.number_reflns_obs_no_cutoff                 12429 
_pdbx_refine.pdbx_refine_id                              'X-RAY DIFFRACTION' 
_pdbx_refine.free_R_error_no_cutoff                      ? 
# 
_struct.entry_id                  1KD5 
_struct.title                     'The Crystal Structure of r(GGUCACAGCCC)2 metal free form' 
_struct.pdbx_model_details        ? 
_struct.pdbx_CASP_flag            ? 
_struct.pdbx_model_type_details   ? 
# 
_struct_keywords.entry_id        1KD5 
_struct_keywords.pdbx_keywords   RNA 
_struct_keywords.text            'RNA duplex, RNA' 
# 
loop_
_struct_asym.id 
_struct_asym.pdbx_blank_PDB_chainid_flag 
_struct_asym.pdbx_modified 
_struct_asym.entity_id 
_struct_asym.details 
A N N 1 ? 
B N N 1 ? 
C N N 2 ? 
D N N 2 ? 
# 
_struct_ref.id                         1 
_struct_ref.entity_id                  1 
_struct_ref.db_name                    PDB 
_struct_ref.db_code                    1KD5 
_struct_ref.pdbx_db_accession          1KD5 
_struct_ref.pdbx_db_isoform            ? 
_struct_ref.pdbx_seq_one_letter_code   ? 
_struct_ref.pdbx_align_begin           ? 
# 
loop_
_struct_ref_seq.align_id 
_struct_ref_seq.ref_id 
_struct_ref_seq.pdbx_PDB_id_code 
_struct_ref_seq.pdbx_strand_id 
_struct_ref_seq.seq_align_beg 
_struct_ref_seq.pdbx_seq_align_beg_ins_code 
_struct_ref_seq.seq_align_end 
_struct_ref_seq.pdbx_seq_align_end_ins_code 
_struct_ref_seq.pdbx_db_accession 
_struct_ref_seq.db_align_beg 
_struct_ref_seq.pdbx_db_align_beg_ins_code 
_struct_ref_seq.db_align_end 
_struct_ref_seq.pdbx_db_align_end_ins_code 
_struct_ref_seq.pdbx_auth_seq_align_beg 
_struct_ref_seq.pdbx_auth_seq_align_end 
1 1 1KD5 A 1 ? 11 ? 1KD5 1 ? 11 ? 1 11 
2 1 1KD5 B 1 ? 11 ? 1KD5 1 ? 11 ? 1 11 
# 
_pdbx_struct_assembly.id                   1 
_pdbx_struct_assembly.details              author_defined_assembly 
_pdbx_struct_assembly.method_details       ? 
_pdbx_struct_assembly.oligomeric_details   dimeric 
_pdbx_struct_assembly.oligomeric_count     2 
# 
_pdbx_struct_assembly_gen.assembly_id       1 
_pdbx_struct_assembly_gen.oper_expression   1 
_pdbx_struct_assembly_gen.asym_id_list      A,B,C,D 
# 
_pdbx_struct_oper_list.id                   1 
_pdbx_struct_oper_list.type                 'identity operation' 
_pdbx_struct_oper_list.name                 1_555 
_pdbx_struct_oper_list.symmetry_operation   x,y,z 
_pdbx_struct_oper_list.matrix[1][1]         1.0000000000 
_pdbx_struct_oper_list.matrix[1][2]         0.0000000000 
_pdbx_struct_oper_list.matrix[1][3]         0.0000000000 
_pdbx_struct_oper_list.vector[1]            0.0000000000 
_pdbx_struct_oper_list.matrix[2][1]         0.0000000000 
_pdbx_struct_oper_list.matrix[2][2]         1.0000000000 
_pdbx_struct_oper_list.matrix[2][3]         0.0000000000 
_pdbx_struct_oper_list.vector[2]            0.0000000000 
_pdbx_struct_oper_list.matrix[3][1]         0.0000000000 
_pdbx_struct_oper_list.matrix[3][2]         0.0000000000 
_pdbx_struct_oper_list.matrix[3][3]         1.0000000000 
_pdbx_struct_oper_list.vector[3]            0.0000000000 
# 
_struct_biol.id                    1 
_struct_biol.pdbx_parent_biol_id   ? 
_struct_biol.details               ? 
# 
loop_
_struct_conn.id 
_struct_conn.conn_type_id 
_struct_conn.pdbx_leaving_atom_flag 
_struct_conn.pdbx_PDB_id 
_struct_conn.ptnr1_label_asym_id 
_struct_conn.ptnr1_label_comp_id 
_struct_conn.ptnr1_label_seq_id 
_struct_conn.ptnr1_label_atom_id 
_struct_conn.pdbx_ptnr1_label_alt_id 
_struct_conn.pdbx_ptnr1_PDB_ins_code 
_struct_conn.pdbx_ptnr1_standard_comp_id 
_struct_conn.ptnr1_symmetry 
_struct_conn.ptnr2_label_asym_id 
_struct_conn.ptnr2_label_comp_id 
_struct_conn.ptnr2_label_seq_id 
_struct_conn.ptnr2_label_atom_id 
_struct_conn.pdbx_ptnr2_label_alt_id 
_struct_conn.pdbx_ptnr2_PDB_ins_code 
_struct_conn.ptnr1_auth_asym_id 
_struct_conn.ptnr1_auth_comp_id 
_struct_conn.ptnr1_auth_seq_id 
_struct_conn.ptnr2_auth_asym_id 
_struct_conn.ptnr2_auth_comp_id 
_struct_conn.ptnr2_auth_seq_id 
_struct_conn.ptnr2_symmetry 
_struct_conn.pdbx_ptnr3_label_atom_id 
_struct_conn.pdbx_ptnr3_label_seq_id 
_struct_conn.pdbx_ptnr3_label_comp_id 
_struct_conn.pdbx_ptnr3_label_asym_id 
_struct_conn.pdbx_ptnr3_label_alt_id 
_struct_conn.pdbx_ptnr3_PDB_ins_code 
_struct_conn.details 
_struct_conn.pdbx_dist_value 
_struct_conn.pdbx_value_order 
_struct_conn.pdbx_role 
hydrog1  hydrog ? ? A G 1  N1 ? ? ? 1_555 B C 10 N3 ? ? A G 1  B C 10 1_555 ? ? ? ? ? ? WATSON-CRICK  ? ? ? 
hydrog2  hydrog ? ? A G 1  N2 ? ? ? 1_555 B C 10 O2 ? ? A G 1  B C 10 1_555 ? ? ? ? ? ? WATSON-CRICK  ? ? ? 
hydrog3  hydrog ? ? A G 1  O6 ? ? ? 1_555 B C 10 N4 ? ? A G 1  B C 10 1_555 ? ? ? ? ? ? WATSON-CRICK  ? ? ? 
hydrog4  hydrog ? ? A G 2  N1 ? ? ? 1_555 B C 9  N3 ? ? A G 2  B C 9  1_555 ? ? ? ? ? ? WATSON-CRICK  ? ? ? 
hydrog5  hydrog ? ? A G 2  N2 ? ? ? 1_555 B C 9  O2 ? ? A G 2  B C 9  1_555 ? ? ? ? ? ? WATSON-CRICK  ? ? ? 
hydrog6  hydrog ? ? A G 2  O6 ? ? ? 1_555 B C 9  N4 ? ? A G 2  B C 9  1_555 ? ? ? ? ? ? WATSON-CRICK  ? ? ? 
hydrog7  hydrog ? ? A U 3  N3 ? ? ? 1_555 B G 8  O6 ? ? A U 3  B G 8  1_555 ? ? ? ? ? ? TYPE_28_PAIR  ? ? ? 
hydrog8  hydrog ? ? A U 3  O2 ? ? ? 1_555 B G 8  N1 ? ? A U 3  B G 8  1_555 ? ? ? ? ? ? TYPE_28_PAIR  ? ? ? 
hydrog9  hydrog ? ? A C 4  O2 ? ? ? 1_555 B A 7  N6 ? ? A C 4  B A 7  1_555 ? ? ? ? ? ? 'C-A MISPAIR' ? ? ? 
hydrog10 hydrog ? ? A A 5  N6 ? ? ? 1_555 B C 6  N3 ? ? A A 5  B C 6  1_555 ? ? ? ? ? ? TYPE_25_PAIR  ? ? ? 
hydrog11 hydrog ? ? A A 5  N7 ? ? ? 1_555 B C 6  N4 ? ? A A 5  B C 6  1_555 ? ? ? ? ? ? TYPE_25_PAIR  ? ? ? 
hydrog12 hydrog ? ? A C 6  N3 ? ? ? 1_555 B A 5  N6 ? ? A C 6  B A 5  1_555 ? ? ? ? ? ? TYPE_25_PAIR  ? ? ? 
hydrog13 hydrog ? ? A C 6  N4 ? ? ? 1_555 B A 5  N7 ? ? A C 6  B A 5  1_555 ? ? ? ? ? ? TYPE_25_PAIR  ? ? ? 
hydrog14 hydrog ? ? A A 7  N6 ? ? ? 1_555 B C 4  O2 ? ? A A 7  B C 4  1_555 ? ? ? ? ? ? 'A-C MISPAIR' ? ? ? 
hydrog15 hydrog ? ? A G 8  N1 ? ? ? 1_555 B U 3  O2 ? ? A G 8  B U 3  1_555 ? ? ? ? ? ? TYPE_28_PAIR  ? ? ? 
hydrog16 hydrog ? ? A G 8  O6 ? ? ? 1_555 B U 3  N3 ? ? A G 8  B U 3  1_555 ? ? ? ? ? ? TYPE_28_PAIR  ? ? ? 
hydrog17 hydrog ? ? A C 9  N3 ? ? ? 1_555 B G 2  N1 ? ? A C 9  B G 2  1_555 ? ? ? ? ? ? WATSON-CRICK  ? ? ? 
hydrog18 hydrog ? ? A C 9  N4 ? ? ? 1_555 B G 2  O6 ? ? A C 9  B G 2  1_555 ? ? ? ? ? ? WATSON-CRICK  ? ? ? 
hydrog19 hydrog ? ? A C 9  O2 ? ? ? 1_555 B G 2  N2 ? ? A C 9  B G 2  1_555 ? ? ? ? ? ? WATSON-CRICK  ? ? ? 
hydrog20 hydrog ? ? A C 10 N3 ? ? ? 1_555 B G 1  N1 ? ? A C 10 B G 1  1_555 ? ? ? ? ? ? WATSON-CRICK  ? ? ? 
hydrog21 hydrog ? ? A C 10 N4 ? ? ? 1_555 B G 1  O6 ? ? A C 10 B G 1  1_555 ? ? ? ? ? ? WATSON-CRICK  ? ? ? 
hydrog22 hydrog ? ? A C 10 O2 ? ? ? 1_555 B G 1  N2 ? ? A C 10 B G 1  1_555 ? ? ? ? ? ? WATSON-CRICK  ? ? ? 
# 
_struct_conn_type.id          hydrog 
_struct_conn_type.criteria    ? 
_struct_conn_type.reference   ? 
# 
_pdbx_validate_rmsd_bond.id                        1 
_pdbx_validate_rmsd_bond.PDB_model_num             1 
_pdbx_validate_rmsd_bond.auth_atom_id_1            N7 
_pdbx_validate_rmsd_bond.auth_asym_id_1            B 
_pdbx_validate_rmsd_bond.auth_comp_id_1            G 
_pdbx_validate_rmsd_bond.auth_seq_id_1             2 
_pdbx_validate_rmsd_bond.PDB_ins_code_1            ? 
_pdbx_validate_rmsd_bond.label_alt_id_1            ? 
_pdbx_validate_rmsd_bond.auth_atom_id_2            C8 
_pdbx_validate_rmsd_bond.auth_asym_id_2            B 
_pdbx_validate_rmsd_bond.auth_comp_id_2            G 
_pdbx_validate_rmsd_bond.auth_seq_id_2             2 
_pdbx_validate_rmsd_bond.PDB_ins_code_2            ? 
_pdbx_validate_rmsd_bond.label_alt_id_2            ? 
_pdbx_validate_rmsd_bond.bond_value                1.342 
_pdbx_validate_rmsd_bond.bond_target_value         1.305 
_pdbx_validate_rmsd_bond.bond_deviation            0.037 
_pdbx_validate_rmsd_bond.bond_standard_deviation   0.006 
_pdbx_validate_rmsd_bond.linker_flag               N 
# 
loop_
_pdbx_validate_rmsd_angle.id 
_pdbx_validate_rmsd_angle.PDB_model_num 
_pdbx_validate_rmsd_angle.auth_atom_id_1 
_pdbx_validate_rmsd_angle.auth_asym_id_1 
_pdbx_validate_rmsd_angle.auth_comp_id_1 
_pdbx_validate_rmsd_angle.auth_seq_id_1 
_pdbx_validate_rmsd_angle.PDB_ins_code_1 
_pdbx_validate_rmsd_angle.label_alt_id_1 
_pdbx_validate_rmsd_angle.auth_atom_id_2 
_pdbx_validate_rmsd_angle.auth_asym_id_2 
_pdbx_validate_rmsd_angle.auth_comp_id_2 
_pdbx_validate_rmsd_angle.auth_seq_id_2 
_pdbx_validate_rmsd_angle.PDB_ins_code_2 
_pdbx_validate_rmsd_angle.label_alt_id_2 
_pdbx_validate_rmsd_angle.auth_atom_id_3 
_pdbx_validate_rmsd_angle.auth_asym_id_3 
_pdbx_validate_rmsd_angle.auth_comp_id_3 
_pdbx_validate_rmsd_angle.auth_seq_id_3 
_pdbx_validate_rmsd_angle.PDB_ins_code_3 
_pdbx_validate_rmsd_angle.label_alt_id_3 
_pdbx_validate_rmsd_angle.angle_value 
_pdbx_validate_rmsd_angle.angle_target_value 
_pdbx_validate_rmsd_angle.angle_deviation 
_pdbx_validate_rmsd_angle.angle_standard_deviation 
_pdbx_validate_rmsd_angle.linker_flag 
1 1 C6    A C 4  ? ? N1    A C 4  ? ? C2 A C 4  ? ? 117.84 120.30 -2.46 0.40 N 
2 1 "O4'" A A 5  ? ? "C1'" A A 5  ? ? N9 A A 5  ? ? 113.83 108.50 5.33  0.70 N 
3 1 C2    A G 8  ? ? N3    A G 8  ? ? C4 A G 8  ? ? 115.71 111.90 3.81  0.50 N 
4 1 N3    A G 8  ? ? C4    A G 8  ? ? C5 A G 8  ? ? 124.71 128.60 -3.89 0.50 N 
5 1 C6    A C 10 ? ? N1    A C 10 ? ? C2 A C 10 ? ? 117.15 120.30 -3.15 0.40 N 
6 1 C2    B G 8  ? ? N3    B G 8  ? ? C4 B G 8  ? ? 115.56 111.90 3.66  0.50 N 
7 1 N3    B G 8  ? ? C4    B G 8  ? ? C5 B G 8  ? ? 125.08 128.60 -3.52 0.50 N 
# 
loop_
_chem_comp_atom.comp_id 
_chem_comp_atom.atom_id 
_chem_comp_atom.type_symbol 
_chem_comp_atom.pdbx_aromatic_flag 
_chem_comp_atom.pdbx_stereo_config 
_chem_comp_atom.pdbx_ordinal 
A   OP3    O N N 1   
A   P      P N N 2   
A   OP1    O N N 3   
A   OP2    O N N 4   
A   "O5'"  O N N 5   
A   "C5'"  C N N 6   
A   "C4'"  C N R 7   
A   "O4'"  O N N 8   
A   "C3'"  C N S 9   
A   "O3'"  O N N 10  
A   "C2'"  C N R 11  
A   "O2'"  O N N 12  
A   "C1'"  C N R 13  
A   N9     N Y N 14  
A   C8     C Y N 15  
A   N7     N Y N 16  
A   C5     C Y N 17  
A   C6     C Y N 18  
A   N6     N N N 19  
A   N1     N Y N 20  
A   C2     C Y N 21  
A   N3     N Y N 22  
A   C4     C Y N 23  
A   HOP3   H N N 24  
A   HOP2   H N N 25  
A   "H5'"  H N N 26  
A   "H5''" H N N 27  
A   "H4'"  H N N 28  
A   "H3'"  H N N 29  
A   "HO3'" H N N 30  
A   "H2'"  H N N 31  
A   "HO2'" H N N 32  
A   "H1'"  H N N 33  
A   H8     H N N 34  
A   H61    H N N 35  
A   H62    H N N 36  
A   H2     H N N 37  
C   OP3    O N N 38  
C   P      P N N 39  
C   OP1    O N N 40  
C   OP2    O N N 41  
C   "O5'"  O N N 42  
C   "C5'"  C N N 43  
C   "C4'"  C N R 44  
C   "O4'"  O N N 45  
C   "C3'"  C N S 46  
C   "O3'"  O N N 47  
C   "C2'"  C N R 48  
C   "O2'"  O N N 49  
C   "C1'"  C N R 50  
C   N1     N N N 51  
C   C2     C N N 52  
C   O2     O N N 53  
C   N3     N N N 54  
C   C4     C N N 55  
C   N4     N N N 56  
C   C5     C N N 57  
C   C6     C N N 58  
C   HOP3   H N N 59  
C   HOP2   H N N 60  
C   "H5'"  H N N 61  
C   "H5''" H N N 62  
C   "H4'"  H N N 63  
C   "H3'"  H N N 64  
C   "HO3'" H N N 65  
C   "H2'"  H N N 66  
C   "HO2'" H N N 67  
C   "H1'"  H N N 68  
C   H41    H N N 69  
C   H42    H N N 70  
C   H5     H N N 71  
C   H6     H N N 72  
G   OP3    O N N 73  
G   P      P N N 74  
G   OP1    O N N 75  
G   OP2    O N N 76  
G   "O5'"  O N N 77  
G   "C5'"  C N N 78  
G   "C4'"  C N R 79  
G   "O4'"  O N N 80  
G   "C3'"  C N S 81  
G   "O3'"  O N N 82  
G   "C2'"  C N R 83  
G   "O2'"  O N N 84  
G   "C1'"  C N R 85  
G   N9     N Y N 86  
G   C8     C Y N 87  
G   N7     N Y N 88  
G   C5     C Y N 89  
G   C6     C N N 90  
G   O6     O N N 91  
G   N1     N N N 92  
G   C2     C N N 93  
G   N2     N N N 94  
G   N3     N N N 95  
G   C4     C Y N 96  
G   HOP3   H N N 97  
G   HOP2   H N N 98  
G   "H5'"  H N N 99  
G   "H5''" H N N 100 
G   "H4'"  H N N 101 
G   "H3'"  H N N 102 
G   "HO3'" H N N 103 
G   "H2'"  H N N 104 
G   "HO2'" H N N 105 
G   "H1'"  H N N 106 
G   H8     H N N 107 
G   H1     H N N 108 
G   H21    H N N 109 
G   H22    H N N 110 
HOH O      O N N 111 
HOH H1     H N N 112 
HOH H2     H N N 113 
U   OP3    O N N 114 
U   P      P N N 115 
U   OP1    O N N 116 
U   OP2    O N N 117 
U   "O5'"  O N N 118 
U   "C5'"  C N N 119 
U   "C4'"  C N R 120 
U   "O4'"  O N N 121 
U   "C3'"  C N S 122 
U   "O3'"  O N N 123 
U   "C2'"  C N R 124 
U   "O2'"  O N N 125 
U   "C1'"  C N R 126 
U   N1     N N N 127 
U   C2     C N N 128 
U   O2     O N N 129 
U   N3     N N N 130 
U   C4     C N N 131 
U   O4     O N N 132 
U   C5     C N N 133 
U   C6     C N N 134 
U   HOP3   H N N 135 
U   HOP2   H N N 136 
U   "H5'"  H N N 137 
U   "H5''" H N N 138 
U   "H4'"  H N N 139 
U   "H3'"  H N N 140 
U   "HO3'" H N N 141 
U   "H2'"  H N N 142 
U   "HO2'" H N N 143 
U   "H1'"  H N N 144 
U   H3     H N N 145 
U   H5     H N N 146 
U   H6     H N N 147 
# 
loop_
_chem_comp_bond.comp_id 
_chem_comp_bond.atom_id_1 
_chem_comp_bond.atom_id_2 
_chem_comp_bond.value_order 
_chem_comp_bond.pdbx_aromatic_flag 
_chem_comp_bond.pdbx_stereo_config 
_chem_comp_bond.pdbx_ordinal 
A   OP3   P      sing N N 1   
A   OP3   HOP3   sing N N 2   
A   P     OP1    doub N N 3   
A   P     OP2    sing N N 4   
A   P     "O5'"  sing N N 5   
A   OP2   HOP2   sing N N 6   
A   "O5'" "C5'"  sing N N 7   
A   "C5'" "C4'"  sing N N 8   
A   "C5'" "H5'"  sing N N 9   
A   "C5'" "H5''" sing N N 10  
A   "C4'" "O4'"  sing N N 11  
A   "C4'" "C3'"  sing N N 12  
A   "C4'" "H4'"  sing N N 13  
A   "O4'" "C1'"  sing N N 14  
A   "C3'" "O3'"  sing N N 15  
A   "C3'" "C2'"  sing N N 16  
A   "C3'" "H3'"  sing N N 17  
A   "O3'" "HO3'" sing N N 18  
A   "C2'" "O2'"  sing N N 19  
A   "C2'" "C1'"  sing N N 20  
A   "C2'" "H2'"  sing N N 21  
A   "O2'" "HO2'" sing N N 22  
A   "C1'" N9     sing N N 23  
A   "C1'" "H1'"  sing N N 24  
A   N9    C8     sing Y N 25  
A   N9    C4     sing Y N 26  
A   C8    N7     doub Y N 27  
A   C8    H8     sing N N 28  
A   N7    C5     sing Y N 29  
A   C5    C6     sing Y N 30  
A   C5    C4     doub Y N 31  
A   C6    N6     sing N N 32  
A   C6    N1     doub Y N 33  
A   N6    H61    sing N N 34  
A   N6    H62    sing N N 35  
A   N1    C2     sing Y N 36  
A   C2    N3     doub Y N 37  
A   C2    H2     sing N N 38  
A   N3    C4     sing Y N 39  
C   OP3   P      sing N N 40  
C   OP3   HOP3   sing N N 41  
C   P     OP1    doub N N 42  
C   P     OP2    sing N N 43  
C   P     "O5'"  sing N N 44  
C   OP2   HOP2   sing N N 45  
C   "O5'" "C5'"  sing N N 46  
C   "C5'" "C4'"  sing N N 47  
C   "C5'" "H5'"  sing N N 48  
C   "C5'" "H5''" sing N N 49  
C   "C4'" "O4'"  sing N N 50  
C   "C4'" "C3'"  sing N N 51  
C   "C4'" "H4'"  sing N N 52  
C   "O4'" "C1'"  sing N N 53  
C   "C3'" "O3'"  sing N N 54  
C   "C3'" "C2'"  sing N N 55  
C   "C3'" "H3'"  sing N N 56  
C   "O3'" "HO3'" sing N N 57  
C   "C2'" "O2'"  sing N N 58  
C   "C2'" "C1'"  sing N N 59  
C   "C2'" "H2'"  sing N N 60  
C   "O2'" "HO2'" sing N N 61  
C   "C1'" N1     sing N N 62  
C   "C1'" "H1'"  sing N N 63  
C   N1    C2     sing N N 64  
C   N1    C6     sing N N 65  
C   C2    O2     doub N N 66  
C   C2    N3     sing N N 67  
C   N3    C4     doub N N 68  
C   C4    N4     sing N N 69  
C   C4    C5     sing N N 70  
C   N4    H41    sing N N 71  
C   N4    H42    sing N N 72  
C   C5    C6     doub N N 73  
C   C5    H5     sing N N 74  
C   C6    H6     sing N N 75  
G   OP3   P      sing N N 76  
G   OP3   HOP3   sing N N 77  
G   P     OP1    doub N N 78  
G   P     OP2    sing N N 79  
G   P     "O5'"  sing N N 80  
G   OP2   HOP2   sing N N 81  
G   "O5'" "C5'"  sing N N 82  
G   "C5'" "C4'"  sing N N 83  
G   "C5'" "H5'"  sing N N 84  
G   "C5'" "H5''" sing N N 85  
G   "C4'" "O4'"  sing N N 86  
G   "C4'" "C3'"  sing N N 87  
G   "C4'" "H4'"  sing N N 88  
G   "O4'" "C1'"  sing N N 89  
G   "C3'" "O3'"  sing N N 90  
G   "C3'" "C2'"  sing N N 91  
G   "C3'" "H3'"  sing N N 92  
G   "O3'" "HO3'" sing N N 93  
G   "C2'" "O2'"  sing N N 94  
G   "C2'" "C1'"  sing N N 95  
G   "C2'" "H2'"  sing N N 96  
G   "O2'" "HO2'" sing N N 97  
G   "C1'" N9     sing N N 98  
G   "C1'" "H1'"  sing N N 99  
G   N9    C8     sing Y N 100 
G   N9    C4     sing Y N 101 
G   C8    N7     doub Y N 102 
G   C8    H8     sing N N 103 
G   N7    C5     sing Y N 104 
G   C5    C6     sing N N 105 
G   C5    C4     doub Y N 106 
G   C6    O6     doub N N 107 
G   C6    N1     sing N N 108 
G   N1    C2     sing N N 109 
G   N1    H1     sing N N 110 
G   C2    N2     sing N N 111 
G   C2    N3     doub N N 112 
G   N2    H21    sing N N 113 
G   N2    H22    sing N N 114 
G   N3    C4     sing N N 115 
HOH O     H1     sing N N 116 
HOH O     H2     sing N N 117 
U   OP3   P      sing N N 118 
U   OP3   HOP3   sing N N 119 
U   P     OP1    doub N N 120 
U   P     OP2    sing N N 121 
U   P     "O5'"  sing N N 122 
U   OP2   HOP2   sing N N 123 
U   "O5'" "C5'"  sing N N 124 
U   "C5'" "C4'"  sing N N 125 
U   "C5'" "H5'"  sing N N 126 
U   "C5'" "H5''" sing N N 127 
U   "C4'" "O4'"  sing N N 128 
U   "C4'" "C3'"  sing N N 129 
U   "C4'" "H4'"  sing N N 130 
U   "O4'" "C1'"  sing N N 131 
U   "C3'" "O3'"  sing N N 132 
U   "C3'" "C2'"  sing N N 133 
U   "C3'" "H3'"  sing N N 134 
U   "O3'" "HO3'" sing N N 135 
U   "C2'" "O2'"  sing N N 136 
U   "C2'" "C1'"  sing N N 137 
U   "C2'" "H2'"  sing N N 138 
U   "O2'" "HO2'" sing N N 139 
U   "C1'" N1     sing N N 140 
U   "C1'" "H1'"  sing N N 141 
U   N1    C2     sing N N 142 
U   N1    C6     sing N N 143 
U   C2    O2     doub N N 144 
U   C2    N3     sing N N 145 
U   N3    C4     sing N N 146 
U   N3    H3     sing N N 147 
U   C4    O4     doub N N 148 
U   C4    C5     sing N N 149 
U   C5    C6     doub N N 150 
U   C5    H5     sing N N 151 
U   C6    H6     sing N N 152 
# 
loop_
_ndb_struct_conf_na.entry_id 
_ndb_struct_conf_na.feature 
1KD5 'double helix'         
1KD5 'a-form double helix'  
1KD5 'mismatched base pair' 
# 
loop_
_ndb_struct_na_base_pair.model_number 
_ndb_struct_na_base_pair.i_label_asym_id 
_ndb_struct_na_base_pair.i_label_comp_id 
_ndb_struct_na_base_pair.i_label_seq_id 
_ndb_struct_na_base_pair.i_symmetry 
_ndb_struct_na_base_pair.j_label_asym_id 
_ndb_struct_na_base_pair.j_label_comp_id 
_ndb_struct_na_base_pair.j_label_seq_id 
_ndb_struct_na_base_pair.j_symmetry 
_ndb_struct_na_base_pair.shear 
_ndb_struct_na_base_pair.stretch 
_ndb_struct_na_base_pair.stagger 
_ndb_struct_na_base_pair.buckle 
_ndb_struct_na_base_pair.propeller 
_ndb_struct_na_base_pair.opening 
_ndb_struct_na_base_pair.pair_number 
_ndb_struct_na_base_pair.pair_name 
_ndb_struct_na_base_pair.i_auth_asym_id 
_ndb_struct_na_base_pair.i_auth_seq_id 
_ndb_struct_na_base_pair.i_PDB_ins_code 
_ndb_struct_na_base_pair.j_auth_asym_id 
_ndb_struct_na_base_pair.j_auth_seq_id 
_ndb_struct_na_base_pair.j_PDB_ins_code 
_ndb_struct_na_base_pair.hbond_type_28 
_ndb_struct_na_base_pair.hbond_type_12 
1 A G 1  1_555 B C 10 1_555 -0.202 0.050  -0.348 -9.606  -7.684  0.061   1  A_G1:C10_B A 1  ? B 10 ? 19 1 
1 A G 2  1_555 B C 9  1_555 -0.243 -0.001 -0.259 -12.963 -11.629 -0.210  2  A_G2:C9_B  A 2  ? B 9  ? 19 1 
1 A U 3  1_555 B G 8  1_555 2.396  -0.484 0.137  -9.446  -3.829  -4.030  3  A_U3:G8_B  A 3  ? B 8  ? 28 ? 
1 A C 4  1_555 B A 7  1_555 7.095  -4.159 0.444  -9.748  7.287   -9.293  4  A_C4:A7_B  A 4  ? B 7  ? ?  6 
1 A A 5  1_555 B C 6  1_555 -3.187 0.056  -0.185 -2.824  -11.622 -97.780 5  A_A5:C6_B  A 5  ? B 6  ? 25 4 
1 A C 6  1_555 B A 5  1_555 3.103  0.024  -0.089 3.771   -9.922  -96.196 6  A_C6:A5_B  A 6  ? B 5  ? 25 4 
1 A A 7  1_555 B C 4  1_555 -7.126 -4.218 0.455  10.141  8.747   -9.472  7  A_A7:C4_B  A 7  ? B 4  ? ?  6 
1 A G 8  1_555 B U 3  1_555 -2.377 -0.485 0.081  8.327   -2.648  -3.801  8  A_G8:U3_B  A 8  ? B 3  ? 28 ? 
1 A C 9  1_555 B G 2  1_555 0.239  0.052  -0.248 13.895  -12.247 -0.129  9  A_C9:G2_B  A 9  ? B 2  ? 19 1 
1 A C 10 1_555 B G 1  1_555 0.197  0.025  -0.280 8.637   -5.644  -0.064  10 A_C10:G1_B A 10 ? B 1  ? 19 1 
# 
loop_
_ndb_struct_na_base_pair_step.model_number 
_ndb_struct_na_base_pair_step.i_label_asym_id_1 
_ndb_struct_na_base_pair_step.i_label_comp_id_1 
_ndb_struct_na_base_pair_step.i_label_seq_id_1 
_ndb_struct_na_base_pair_step.i_symmetry_1 
_ndb_struct_na_base_pair_step.j_label_asym_id_1 
_ndb_struct_na_base_pair_step.j_label_comp_id_1 
_ndb_struct_na_base_pair_step.j_label_seq_id_1 
_ndb_struct_na_base_pair_step.j_symmetry_1 
_ndb_struct_na_base_pair_step.i_label_asym_id_2 
_ndb_struct_na_base_pair_step.i_label_comp_id_2 
_ndb_struct_na_base_pair_step.i_label_seq_id_2 
_ndb_struct_na_base_pair_step.i_symmetry_2 
_ndb_struct_na_base_pair_step.j_label_asym_id_2 
_ndb_struct_na_base_pair_step.j_label_comp_id_2 
_ndb_struct_na_base_pair_step.j_label_seq_id_2 
_ndb_struct_na_base_pair_step.j_symmetry_2 
_ndb_struct_na_base_pair_step.shift 
_ndb_struct_na_base_pair_step.slide 
_ndb_struct_na_base_pair_step.rise 
_ndb_struct_na_base_pair_step.tilt 
_ndb_struct_na_base_pair_step.roll 
_ndb_struct_na_base_pair_step.twist 
_ndb_struct_na_base_pair_step.x_displacement 
_ndb_struct_na_base_pair_step.y_displacement 
_ndb_struct_na_base_pair_step.helical_rise 
_ndb_struct_na_base_pair_step.inclination 
_ndb_struct_na_base_pair_step.tip 
_ndb_struct_na_base_pair_step.helical_twist 
_ndb_struct_na_base_pair_step.step_number 
_ndb_struct_na_base_pair_step.step_name 
_ndb_struct_na_base_pair_step.i_auth_asym_id_1 
_ndb_struct_na_base_pair_step.i_auth_seq_id_1 
_ndb_struct_na_base_pair_step.i_PDB_ins_code_1 
_ndb_struct_na_base_pair_step.j_auth_asym_id_1 
_ndb_struct_na_base_pair_step.j_auth_seq_id_1 
_ndb_struct_na_base_pair_step.j_PDB_ins_code_1 
_ndb_struct_na_base_pair_step.i_auth_asym_id_2 
_ndb_struct_na_base_pair_step.i_auth_seq_id_2 
_ndb_struct_na_base_pair_step.i_PDB_ins_code_2 
_ndb_struct_na_base_pair_step.j_auth_asym_id_2 
_ndb_struct_na_base_pair_step.j_auth_seq_id_2 
_ndb_struct_na_base_pair_step.j_PDB_ins_code_2 
1 A G 1 1_555 B C 10 1_555 A G 2  1_555 B C 9 1_555 0.040  -2.034 3.495 1.262  5.169  30.994  -4.740 0.167   3.122 9.585  -2.340  
31.436  1 AA_G1G2:C9C10_BB A 1 ? B 10 ? A 2  ? B 9 ? 
1 A G 2 1_555 B C 9  1_555 A U 3  1_555 B G 8 1_555 0.087  -1.313 3.246 -0.248 4.146  41.901  -2.245 -0.146  3.107 5.780  0.346   
42.097  2 AA_G2U3:G8C9_BB  A 2 ? B 9  ? A 3  ? B 8 ? 
1 A U 3 1_555 B G 8  1_555 A C 4  1_555 B A 7 1_555 0.345  -1.227 3.456 7.304  6.592  57.617  -1.618 0.047   3.327 6.785  -7.518  
58.380  3 AA_U3C4:A7G8_BB  A 3 ? B 8  ? A 4  ? B 7 ? 
1 A C 4 1_555 B A 7  1_555 A A 5  1_555 B C 6 1_555 -5.470 -1.011 2.983 3.231  -1.642 -11.601 7.100  -21.266 4.161 7.873  15.498  
-12.152 4 AA_C4A5:C6A7_BB  A 4 ? B 7  ? A 5  ? B 6 ? 
1 A A 5 1_555 B C 6  1_555 A C 6  1_555 B A 5 1_555 0.001  -3.751 3.228 -0.297 -4.249 66.128  -3.258 -0.013  3.436 -3.890 0.272   
66.250  5 AA_A5C6:A5C6_BB  A 5 ? B 6  ? A 6  ? B 5 ? 
1 A C 6 1_555 B A 5  1_555 A A 7  1_555 B C 4 1_555 5.442  -1.008 2.978 -3.171 -2.500 -11.432 8.279  21.325  4.021 12.067 -15.305 
-12.121 6 AA_C6A7:C4A5_BB  A 6 ? B 5  ? A 7  ? B 4 ? 
1 A A 7 1_555 B C 4  1_555 A G 8  1_555 B U 3 1_555 -0.354 -1.208 3.474 -7.299 6.903  58.470  -1.590 -0.031  3.344 7.010  7.412   
59.252  7 AA_A7G8:U3C4_BB  A 7 ? B 4  ? A 8  ? B 3 ? 
1 A G 8 1_555 B U 3  1_555 A C 9  1_555 B G 2 1_555 -0.086 -1.322 3.207 -0.048 3.876  41.185  -2.271 0.117   3.076 5.495  0.068   
41.359  8 AA_G8C9:G2U3_BB  A 8 ? B 3  ? A 9  ? B 2 ? 
1 A C 9 1_555 B G 2  1_555 A C 10 1_555 B G 1 1_555 -0.053 -2.070 3.539 -1.719 5.351  31.265  -4.794 -0.228  3.148 9.829  3.157   
31.753  9 AA_C9C10:G1G2_BB A 9 ? B 2  ? A 10 ? B 1 ? 
# 
_atom_sites.entry_id                    1KD5 
_atom_sites.fract_transf_matrix[1][1]   0.01491351 
_atom_sites.fract_transf_matrix[1][2]   0.00019513 
_atom_sites.fract_transf_matrix[1][3]   -0.01621599 
_atom_sites.fract_transf_matrix[2][1]   -0.01528981 
_atom_sites.fract_transf_matrix[2][2]   -0.00717380 
_atom_sites.fract_transf_matrix[2][3]   -0.01414805 
_atom_sites.fract_transf_matrix[3][1]   -0.00476404 
_atom_sites.fract_transf_matrix[3][2]   0.01835901 
_atom_sites.fract_transf_matrix[3][3]   -0.00416048 
_atom_sites.fract_transf_vector[1]      -0.328122 
_atom_sites.fract_transf_vector[2]      0.169928 
_atom_sites.fract_transf_vector[3]      0.549815 
# 
loop_
_atom_type.symbol 
C 
N 
O 
P 
# 
loop_
_atom_site.group_PDB 
_atom_site.id 
_atom_site.type_symbol 
_atom_site.label_atom_id 
_atom_site.label_alt_id 
_atom_site.label_comp_id 
_atom_site.label_asym_id 
_atom_site.label_entity_id 
_atom_site.label_seq_id 
_atom_site.pdbx_PDB_ins_code 
_atom_site.Cartn_x 
_atom_site.Cartn_y 
_atom_site.Cartn_z 
_atom_site.occupancy 
_atom_site.B_iso_or_equiv 
_atom_site.pdbx_formal_charge 
_atom_site.auth_seq_id 
_atom_site.auth_comp_id 
_atom_site.auth_asym_id 
_atom_site.auth_atom_id 
_atom_site.pdbx_PDB_model_num 
ATOM   1   O "O5'" . G   A 1 1  ? -11.417 11.938  3.324   1.00 34.36 ? 1   G   A "O5'" 1 
ATOM   2   C "C5'" . G   A 1 1  ? -11.838 12.346  4.641   1.00 30.70 ? 1   G   A "C5'" 1 
ATOM   3   C "C4'" . G   A 1 1  ? -12.771 11.282  5.164   1.00 29.64 ? 1   G   A "C4'" 1 
ATOM   4   O "O4'" . G   A 1 1  ? -13.941 11.140  4.294   1.00 27.31 ? 1   G   A "O4'" 1 
ATOM   5   C "C3'" . G   A 1 1  ? -12.156 9.876   5.232   1.00 27.73 ? 1   G   A "C3'" 1 
ATOM   6   O "O3'" . G   A 1 1  ? -11.326 9.763   6.414   1.00 29.93 ? 1   G   A "O3'" 1 
ATOM   7   C "C2'" . G   A 1 1  ? -13.477 9.105   5.383   1.00 25.29 ? 1   G   A "C2'" 1 
ATOM   8   O "O2'" . G   A 1 1  ? -14.038 9.307   6.685   1.00 26.17 ? 1   G   A "O2'" 1 
ATOM   9   C "C1'" . G   A 1 1  ? -14.354 9.774   4.279   1.00 23.84 ? 1   G   A "C1'" 1 
ATOM   10  N N9    . G   A 1 1  ? -14.073 9.152   2.988   1.00 23.86 ? 1   G   A N9    1 
ATOM   11  C C8    . G   A 1 1  ? -13.400 9.686   1.909   1.00 23.50 ? 1   G   A C8    1 
ATOM   12  N N7    . G   A 1 1  ? -13.277 8.868   0.884   1.00 23.97 ? 1   G   A N7    1 
ATOM   13  C C5    . G   A 1 1  ? -13.895 7.692   1.312   1.00 22.74 ? 1   G   A C5    1 
ATOM   14  C C6    . G   A 1 1  ? -14.076 6.444   0.625   1.00 23.73 ? 1   G   A C6    1 
ATOM   15  O O6    . G   A 1 1  ? -13.690 6.134   -0.518  1.00 21.20 ? 1   G   A O6    1 
ATOM   16  N N1    . G   A 1 1  ? -14.752 5.506   1.404   1.00 20.80 ? 1   G   A N1    1 
ATOM   17  C C2    . G   A 1 1  ? -15.189 5.771   2.681   1.00 23.93 ? 1   G   A C2    1 
ATOM   18  N N2    . G   A 1 1  ? -15.830 4.758   3.294   1.00 21.87 ? 1   G   A N2    1 
ATOM   19  N N3    . G   A 1 1  ? -15.043 6.922   3.330   1.00 22.89 ? 1   G   A N3    1 
ATOM   20  C C4    . G   A 1 1  ? -14.390 7.852   2.596   1.00 24.58 ? 1   G   A C4    1 
ATOM   21  P P     . G   A 1 2  ? -10.149 8.663   6.451   1.00 29.63 ? 2   G   A P     1 
ATOM   22  O OP1   . G   A 1 2  ? -9.355  8.846   7.703   1.00 32.10 ? 2   G   A OP1   1 
ATOM   23  O OP2   . G   A 1 2  ? -9.461  8.682   5.141   1.00 28.67 ? 2   G   A OP2   1 
ATOM   24  O "O5'" . G   A 1 2  ? -10.905 7.279   6.623   1.00 27.32 ? 2   G   A "O5'" 1 
ATOM   25  C "C5'" . G   A 1 2  ? -11.753 6.938   7.735   1.00 26.13 ? 2   G   A "C5'" 1 
ATOM   26  C "C4'" . G   A 1 2  ? -12.310 5.540   7.580   1.00 26.81 ? 2   G   A "C4'" 1 
ATOM   27  O "O4'" . G   A 1 2  ? -13.146 5.546   6.375   1.00 27.35 ? 2   G   A "O4'" 1 
ATOM   28  C "C3'" . G   A 1 2  ? -11.291 4.415   7.308   1.00 26.65 ? 2   G   A "C3'" 1 
ATOM   29  O "O3'" . G   A 1 2  ? -10.746 3.925   8.546   1.00 27.37 ? 2   G   A "O3'" 1 
ATOM   30  C "C2'" . G   A 1 2  ? -12.236 3.379   6.681   1.00 26.70 ? 2   G   A "C2'" 1 
ATOM   31  O "O2'" . G   A 1 2  ? -13.096 2.828   7.674   1.00 26.52 ? 2   G   A "O2'" 1 
ATOM   32  C "C1'" . G   A 1 2  ? -13.048 4.279   5.727   1.00 26.42 ? 2   G   A "C1'" 1 
ATOM   33  N N9    . G   A 1 2  ? -12.451 4.441   4.401   1.00 23.87 ? 2   G   A N9    1 
ATOM   34  C C8    . G   A 1 2  ? -11.791 5.518   3.837   1.00 24.16 ? 2   G   A C8    1 
ATOM   35  N N7    . G   A 1 2  ? -11.368 5.312   2.582   1.00 25.88 ? 2   G   A N7    1 
ATOM   36  C C5    . G   A 1 2  ? -11.802 4.014   2.300   1.00 23.27 ? 2   G   A C5    1 
ATOM   37  C C6    . G   A 1 2  ? -11.641 3.238   1.134   1.00 21.03 ? 2   G   A C6    1 
ATOM   38  O O6    . G   A 1 2  ? -11.083 3.568   0.041   1.00 24.11 ? 2   G   A O6    1 
ATOM   39  N N1    . G   A 1 2  ? -12.214 1.968   1.260   1.00 21.31 ? 2   G   A N1    1 
ATOM   40  C C2    . G   A 1 2  ? -12.853 1.497   2.384   1.00 22.98 ? 2   G   A C2    1 
ATOM   41  N N2    . G   A 1 2  ? -13.342 0.238   2.354   1.00 23.46 ? 2   G   A N2    1 
ATOM   42  N N3    . G   A 1 2  ? -13.016 2.224   3.503   1.00 23.25 ? 2   G   A N3    1 
ATOM   43  C C4    . G   A 1 2  ? -12.458 3.460   3.399   1.00 23.97 ? 2   G   A C4    1 
ATOM   44  P P     . U   A 1 3  ? -9.184  3.393   8.575   1.00 29.18 ? 3   U   A P     1 
ATOM   45  O OP1   . U   A 1 3  ? -8.851  3.071   9.970   1.00 31.98 ? 3   U   A OP1   1 
ATOM   46  O OP2   . U   A 1 3  ? -8.341  4.343   7.799   1.00 27.72 ? 3   U   A OP2   1 
ATOM   47  O "O5'" . U   A 1 3  ? -9.294  2.031   7.724   1.00 28.39 ? 3   U   A "O5'" 1 
ATOM   48  C "C5'" . U   A 1 3  ? -10.061 0.902   8.185   1.00 26.53 ? 3   U   A "C5'" 1 
ATOM   49  C "C4'" . U   A 1 3  ? -10.192 -0.153  7.081   1.00 26.37 ? 3   U   A "C4'" 1 
ATOM   50  O "O4'" . U   A 1 3  ? -10.832 0.414   5.889   1.00 25.42 ? 3   U   A "O4'" 1 
ATOM   51  C "C3'" . U   A 1 3  ? -8.844  -0.673  6.559   1.00 24.49 ? 3   U   A "C3'" 1 
ATOM   52  O "O3'" . U   A 1 3  ? -8.333  -1.731  7.382   1.00 26.72 ? 3   U   A "O3'" 1 
ATOM   53  C "C2'" . U   A 1 3  ? -9.267  -1.209  5.188   1.00 22.89 ? 3   U   A "C2'" 1 
ATOM   54  O "O2'" . U   A 1 3  ? -9.916  -2.466  5.258   1.00 26.33 ? 3   U   A "O2'" 1 
ATOM   55  C "C1'" . U   A 1 3  ? -10.290 -0.163  4.715   1.00 23.11 ? 3   U   A "C1'" 1 
ATOM   56  N N1    . U   A 1 3  ? -9.663  0.863   3.872   1.00 23.91 ? 3   U   A N1    1 
ATOM   57  C C2    . U   A 1 3  ? -9.378  0.530   2.565   1.00 25.01 ? 3   U   A C2    1 
ATOM   58  O O2    . U   A 1 3  ? -9.616  -0.592  2.093   1.00 22.39 ? 3   U   A O2    1 
ATOM   59  N N3    . U   A 1 3  ? -8.813  1.537   1.795   1.00 22.73 ? 3   U   A N3    1 
ATOM   60  C C4    . U   A 1 3  ? -8.471  2.810   2.202   1.00 23.36 ? 3   U   A C4    1 
ATOM   61  O O4    . U   A 1 3  ? -7.938  3.557   1.357   1.00 26.34 ? 3   U   A O4    1 
ATOM   62  C C5    . U   A 1 3  ? -8.729  3.077   3.596   1.00 23.51 ? 3   U   A C5    1 
ATOM   63  C C6    . U   A 1 3  ? -9.335  2.134   4.354   1.00 23.36 ? 3   U   A C6    1 
ATOM   64  P P     . C   A 1 4  ? -6.752  -1.863  7.683   1.00 27.37 ? 4   C   A P     1 
ATOM   65  O OP1   . C   A 1 4  ? -6.612  -2.985  8.617   1.00 29.45 ? 4   C   A OP1   1 
ATOM   66  O OP2   . C   A 1 4  ? -6.202  -0.521  8.047   1.00 29.62 ? 4   C   A OP2   1 
ATOM   67  O "O5'" . C   A 1 4  ? -6.087  -2.204  6.255   1.00 26.40 ? 4   C   A "O5'" 1 
ATOM   68  C "C5'" . C   A 1 4  ? -6.380  -3.389  5.487   1.00 28.36 ? 4   C   A "C5'" 1 
ATOM   69  C "C4'" . C   A 1 4  ? -5.917  -3.290  4.045   1.00 25.28 ? 4   C   A "C4'" 1 
ATOM   70  O "O4'" . C   A 1 4  ? -6.655  -2.209  3.376   1.00 24.00 ? 4   C   A "O4'" 1 
ATOM   71  C "C3'" . C   A 1 4  ? -4.441  -2.939  3.811   1.00 24.21 ? 4   C   A "C3'" 1 
ATOM   72  O "O3'" . C   A 1 4  ? -3.654  -4.120  3.839   1.00 26.49 ? 4   C   A "O3'" 1 
ATOM   73  C "C2'" . C   A 1 4  ? -4.486  -2.340  2.400   1.00 24.10 ? 4   C   A "C2'" 1 
ATOM   74  O "O2'" . C   A 1 4  ? -4.620  -3.393  1.449   1.00 24.05 ? 4   C   A "O2'" 1 
ATOM   75  C "C1'" . C   A 1 4  ? -5.800  -1.536  2.464   1.00 23.25 ? 4   C   A "C1'" 1 
ATOM   76  N N1    . C   A 1 4  ? -5.613  -0.129  2.871   1.00 25.18 ? 4   C   A N1    1 
ATOM   77  C C2    . C   A 1 4  ? -5.200  0.809   1.914   1.00 25.56 ? 4   C   A C2    1 
ATOM   78  O O2    . C   A 1 4  ? -4.994  0.389   0.766   1.00 27.07 ? 4   C   A O2    1 
ATOM   79  N N3    . C   A 1 4  ? -5.033  2.126   2.193   1.00 25.76 ? 4   C   A N3    1 
ATOM   80  C C4    . C   A 1 4  ? -5.221  2.522   3.461   1.00 26.70 ? 4   C   A C4    1 
ATOM   81  N N4    . C   A 1 4  ? -5.006  3.840   3.734   1.00 28.22 ? 4   C   A N4    1 
ATOM   82  C C5    . C   A 1 4  ? -5.641  1.616   4.479   1.00 23.84 ? 4   C   A C5    1 
ATOM   83  C C6    . C   A 1 4  ? -5.822  0.317   4.163   1.00 24.82 ? 4   C   A C6    1 
ATOM   84  P P     . A   A 1 5  ? -2.061  -4.058  4.048   1.00 33.10 ? 5   A   A P     1 
ATOM   85  O OP1   . A   A 1 5  ? -1.550  -5.434  4.359   1.00 37.91 ? 5   A   A OP1   1 
ATOM   86  O OP2   . A   A 1 5  ? -1.727  -2.944  4.951   1.00 40.26 ? 5   A   A OP2   1 
ATOM   87  O "O5'" . A   A 1 5  ? -1.564  -3.753  2.543   1.00 32.54 ? 5   A   A "O5'" 1 
ATOM   88  C "C5'" . A   A 1 5  ? -0.716  -4.705  1.879   1.00 31.36 ? 5   A   A "C5'" 1 
ATOM   89  C "C4'" . A   A 1 5  ? -1.448  -5.911  1.347   1.00 30.84 ? 5   A   A "C4'" 1 
ATOM   90  O "O4'" . A   A 1 5  ? -2.642  -5.411  0.649   1.00 28.10 ? 5   A   A "O4'" 1 
ATOM   91  C "C3'" . A   A 1 5  ? -0.644  -6.662  0.266   1.00 31.48 ? 5   A   A "C3'" 1 
ATOM   92  O "O3'" . A   A 1 5  ? 0.124   -7.757  0.784   1.00 31.92 ? 5   A   A "O3'" 1 
ATOM   93  C "C2'" . A   A 1 5  ? -1.737  -7.089  -0.702  1.00 29.40 ? 5   A   A "C2'" 1 
ATOM   94  O "O2'" . A   A 1 5  ? -2.488  -8.200  -0.216  1.00 34.83 ? 5   A   A "O2'" 1 
ATOM   95  C "C1'" . A   A 1 5  ? -2.670  -5.875  -0.669  1.00 30.81 ? 5   A   A "C1'" 1 
ATOM   96  N N9    . A   A 1 5  ? -2.415  -4.842  -1.663  1.00 27.07 ? 5   A   A N9    1 
ATOM   97  C C8    . A   A 1 5  ? -2.129  -3.520  -1.400  1.00 24.47 ? 5   A   A C8    1 
ATOM   98  N N7    . A   A 1 5  ? -1.949  -2.808  -2.503  1.00 24.60 ? 5   A   A N7    1 
ATOM   99  C C5    . A   A 1 5  ? -2.151  -3.703  -3.551  1.00 23.96 ? 5   A   A C5    1 
ATOM   100 C C6    . A   A 1 5  ? -2.084  -3.511  -4.941  1.00 22.55 ? 5   A   A C6    1 
ATOM   101 N N6    . A   A 1 5  ? -1.813  -2.327  -5.539  1.00 21.36 ? 5   A   A N6    1 
ATOM   102 N N1    . A   A 1 5  ? -2.324  -4.579  -5.749  1.00 23.75 ? 5   A   A N1    1 
ATOM   103 C C2    . A   A 1 5  ? -2.596  -5.748  -5.129  1.00 24.82 ? 5   A   A C2    1 
ATOM   104 N N3    . A   A 1 5  ? -2.670  -6.041  -3.831  1.00 25.69 ? 5   A   A N3    1 
ATOM   105 C C4    . A   A 1 5  ? -2.437  -4.958  -3.053  1.00 25.96 ? 5   A   A C4    1 
ATOM   106 P P     . C   A 1 6  ? 1.721   -7.664  0.776   1.00 35.67 ? 6   C   A P     1 
ATOM   107 O OP1   . C   A 1 6  ? 2.332   -8.876  1.401   1.00 44.00 ? 6   C   A OP1   1 
ATOM   108 O OP2   . C   A 1 6  ? 2.219   -6.370  1.323   1.00 33.81 ? 6   C   A OP2   1 
ATOM   109 O "O5'" . C   A 1 6  ? 2.123   -7.686  -0.783  1.00 34.02 ? 6   C   A "O5'" 1 
ATOM   110 C "C5'" . C   A 1 6  ? 1.620   -8.663  -1.692  1.00 32.38 ? 6   C   A "C5'" 1 
ATOM   111 C "C4'" . C   A 1 6  ? 1.569   -8.128  -3.094  1.00 31.84 ? 6   C   A "C4'" 1 
ATOM   112 O "O4'" . C   A 1 6  ? 0.628   -7.033  -3.199  1.00 30.65 ? 6   C   A "O4'" 1 
ATOM   113 C "C3'" . C   A 1 6  ? 2.867   -7.615  -3.699  1.00 32.63 ? 6   C   A "C3'" 1 
ATOM   114 O "O3'" . C   A 1 6  ? 3.528   -8.747  -4.317  1.00 33.79 ? 6   C   A "O3'" 1 
ATOM   115 C "C2'" . C   A 1 6  ? 2.349   -6.713  -4.816  1.00 28.96 ? 6   C   A "C2'" 1 
ATOM   116 O "O2'" . C   A 1 6  ? 1.960   -7.563  -5.890  1.00 28.84 ? 6   C   A "O2'" 1 
ATOM   117 C "C1'" . C   A 1 6  ? 1.099   -6.104  -4.178  1.00 26.58 ? 6   C   A "C1'" 1 
ATOM   118 N N1    . C   A 1 6  ? 1.266   -4.804  -3.528  1.00 24.94 ? 6   C   A N1    1 
ATOM   119 C C2    . C   A 1 6  ? 1.311   -3.667  -4.345  1.00 25.41 ? 6   C   A C2    1 
ATOM   120 O O2    . C   A 1 6  ? 1.227   -3.821  -5.586  1.00 25.36 ? 6   C   A O2    1 
ATOM   121 N N3    . C   A 1 6  ? 1.485   -2.456  -3.781  1.00 25.61 ? 6   C   A N3    1 
ATOM   122 C C4    . C   A 1 6  ? 1.557   -2.343  -2.449  1.00 26.50 ? 6   C   A C4    1 
ATOM   123 N N4    . C   A 1 6  ? 1.651   -1.100  -1.939  1.00 25.89 ? 6   C   A N4    1 
ATOM   124 C C5    . C   A 1 6  ? 1.574   -3.494  -1.596  1.00 26.53 ? 6   C   A C5    1 
ATOM   125 C C6    . C   A 1 6  ? 1.375   -4.705  -2.162  1.00 23.00 ? 6   C   A C6    1 
ATOM   126 P P     . A   A 1 7  ? 5.105   -8.574  -4.546  1.00 36.56 ? 7   A   A P     1 
ATOM   127 O OP1   . A   A 1 7  ? 5.706   -9.867  -4.976  1.00 45.60 ? 7   A   A OP1   1 
ATOM   128 O OP2   . A   A 1 7  ? 5.773   -7.768  -3.479  1.00 42.13 ? 7   A   A OP2   1 
ATOM   129 O "O5'" . A   A 1 7  ? 5.132   -7.560  -5.822  1.00 36.93 ? 7   A   A "O5'" 1 
ATOM   130 C "C5'" . A   A 1 7  ? 5.967   -6.382  -5.678  1.00 33.89 ? 7   A   A "C5'" 1 
ATOM   131 C "C4'" . A   A 1 7  ? 5.639   -5.410  -6.810  1.00 29.25 ? 7   A   A "C4'" 1 
ATOM   132 O "O4'" . A   A 1 7  ? 4.507   -4.608  -6.365  1.00 25.43 ? 7   A   A "O4'" 1 
ATOM   133 C "C3'" . A   A 1 7  ? 6.773   -4.392  -7.035  1.00 25.15 ? 7   A   A "C3'" 1 
ATOM   134 O "O3'" . A   A 1 7  ? 7.648   -4.884  -8.067  1.00 25.47 ? 7   A   A "O3'" 1 
ATOM   135 C "C2'" . A   A 1 7  ? 5.977   -3.191  -7.550  1.00 22.40 ? 7   A   A "C2'" 1 
ATOM   136 O "O2'" . A   A 1 7  ? 5.597   -3.384  -8.909  1.00 25.89 ? 7   A   A "O2'" 1 
ATOM   137 C "C1'" . A   A 1 7  ? 4.766   -3.226  -6.633  1.00 22.49 ? 7   A   A "C1'" 1 
ATOM   138 N N9    . A   A 1 7  ? 4.849   -2.440  -5.396  1.00 21.47 ? 7   A   A N9    1 
ATOM   139 C C8    . A   A 1 7  ? 4.743   -2.908  -4.092  1.00 23.50 ? 7   A   A C8    1 
ATOM   140 N N7    . A   A 1 7  ? 4.840   -1.945  -3.189  1.00 22.54 ? 7   A   A N7    1 
ATOM   141 C C5    . A   A 1 7  ? 5.003   -0.774  -3.916  1.00 20.22 ? 7   A   A C5    1 
ATOM   142 C C6    . A   A 1 7  ? 5.163   0.575   -3.515  1.00 21.46 ? 7   A   A C6    1 
ATOM   143 N N6    . A   A 1 7  ? 5.170   1.028   -2.231  1.00 20.23 ? 7   A   A N6    1 
ATOM   144 N N1    . A   A 1 7  ? 5.295   1.503   -4.492  1.00 21.05 ? 7   A   A N1    1 
ATOM   145 C C2    . A   A 1 7  ? 5.277   1.091   -5.784  1.00 22.83 ? 7   A   A C2    1 
ATOM   146 N N3    . A   A 1 7  ? 5.123   -0.165  -6.259  1.00 21.90 ? 7   A   A N3    1 
ATOM   147 C C4    . A   A 1 7  ? 4.998   -1.071  -5.261  1.00 21.21 ? 7   A   A C4    1 
ATOM   148 P P     . G   A 1 8  ? 9.244   -4.708  -7.832  1.00 26.01 ? 8   G   A P     1 
ATOM   149 O OP1   . G   A 1 8  ? 9.918   -5.222  -9.073  1.00 30.89 ? 8   G   A OP1   1 
ATOM   150 O OP2   . G   A 1 8  ? 9.627   -5.299  -6.532  1.00 26.36 ? 8   G   A OP2   1 
ATOM   151 O "O5'" . G   A 1 8  ? 9.485   -3.126  -7.745  1.00 26.63 ? 8   G   A "O5'" 1 
ATOM   152 C "C5'" . G   A 1 8  ? 9.423   -2.273  -8.936  1.00 22.91 ? 8   G   A "C5'" 1 
ATOM   153 C "C4'" . G   A 1 8  ? 9.539   -0.820  -8.500  1.00 23.46 ? 8   G   A "C4'" 1 
ATOM   154 O "O4'" . G   A 1 8  ? 8.444   -0.474  -7.586  1.00 21.25 ? 8   G   A "O4'" 1 
ATOM   155 C "C3'" . G   A 1 8  ? 10.796  -0.536  -7.658  1.00 23.12 ? 8   G   A "C3'" 1 
ATOM   156 O "O3'" . G   A 1 8  ? 11.934  -0.390  -8.533  1.00 24.13 ? 8   G   A "O3'" 1 
ATOM   157 C "C2'" . G   A 1 8  ? 10.379  0.798   -6.996  1.00 21.85 ? 8   G   A "C2'" 1 
ATOM   158 O "O2'" . G   A 1 8  ? 10.388  1.850   -7.975  1.00 21.98 ? 8   G   A "O2'" 1 
ATOM   159 C "C1'" . G   A 1 8  ? 8.938   0.447   -6.613  1.00 20.74 ? 8   G   A "C1'" 1 
ATOM   160 N N9    . G   A 1 8  ? 8.727   -0.142  -5.285  1.00 21.26 ? 8   G   A N9    1 
ATOM   161 C C8    . G   A 1 8  ? 8.302   -1.426  -5.047  1.00 20.47 ? 8   G   A C8    1 
ATOM   162 N N7    . G   A 1 8  ? 8.203   -1.723  -3.781  1.00 21.34 ? 8   G   A N7    1 
ATOM   163 C C5    . G   A 1 8  ? 8.571   -0.563  -3.109  1.00 22.84 ? 8   G   A C5    1 
ATOM   164 C C6    . G   A 1 8  ? 8.633   -0.297  -1.712  1.00 23.23 ? 8   G   A C6    1 
ATOM   165 O O6    . G   A 1 8  ? 8.362   -1.066  -0.760  1.00 23.30 ? 8   G   A O6    1 
ATOM   166 N N1    . G   A 1 8  ? 9.072   0.995   -1.425  1.00 22.13 ? 8   G   A N1    1 
ATOM   167 C C2    . G   A 1 8  ? 9.396   1.936   -2.396  1.00 25.58 ? 8   G   A C2    1 
ATOM   168 N N2    . G   A 1 8  ? 9.811   3.148   -1.923  1.00 24.49 ? 8   G   A N2    1 
ATOM   169 N N3    . G   A 1 8  ? 9.330   1.671   -3.697  1.00 24.62 ? 8   G   A N3    1 
ATOM   170 C C4    . G   A 1 8  ? 8.905   0.421   -4.024  1.00 20.83 ? 8   G   A C4    1 
ATOM   171 P P     . C   A 1 9  ? 13.399  -0.881  -8.092  1.00 26.19 ? 9   C   A P     1 
ATOM   172 O OP1   . C   A 1 9  ? 14.269  -0.600  -9.266  1.00 28.12 ? 9   C   A OP1   1 
ATOM   173 O OP2   . C   A 1 9  ? 13.369  -2.262  -7.558  1.00 28.36 ? 9   C   A OP2   1 
ATOM   174 O "O5'" . C   A 1 9  ? 13.877  0.041   -6.890  1.00 25.61 ? 9   C   A "O5'" 1 
ATOM   175 C "C5'" . C   A 1 9  ? 14.075  1.453   -7.051  1.00 27.25 ? 9   C   A "C5'" 1 
ATOM   176 C "C4'" . C   A 1 9  ? 14.232  2.172   -5.724  1.00 26.29 ? 9   C   A "C4'" 1 
ATOM   177 O "O4'" . C   A 1 9  ? 12.974  2.156   -4.985  1.00 24.99 ? 9   C   A "O4'" 1 
ATOM   178 C "C3'" . C   A 1 9  ? 15.249  1.531   -4.779  1.00 25.89 ? 9   C   A "C3'" 1 
ATOM   179 O "O3'" . C   A 1 9  ? 16.559  1.976   -5.113  1.00 27.82 ? 9   C   A "O3'" 1 
ATOM   180 C "C2'" . C   A 1 9  ? 14.765  2.081   -3.430  1.00 26.06 ? 9   C   A "C2'" 1 
ATOM   181 O "O2'" . C   A 1 9  ? 15.122  3.453   -3.255  1.00 29.28 ? 9   C   A "O2'" 1 
ATOM   182 C "C1'" . C   A 1 9  ? 13.244  1.941   -3.593  1.00 26.17 ? 9   C   A "C1'" 1 
ATOM   183 N N1    . C   A 1 9  ? 12.703  0.650   -3.160  1.00 23.96 ? 9   C   A N1    1 
ATOM   184 C C2    . C   A 1 9  ? 12.489  0.464   -1.779  1.00 24.86 ? 9   C   A C2    1 
ATOM   185 O O2    . C   A 1 9  ? 12.798  1.410   -1.010  1.00 25.16 ? 9   C   A O2    1 
ATOM   186 N N3    . C   A 1 9  ? 12.018  -0.732  -1.338  1.00 21.99 ? 9   C   A N3    1 
ATOM   187 C C4    . C   A 1 9  ? 11.655  -1.709  -2.165  1.00 22.66 ? 9   C   A C4    1 
ATOM   188 N N4    . C   A 1 9  ? 11.164  -2.865  -1.652  1.00 21.24 ? 9   C   A N4    1 
ATOM   189 C C5    . C   A 1 9  ? 11.901  -1.572  -3.572  1.00 21.19 ? 9   C   A C5    1 
ATOM   190 C C6    . C   A 1 9  ? 12.439  -0.395  -4.006  1.00 22.77 ? 9   C   A C6    1 
ATOM   191 P P     . C   A 1 10 ? 17.834  1.027   -4.838  1.00 29.18 ? 10  C   A P     1 
ATOM   192 O OP1   . C   A 1 10 ? 19.031  1.636   -5.491  1.00 31.65 ? 10  C   A OP1   1 
ATOM   193 O OP2   . C   A 1 10 ? 17.513  -0.391  -5.193  1.00 28.51 ? 10  C   A OP2   1 
ATOM   194 O "O5'" . C   A 1 10 ? 17.932  1.041   -3.246  1.00 28.49 ? 10  C   A "O5'" 1 
ATOM   195 C "C5'" . C   A 1 10 ? 18.356  2.223   -2.545  1.00 28.51 ? 10  C   A "C5'" 1 
ATOM   196 C "C4'" . C   A 1 10 ? 18.274  2.010   -1.048  1.00 26.67 ? 10  C   A "C4'" 1 
ATOM   197 O "O4'" . C   A 1 10 ? 16.890  1.702   -0.669  1.00 26.48 ? 10  C   A "O4'" 1 
ATOM   198 C "C3'" . C   A 1 10 ? 19.092  0.856   -0.481  1.00 25.92 ? 10  C   A "C3'" 1 
ATOM   199 O "O3'" . C   A 1 10 ? 20.459  1.229   -0.298  1.00 26.97 ? 10  C   A "O3'" 1 
ATOM   200 C "C2'" . C   A 1 10 ? 18.397  0.683   0.879   1.00 23.44 ? 10  C   A "C2'" 1 
ATOM   201 O "O2'" . C   A 1 10 ? 18.783  1.659   1.844   1.00 29.39 ? 10  C   A "O2'" 1 
ATOM   202 C "C1'" . C   A 1 10 ? 16.940  0.816   0.478   1.00 23.94 ? 10  C   A "C1'" 1 
ATOM   203 N N1    . C   A 1 10 ? 16.231  -0.428  0.190   1.00 23.57 ? 10  C   A N1    1 
ATOM   204 C C2    . C   A 1 10 ? 15.829  -1.288  1.232   1.00 22.89 ? 10  C   A C2    1 
ATOM   205 O O2    . C   A 1 10 ? 16.154  -0.950  2.391   1.00 22.72 ? 10  C   A O2    1 
ATOM   206 N N3    . C   A 1 10 ? 15.170  -2.454  0.984   1.00 21.36 ? 10  C   A N3    1 
ATOM   207 C C4    . C   A 1 10 ? 14.846  -2.772  -0.279  1.00 22.97 ? 10  C   A C4    1 
ATOM   208 N N4    . C   A 1 10 ? 14.143  -3.900  -0.526  1.00 20.73 ? 10  C   A N4    1 
ATOM   209 C C5    . C   A 1 10 ? 15.326  -1.997  -1.376  1.00 24.76 ? 10  C   A C5    1 
ATOM   210 C C6    . C   A 1 10 ? 16.010  -0.859  -1.102  1.00 24.36 ? 10  C   A C6    1 
ATOM   211 P P     . C   A 1 11 ? 21.571  0.070   -0.492  1.00 27.51 ? 11  C   A P     1 
ATOM   212 O OP1   . C   A 1 11 ? 22.911  0.700   -0.265  1.00 33.01 ? 11  C   A OP1   1 
ATOM   213 O OP2   . C   A 1 11 ? 21.239  -0.641  -1.760  1.00 29.33 ? 11  C   A OP2   1 
ATOM   214 O "O5'" . C   A 1 11 ? 21.338  -0.948  0.720   1.00 24.50 ? 11  C   A "O5'" 1 
ATOM   215 C "C5'" . C   A 1 11 ? 21.639  -0.568  2.094   1.00 23.27 ? 11  C   A "C5'" 1 
ATOM   216 C "C4'" . C   A 1 11 ? 21.063  -1.613  3.036   1.00 22.82 ? 11  C   A "C4'" 1 
ATOM   217 O "O4'" . C   A 1 11 ? 19.617  -1.749  2.837   1.00 21.37 ? 11  C   A "O4'" 1 
ATOM   218 C "C3'" . C   A 1 11 ? 21.554  -3.050  2.836   1.00 24.41 ? 11  C   A "C3'" 1 
ATOM   219 O "O3'" . C   A 1 11 ? 22.856  -3.255  3.378   1.00 23.18 ? 11  C   A "O3'" 1 
ATOM   220 C "C2'" . C   A 1 11 ? 20.455  -3.822  3.584   1.00 21.18 ? 11  C   A "C2'" 1 
ATOM   221 O "O2'" . C   A 1 11 ? 20.634  -3.778  5.005   1.00 23.77 ? 11  C   A "O2'" 1 
ATOM   222 C "C1'" . C   A 1 11 ? 19.179  -3.060  3.147   1.00 20.52 ? 11  C   A "C1'" 1 
ATOM   223 N N1    . C   A 1 11 ? 18.611  -3.704  1.927   1.00 20.64 ? 11  C   A N1    1 
ATOM   224 C C2    . C   A 1 11 ? 17.797  -4.823  2.081   1.00 22.02 ? 11  C   A C2    1 
ATOM   225 O O2    . C   A 1 11 ? 17.589  -5.268  3.246   1.00 23.20 ? 11  C   A O2    1 
ATOM   226 N N3    . C   A 1 11 ? 17.314  -5.458  0.983   1.00 22.17 ? 11  C   A N3    1 
ATOM   227 C C4    . C   A 1 11 ? 17.590  -4.966  -0.241  1.00 23.95 ? 11  C   A C4    1 
ATOM   228 N N4    . C   A 1 11 ? 17.053  -5.521  -1.315  1.00 24.20 ? 11  C   A N4    1 
ATOM   229 C C5    . C   A 1 11 ? 18.375  -3.791  -0.434  1.00 22.30 ? 11  C   A C5    1 
ATOM   230 C C6    . C   A 1 11 ? 18.857  -3.199  0.676   1.00 23.66 ? 11  C   A C6    1 
ATOM   231 O "O5'" . G   B 1 1  ? 11.332  -9.205  7.896   1.00 32.27 ? 1   G   B "O5'" 1 
ATOM   232 C "C5'" . G   B 1 1  ? 11.928  -9.106  9.208   1.00 30.30 ? 1   G   B "C5'" 1 
ATOM   233 C "C4'" . G   B 1 1  ? 12.802  -7.883  9.249   1.00 29.30 ? 1   G   B "C4'" 1 
ATOM   234 O "O4'" . G   B 1 1  ? 13.969  -8.096  8.374   1.00 27.11 ? 1   G   B "O4'" 1 
ATOM   235 C "C3'" . G   B 1 1  ? 12.166  -6.589  8.729   1.00 28.15 ? 1   G   B "C3'" 1 
ATOM   236 O "O3'" . G   B 1 1  ? 11.391  -5.948  9.754   1.00 30.66 ? 1   G   B "O3'" 1 
ATOM   237 C "C2'" . G   B 1 1  ? 13.479  -5.817  8.493   1.00 26.43 ? 1   G   B "C2'" 1 
ATOM   238 O "O2'" . G   B 1 1  ? 14.054  -5.401  9.736   1.00 28.66 ? 1   G   B "O2'" 1 
ATOM   239 C "C1'" . G   B 1 1  ? 14.353  -6.879  7.753   1.00 23.81 ? 1   G   B "C1'" 1 
ATOM   240 N N9    . G   B 1 1  ? 14.038  -6.901  6.318   1.00 24.14 ? 1   G   B N9    1 
ATOM   241 C C8    . G   B 1 1  ? 13.363  -7.859  5.599   1.00 22.35 ? 1   G   B C8    1 
ATOM   242 N N7    . G   B 1 1  ? 13.213  -7.558  4.322   1.00 24.54 ? 1   G   B N7    1 
ATOM   243 C C5    . G   B 1 1  ? 13.835  -6.311  4.182   1.00 22.89 ? 1   G   B C5    1 
ATOM   244 C C6    . G   B 1 1  ? 13.987  -5.489  3.018   1.00 21.77 ? 1   G   B C6    1 
ATOM   245 O O6    . G   B 1 1  ? 13.585  -5.706  1.856   1.00 21.68 ? 1   G   B O6    1 
ATOM   246 N N1    . G   B 1 1  ? 14.667  -4.302  3.278   1.00 21.78 ? 1   G   B N1    1 
ATOM   247 C C2    . G   B 1 1  ? 15.122  -3.984  4.543   1.00 23.89 ? 1   G   B C2    1 
ATOM   248 N N2    . G   B 1 1  ? 15.770  -2.815  4.660   1.00 21.56 ? 1   G   B N2    1 
ATOM   249 N N3    . G   B 1 1  ? 14.980  -4.740  5.625   1.00 22.35 ? 1   G   B N3    1 
ATOM   250 C C4    . G   B 1 1  ? 14.337  -5.900  5.393   1.00 23.63 ? 1   G   B C4    1 
ATOM   251 P P     . G   B 1 2  ? 10.172  -4.971  9.341   1.00 29.10 ? 2   G   B P     1 
ATOM   252 O OP1   . G   B 1 2  ? 9.391   -4.645  10.578  1.00 31.88 ? 2   G   B OP1   1 
ATOM   253 O OP2   . G   B 1 2  ? 9.455   -5.540  8.186   1.00 29.88 ? 2   G   B OP2   1 
ATOM   254 O "O5'" . G   B 1 2  ? 10.895  -3.634  8.897   1.00 29.10 ? 2   G   B "O5'" 1 
ATOM   255 C "C5'" . G   B 1 2  ? 11.785  -2.842  9.663   1.00 27.14 ? 2   G   B "C5'" 1 
ATOM   256 C "C4'" . G   B 1 2  ? 12.324  -1.672  8.868   1.00 28.79 ? 2   G   B "C4'" 1 
ATOM   257 O "O4'" . G   B 1 2  ? 13.174  -2.164  7.789   1.00 27.75 ? 2   G   B "O4'" 1 
ATOM   258 C "C3'" . G   B 1 2  ? 11.305  -0.773  8.140   1.00 28.26 ? 2   G   B "C3'" 1 
ATOM   259 O "O3'" . G   B 1 2  ? 10.755  0.146   9.092   1.00 27.79 ? 2   G   B "O3'" 1 
ATOM   260 C "C2'" . G   B 1 2  ? 12.262  -0.097  7.149   1.00 28.81 ? 2   G   B "C2'" 1 
ATOM   261 O "O2'" . G   B 1 2  ? 13.132  0.859   7.756   1.00 26.80 ? 2   G   B "O2'" 1 
ATOM   262 C "C1'" . G   B 1 2  ? 13.099  -1.301  6.658   1.00 26.68 ? 2   G   B "C1'" 1 
ATOM   263 N N9    . G   B 1 2  ? 12.461  -2.035  5.571   1.00 25.33 ? 2   G   B N9    1 
ATOM   264 C C8    . G   B 1 2  ? 11.794  -3.246  5.576   1.00 24.65 ? 2   G   B C8    1 
ATOM   265 N N7    . G   B 1 2  ? 11.326  -3.606  4.371   1.00 26.25 ? 2   G   B N7    1 
ATOM   266 C C5    . G   B 1 2  ? 11.719  -2.572  3.526   1.00 24.01 ? 2   G   B C5    1 
ATOM   267 C C6    . G   B 1 2  ? 11.511  -2.384  2.134   1.00 22.88 ? 2   G   B C6    1 
ATOM   268 O O6    . G   B 1 2  ? 10.933  -3.138  1.288   1.00 24.69 ? 2   G   B O6    1 
ATOM   269 N N1    . G   B 1 2  ? 12.085  -1.185  1.706   1.00 22.28 ? 2   G   B N1    1 
ATOM   270 C C2    . G   B 1 2  ? 12.752  -0.283  2.490   1.00 23.99 ? 2   G   B C2    1 
ATOM   271 N N2    . G   B 1 2  ? 13.245  0.827   1.909   1.00 23.62 ? 2   G   B N2    1 
ATOM   272 N N3    . G   B 1 2  ? 12.952  -0.454  3.802   1.00 24.55 ? 2   G   B N3    1 
ATOM   273 C C4    . G   B 1 2  ? 12.421  -1.610  4.248   1.00 24.02 ? 2   G   B C4    1 
ATOM   274 P P     . U   B 1 3  ? 9.240   0.717   8.932   1.00 29.19 ? 3   U   B P     1 
ATOM   275 O OP1   . U   B 1 3  ? 9.002   1.648   10.057  1.00 30.65 ? 3   U   B OP1   1 
ATOM   276 O OP2   . U   B 1 3  ? 8.390   -0.478  8.661   1.00 26.90 ? 3   U   B OP2   1 
ATOM   277 O "O5'" . U   B 1 3  ? 9.337   1.574   7.575   1.00 28.80 ? 3   U   B "O5'" 1 
ATOM   278 C "C5'" . U   B 1 3  ? 10.087  2.795   7.503   1.00 25.77 ? 3   U   B "C5'" 1 
ATOM   279 C "C4'" . U   B 1 3  ? 10.179  3.275   6.056   1.00 25.84 ? 3   U   B "C4'" 1 
ATOM   280 O "O4'" . U   B 1 3  ? 10.811  2.258   5.226   1.00 25.13 ? 3   U   B "O4'" 1 
ATOM   281 C "C3'" . U   B 1 3  ? 8.819   3.523   5.386   1.00 23.51 ? 3   U   B "C3'" 1 
ATOM   282 O "O3'" . U   B 1 3  ? 8.301   4.823   5.693   1.00 25.00 ? 3   U   B "O3'" 1 
ATOM   283 C "C2'" . U   B 1 3  ? 9.225   3.413   3.909   1.00 23.38 ? 3   U   B "C2'" 1 
ATOM   284 O "O2'" . U   B 1 3  ? 9.841   4.560   3.344   1.00 25.96 ? 3   U   B "O2'" 1 
ATOM   285 C "C1'" . U   B 1 3  ? 10.231  2.252   3.926   1.00 23.52 ? 3   U   B "C1'" 1 
ATOM   286 N N1    . U   B 1 3  ? 9.591   0.960   3.611   1.00 23.95 ? 3   U   B N1    1 
ATOM   287 C C2    . U   B 1 3  ? 9.277   0.675   2.295   1.00 25.16 ? 3   U   B C2    1 
ATOM   288 O O2    . U   B 1 3  ? 9.494   1.511   1.413   1.00 23.06 ? 3   U   B O2    1 
ATOM   289 N N3    . U   B 1 3  ? 8.700   -0.557  2.018   1.00 22.60 ? 3   U   B N3    1 
ATOM   290 C C4    . U   B 1 3  ? 8.401   -1.538  2.950   1.00 22.45 ? 3   U   B C4    1 
ATOM   291 O O4    . U   B 1 3  ? 7.805   -2.561  2.580   1.00 24.97 ? 3   U   B O4    1 
ATOM   292 C C5    . U   B 1 3  ? 8.674   -1.153  4.313   1.00 24.92 ? 3   U   B C5    1 
ATOM   293 C C6    . U   B 1 3  ? 9.270   0.029   4.601   1.00 23.54 ? 3   U   B C6    1 
ATOM   294 P P     . C   B 1 4  ? 6.734   5.108   5.892   1.00 27.73 ? 4   C   B P     1 
ATOM   295 O OP1   . C   B 1 4  ? 6.620   6.539   6.222   1.00 29.46 ? 4   C   B OP1   1 
ATOM   296 O OP2   . C   B 1 4  ? 6.153   4.056   6.789   1.00 30.37 ? 4   C   B OP2   1 
ATOM   297 O "O5'" . C   B 1 4  ? 6.025   4.790   4.483   1.00 26.35 ? 4   C   B "O5'" 1 
ATOM   298 C "C5'" . C   B 1 4  ? 6.239   5.550   3.282   1.00 26.63 ? 4   C   B "C5'" 1 
ATOM   299 C "C4'" . C   B 1 4  ? 5.798   4.783   2.066   1.00 26.41 ? 4   C   B "C4'" 1 
ATOM   300 O "O4'" . C   B 1 4  ? 6.539   3.530   1.903   1.00 23.91 ? 4   C   B "O4'" 1 
ATOM   301 C "C3'" . C   B 1 4  ? 4.314   4.365   2.019   1.00 24.47 ? 4   C   B "C3'" 1 
ATOM   302 O "O3'" . C   B 1 4  ? 3.535   5.479   1.583   1.00 26.77 ? 4   C   B "O3'" 1 
ATOM   303 C "C2'" . C   B 1 4  ? 4.356   3.227   0.990   1.00 23.96 ? 4   C   B "C2'" 1 
ATOM   304 O "O2'" . C   B 1 4  ? 4.474   3.756   -0.333  1.00 25.51 ? 4   C   B "O2'" 1 
ATOM   305 C "C1'" . C   B 1 4  ? 5.676   2.529   1.394   1.00 22.20 ? 4   C   B "C1'" 1 
ATOM   306 N N1    . C   B 1 4  ? 5.520   1.437   2.377   1.00 23.10 ? 4   C   B N1    1 
ATOM   307 C C2    . C   B 1 4  ? 5.083   0.174   1.929   1.00 25.87 ? 4   C   B C2    1 
ATOM   308 O O2    . C   B 1 4  ? 4.841   0.051   0.714   1.00 26.77 ? 4   C   B O2    1 
ATOM   309 N N3    . C   B 1 4  ? 4.948   -0.884  2.768   1.00 25.40 ? 4   C   B N3    1 
ATOM   310 C C4    . C   B 1 4  ? 5.192   -0.680  4.083   1.00 27.29 ? 4   C   B C4    1 
ATOM   311 N N4    . C   B 1 4  ? 5.014   -1.728  4.913   1.00 26.86 ? 4   C   B N4    1 
ATOM   312 C C5    . C   B 1 4  ? 5.629   0.574   4.602   1.00 23.81 ? 4   C   B C5    1 
ATOM   313 C C6    . C   B 1 4  ? 5.794   1.594   3.718   1.00 24.32 ? 4   C   B C6    1 
ATOM   314 P P     . A   B 1 5  ? 1.942   5.544   1.825   1.00 31.45 ? 5   A   B P     1 
ATOM   315 O OP1   . A   B 1 5  ? 1.460   6.925   1.516   1.00 34.77 ? 5   A   B OP1   1 
ATOM   316 O OP2   . A   B 1 5  ? 1.650   4.936   3.130   1.00 38.24 ? 5   A   B OP2   1 
ATOM   317 O "O5'" . A   B 1 5  ? 1.387   4.618   0.638   1.00 32.85 ? 5   A   B "O5'" 1 
ATOM   318 C "C5'" . A   B 1 5  ? 0.566   5.212   -0.375  1.00 32.07 ? 5   A   B "C5'" 1 
ATOM   319 C "C4'" . A   B 1 5  ? 1.293   5.989   -1.444  1.00 31.76 ? 5   A   B "C4'" 1 
ATOM   320 O "O4'" . A   B 1 5  ? 2.453   5.225   -1.897  1.00 27.99 ? 5   A   B "O4'" 1 
ATOM   321 C "C3'" . A   B 1 5  ? 0.455   6.175   -2.718  1.00 30.60 ? 5   A   B "C3'" 1 
ATOM   322 O "O3'" . A   B 1 5  ? -0.317  7.387   -2.635  1.00 33.51 ? 5   A   B "O3'" 1 
ATOM   323 C "C2'" . A   B 1 5  ? 1.537   6.181   -3.797  1.00 29.46 ? 5   A   B "C2'" 1 
ATOM   324 O "O2'" . A   B 1 5  ? 2.217   7.424   -3.893  1.00 32.13 ? 5   A   B "O2'" 1 
ATOM   325 C "C1'" . A   B 1 5  ? 2.522   5.115   -3.298  1.00 29.48 ? 5   A   B "C1'" 1 
ATOM   326 N N9    . A   B 1 5  ? 2.243   3.731   -3.718  1.00 25.82 ? 5   A   B N9    1 
ATOM   327 C C8    . A   B 1 5  ? 1.966   2.675   -2.893  1.00 25.09 ? 5   A   B C8    1 
ATOM   328 N N7    . A   B 1 5  ? 1.749   1.520   -3.518  1.00 23.15 ? 5   A   B N7    1 
ATOM   329 C C5    . A   B 1 5  ? 1.903   1.836   -4.860  1.00 24.57 ? 5   A   B C5    1 
ATOM   330 C C6    . A   B 1 5  ? 1.799   1.036   -6.011  1.00 22.89 ? 5   A   B C6    1 
ATOM   331 N N6    . A   B 1 5  ? 1.513   -0.280  -6.018  1.00 21.92 ? 5   A   B N6    1 
ATOM   332 N N1    . A   B 1 5  ? 2.006   1.633   -7.212  1.00 25.14 ? 5   A   B N1    1 
ATOM   333 C C2    . A   B 1 5  ? 2.295   2.952   -7.219  1.00 24.54 ? 5   A   B C2    1 
ATOM   334 N N3    . A   B 1 5  ? 2.410   3.785   -6.187  1.00 25.98 ? 5   A   B N3    1 
ATOM   335 C C4    . A   B 1 5  ? 2.209   3.182   -4.991  1.00 26.32 ? 5   A   B C4    1 
ATOM   336 P P     . C   B 1 6  ? -1.922  7.330   -2.575  1.00 35.56 ? 6   C   B P     1 
ATOM   337 O OP1   . C   B 1 6  ? -2.489  8.712   -2.511  1.00 41.39 ? 6   C   B OP1   1 
ATOM   338 O OP2   . C   B 1 6  ? -2.414  6.405   -1.528  1.00 33.25 ? 6   C   B OP2   1 
ATOM   339 O "O5'" . C   B 1 6  ? -2.347  6.694   -3.999  1.00 33.96 ? 6   C   B "O5'" 1 
ATOM   340 C "C5'" . C   B 1 6  ? -1.769  7.151   -5.235  1.00 31.90 ? 6   C   B "C5'" 1 
ATOM   341 C "C4'" . C   B 1 6  ? -1.738  6.097   -6.314  1.00 31.93 ? 6   C   B "C4'" 1 
ATOM   342 O "O4'" . C   B 1 6  ? -0.850  5.030   -5.870  1.00 30.12 ? 6   C   B "O4'" 1 
ATOM   343 C "C3'" . C   B 1 6  ? -3.056  5.377   -6.599  1.00 32.65 ? 6   C   B "C3'" 1 
ATOM   344 O "O3'" . C   B 1 6  ? -3.844  6.109   -7.541  1.00 35.11 ? 6   C   B "O3'" 1 
ATOM   345 C "C2'" . C   B 1 6  ? -2.567  4.071   -7.229  1.00 29.06 ? 6   C   B "C2'" 1 
ATOM   346 O "O2'" . C   B 1 6  ? -2.202  4.288   -8.583  1.00 29.86 ? 6   C   B "O2'" 1 
ATOM   347 C "C1'" . C   B 1 6  ? -1.324  3.792   -6.381  1.00 27.22 ? 6   C   B "C1'" 1 
ATOM   348 N N1    . C   B 1 6  ? -1.491  2.894   -5.230  1.00 27.40 ? 6   C   B N1    1 
ATOM   349 C C2    . C   B 1 6  ? -1.542  1.517   -5.487  1.00 27.58 ? 6   C   B C2    1 
ATOM   350 O O2    . C   B 1 6  ? -1.486  1.119   -6.682  1.00 25.25 ? 6   C   B O2    1 
ATOM   351 N N3    . C   B 1 6  ? -1.698  0.670   -4.442  1.00 24.33 ? 6   C   B N3    1 
ATOM   352 C C4    . C   B 1 6  ? -1.800  1.166   -3.197  1.00 25.85 ? 6   C   B C4    1 
ATOM   353 N N4    . C   B 1 6  ? -1.842  0.274   -2.192  1.00 24.84 ? 6   C   B N4    1 
ATOM   354 C C5    . C   B 1 6  ? -1.788  2.574   -2.905  1.00 26.82 ? 6   C   B C5    1 
ATOM   355 C C6    . C   B 1 6  ? -1.644  3.409   -3.954  1.00 25.31 ? 6   C   B C6    1 
ATOM   356 P P     . A   B 1 7  ? -5.418  5.841   -7.679  1.00 37.56 ? 7   A   B P     1 
ATOM   357 O OP1   . A   B 1 7  ? -5.959  6.823   -8.660  1.00 43.74 ? 7   A   B OP1   1 
ATOM   358 O OP2   . A   B 1 7  ? -6.075  5.667   -6.349  1.00 44.66 ? 7   A   B OP2   1 
ATOM   359 O "O5'" . A   B 1 7  ? -5.520  4.368   -8.342  1.00 37.32 ? 7   A   B "O5'" 1 
ATOM   360 C "C5'" . A   B 1 7  ? -6.358  3.376   -7.699  1.00 34.02 ? 7   A   B "C5'" 1 
ATOM   361 C "C4'" . A   B 1 7  ? -6.006  2.020   -8.302  1.00 28.80 ? 7   A   B "C4'" 1 
ATOM   362 O "O4'" . A   B 1 7  ? -4.836  1.495   -7.614  1.00 24.85 ? 7   A   B "O4'" 1 
ATOM   363 C "C3'" . A   B 1 7  ? -7.125  0.988   -8.043  1.00 26.62 ? 7   A   B "C3'" 1 
ATOM   364 O "O3'" . A   B 1 7  ? -8.030  1.010   -9.172  1.00 26.60 ? 7   A   B "O3'" 1 
ATOM   365 C "C2'" . A   B 1 7  ? -6.298  -0.300  -8.051  1.00 24.34 ? 7   A   B "C2'" 1 
ATOM   366 O "O2'" . A   B 1 7  ? -5.973  -0.692  -9.387  1.00 26.74 ? 7   A   B "O2'" 1 
ATOM   367 C "C1'" . A   B 1 7  ? -5.051  0.123   -7.278  1.00 23.14 ? 7   A   B "C1'" 1 
ATOM   368 N N9    . A   B 1 7  ? -5.118  -0.028  -5.825  1.00 22.07 ? 7   A   B N9    1 
ATOM   369 C C8    . A   B 1 7  ? -4.995  0.972   -4.881  1.00 22.92 ? 7   A   B C8    1 
ATOM   370 N N7    . A   B 1 7  ? -5.067  0.506   -3.642  1.00 23.60 ? 7   A   B N7    1 
ATOM   371 C C5    . A   B 1 7  ? -5.248  -0.868  -3.768  1.00 20.52 ? 7   A   B C5    1 
ATOM   372 C C6    . A   B 1 7  ? -5.398  -1.892  -2.809  1.00 21.96 ? 7   A   B C6    1 
ATOM   373 N N6    . A   B 1 7  ? -5.382  -1.717  -1.467  1.00 20.63 ? 7   A   B N6    1 
ATOM   374 N N1    . A   B 1 7  ? -5.541  -3.157  -3.272  1.00 21.40 ? 7   A   B N1    1 
ATOM   375 C C2    . A   B 1 7  ? -5.540  -3.355  -4.605  1.00 22.17 ? 7   A   B C2    1 
ATOM   376 N N3    . A   B 1 7  ? -5.394  -2.465  -5.592  1.00 22.44 ? 7   A   B N3    1 
ATOM   377 C C4    . A   B 1 7  ? -5.261  -1.205  -5.103  1.00 21.90 ? 7   A   B C4    1 
ATOM   378 P P     . G   B 1 8  ? -9.619  0.989   -8.907  1.00 25.92 ? 8   G   B P     1 
ATOM   379 O OP1   . G   B 1 8  ? -10.328 0.976   -10.221 1.00 30.36 ? 8   G   B OP1   1 
ATOM   380 O OP2   . G   B 1 8  ? -9.968  2.097   -7.971  1.00 27.53 ? 8   G   B OP2   1 
ATOM   381 O "O5'" . G   B 1 8  ? -9.876  -0.396  -8.162  1.00 24.79 ? 8   G   B "O5'" 1 
ATOM   382 C "C5'" . G   B 1 8  ? -9.808  -1.676  -8.846  1.00 23.78 ? 8   G   B "C5'" 1 
ATOM   383 C "C4'" . G   B 1 8  ? -9.920  -2.785  -7.805  1.00 23.61 ? 8   G   B "C4'" 1 
ATOM   384 O "O4'" . G   B 1 8  ? -8.801  -2.706  -6.876  1.00 21.27 ? 8   G   B "O4'" 1 
ATOM   385 C "C3'" . G   B 1 8  ? -11.148 -2.665  -6.886  1.00 22.35 ? 8   G   B "C3'" 1 
ATOM   386 O "O3'" . G   B 1 8  ? -12.290 -3.222  -7.574  1.00 23.72 ? 8   G   B "O3'" 1 
ATOM   387 C "C2'" . G   B 1 8  ? -10.702 -3.588  -5.728  1.00 21.87 ? 8   G   B "C2'" 1 
ATOM   388 O "O2'" . G   B 1 8  ? -10.751 -4.967  -6.123  1.00 21.20 ? 8   G   B "O2'" 1 
ATOM   389 C "C1'" . G   B 1 8  ? -9.254  -3.089  -5.583  1.00 20.22 ? 8   G   B "C1'" 1 
ATOM   390 N N9    . G   B 1 8  ? -9.029  -1.986  -4.642  1.00 21.83 ? 8   G   B N9    1 
ATOM   391 C C8    . G   B 1 8  ? -8.615  -0.713  -4.987  1.00 21.70 ? 8   G   B C8    1 
ATOM   392 N N7    . G   B 1 8  ? -8.493  0.107   -3.970  1.00 21.39 ? 8   G   B N7    1 
ATOM   393 C C5    . G   B 1 8  ? -8.822  -0.665  -2.862  1.00 21.71 ? 8   G   B C5    1 
ATOM   394 C C6    . G   B 1 8  ? -8.854  -0.318  -1.485  1.00 23.01 ? 8   G   B C6    1 
ATOM   395 O O6    . G   B 1 8  ? -8.577  0.787   -0.959  1.00 24.24 ? 8   G   B O6    1 
ATOM   396 N N1    . G   B 1 8  ? -9.254  -1.365  -0.666  1.00 23.11 ? 8   G   B N1    1 
ATOM   397 C C2    . G   B 1 8  ? -9.582  -2.631  -1.120  1.00 25.39 ? 8   G   B C2    1 
ATOM   398 N N2    . G   B 1 8  ? -9.958  -3.517  -0.147  1.00 24.33 ? 8   G   B N2    1 
ATOM   399 N N3    . G   B 1 8  ? -9.552  -2.951  -2.409  1.00 23.16 ? 8   G   B N3    1 
ATOM   400 C C4    . G   B 1 8  ? -9.155  -1.959  -3.252  1.00 20.39 ? 8   G   B C4    1 
ATOM   401 P P     . C   B 1 9  ? -13.747 -2.583  -7.374  1.00 25.46 ? 9   C   B P     1 
ATOM   402 O OP1   . C   B 1 9  ? -14.634 -3.306  -8.315  1.00 28.93 ? 9   C   B OP1   1 
ATOM   403 O OP2   . C   B 1 9  ? -13.697 -1.092  -7.500  1.00 27.82 ? 9   C   B OP2   1 
ATOM   404 O "O5'" . C   B 1 9  ? -14.203 -2.878  -5.876  1.00 26.20 ? 9   C   B "O5'" 1 
ATOM   405 C "C5'" . C   B 1 9  ? -14.306 -4.247  -5.404  1.00 27.72 ? 9   C   B "C5'" 1 
ATOM   406 C "C4'" . C   B 1 9  ? -14.473 -4.282  -3.885  1.00 25.50 ? 9   C   B "C4'" 1 
ATOM   407 O "O4'" . C   B 1 9  ? -13.212 -3.938  -3.233  1.00 24.02 ? 9   C   B "O4'" 1 
ATOM   408 C "C3'" . C   B 1 9  ? -15.484 -3.269  -3.339  1.00 26.21 ? 9   C   B "C3'" 1 
ATOM   409 O "O3'" . C   B 1 9  ? -16.805 -3.814  -3.386  1.00 27.21 ? 9   C   B "O3'" 1 
ATOM   410 C "C2'" . C   B 1 9  ? -14.979 -3.168  -1.887  1.00 24.71 ? 9   C   B "C2'" 1 
ATOM   411 O "O2'" . C   B 1 9  ? -15.312 -4.299  -1.095  1.00 29.40 ? 9   C   B "O2'" 1 
ATOM   412 C "C1'" . C   B 1 9  ? -13.470 -3.132  -2.089  1.00 25.11 ? 9   C   B "C1'" 1 
ATOM   413 N N1    . C   B 1 9  ? -12.923 -1.774  -2.243  1.00 24.40 ? 9   C   B N1    1 
ATOM   414 C C2    . C   B 1 9  ? -12.703 -1.002  -1.088  1.00 23.53 ? 9   C   B C2    1 
ATOM   415 O O2    . C   B 1 9  ? -13.014 -1.500  0.028   1.00 25.33 ? 9   C   B O2    1 
ATOM   416 N N3    . C   B 1 9  ? -12.196 0.261   -1.219  1.00 23.16 ? 9   C   B N3    1 
ATOM   417 C C4    . C   B 1 9  ? -11.878 0.774   -2.413  1.00 21.11 ? 9   C   B C4    1 
ATOM   418 N N4    . C   B 1 9  ? -11.362 2.017   -2.511  1.00 22.35 ? 9   C   B N4    1 
ATOM   419 C C5    . C   B 1 9  ? -12.132 0.023   -3.612  1.00 21.43 ? 9   C   B C5    1 
ATOM   420 C C6    . C   B 1 9  ? -12.690 -1.217  -3.480  1.00 21.49 ? 9   C   B C6    1 
ATOM   421 P P     . C   B 1 10 ? -18.088 -2.851  -3.490  1.00 27.50 ? 10  C   B P     1 
ATOM   422 O OP1   . C   B 1 10 ? -19.294 -3.729  -3.741  1.00 29.38 ? 10  C   B OP1   1 
ATOM   423 O OP2   . C   B 1 10 ? -17.824 -1.735  -4.447  1.00 26.47 ? 10  C   B OP2   1 
ATOM   424 O "O5'" . C   B 1 10 ? -18.145 -2.155  -2.063  1.00 26.98 ? 10  C   B "O5'" 1 
ATOM   425 C "C5'" . C   B 1 10 ? -18.633 -2.860  -0.914  1.00 29.11 ? 10  C   B "C5'" 1 
ATOM   426 C "C4'" . C   B 1 10 ? -18.448 -2.016  0.335   1.00 27.21 ? 10  C   B "C4'" 1 
ATOM   427 O "O4'" . C   B 1 10 ? -17.046 -1.606  0.489   1.00 27.28 ? 10  C   B "O4'" 1 
ATOM   428 C "C3'" . C   B 1 10 ? -19.265 -0.750  0.427   1.00 26.27 ? 10  C   B "C3'" 1 
ATOM   429 O "O3'" . C   B 1 10 ? -20.636 -1.024  0.762   1.00 27.23 ? 10  C   B "O3'" 1 
ATOM   430 C "C2'" . C   B 1 10 ? -18.513 0.005   1.527   1.00 24.39 ? 10  C   B "C2'" 1 
ATOM   431 O "O2'" . C   B 1 10 ? -18.805 -0.516  2.828   1.00 26.36 ? 10  C   B "O2'" 1 
ATOM   432 C "C1'" . C   B 1 10 ? -17.060 -0.320  1.171   1.00 24.43 ? 10  C   B "C1'" 1 
ATOM   433 N N1    . C   B 1 10 ? -16.371 0.658   0.333   1.00 22.93 ? 10  C   B N1    1 
ATOM   434 C C2    . C   B 1 10 ? -15.920 1.867   0.913   1.00 22.31 ? 10  C   B C2    1 
ATOM   435 O O2    . C   B 1 10 ? -16.198 2.069   2.121   1.00 22.03 ? 10  C   B O2    1 
ATOM   436 N N3    . C   B 1 10 ? -15.269 2.804   0.161   1.00 21.38 ? 10  C   B N3    1 
ATOM   437 C C4    . C   B 1 10 ? -15.013 2.540   -1.128  1.00 21.92 ? 10  C   B C4    1 
ATOM   438 N N4    . C   B 1 10 ? -14.379 3.490   -1.851  1.00 21.23 ? 10  C   B N4    1 
ATOM   439 C C5    . C   B 1 10 ? -15.584 1.398   -1.773  1.00 24.25 ? 10  C   B C5    1 
ATOM   440 C C6    . C   B 1 10 ? -16.187 0.456   -1.017  1.00 23.18 ? 10  C   B C6    1 
ATOM   441 P P     . C   B 1 11 ? -21.738 -0.047  0.096   1.00 27.92 ? 11  C   B P     1 
ATOM   442 O OP1   . C   B 1 11 ? -23.065 -0.553  0.559   1.00 32.07 ? 11  C   B OP1   1 
ATOM   443 O OP2   . C   B 1 11 ? -21.433 0.105   -1.347  1.00 28.74 ? 11  C   B OP2   1 
ATOM   444 O "O5'" . C   B 1 11 ? -21.454 1.371   0.761   1.00 25.35 ? 11  C   B "O5'" 1 
ATOM   445 C "C5'" . C   B 1 11 ? -21.766 1.701   2.133   1.00 23.04 ? 11  C   B "C5'" 1 
ATOM   446 C "C4'" . C   B 1 11 ? -21.158 3.055   2.456   1.00 22.27 ? 11  C   B "C4'" 1 
ATOM   447 O "O4'" . C   B 1 11 ? -19.708 3.054   2.235   1.00 20.88 ? 11  C   B "O4'" 1 
ATOM   448 C "C3'" . C   B 1 11 ? -21.623 4.271   1.648   1.00 23.33 ? 11  C   B "C3'" 1 
ATOM   449 O "O3'" . C   B 1 11 ? -22.881 4.736   2.163   1.00 24.38 ? 11  C   B "O3'" 1 
ATOM   450 C "C2'" . C   B 1 11 ? -20.504 5.274   2.002   1.00 22.39 ? 11  C   B "C2'" 1 
ATOM   451 O "O2'" . C   B 1 11 ? -20.711 5.813   3.320   1.00 23.84 ? 11  C   B "O2'" 1 
ATOM   452 C "C1'" . C   B 1 11 ? -19.254 4.371   1.927   1.00 20.59 ? 11  C   B "C1'" 1 
ATOM   453 N N1    . C   B 1 11 ? -18.728 4.410   0.549   1.00 22.76 ? 11  C   B N1    1 
ATOM   454 C C2    . C   B 1 11 ? -17.926 5.490   0.168   1.00 22.10 ? 11  C   B C2    1 
ATOM   455 O O2    . C   B 1 11 ? -17.701 6.397   1.006   1.00 23.34 ? 11  C   B O2    1 
ATOM   456 N N3    . C   B 1 11 ? -17.476 5.584   -1.109  1.00 22.66 ? 11  C   B N3    1 
ATOM   457 C C4    . C   B 1 11 ? -17.749 4.603   -1.978  1.00 23.75 ? 11  C   B C4    1 
ATOM   458 N N4    . C   B 1 11 ? -17.232 4.658   -3.202  1.00 22.98 ? 11  C   B N4    1 
ATOM   459 C C5    . C   B 1 11 ? -18.524 3.459   -1.618  1.00 24.31 ? 11  C   B C5    1 
ATOM   460 C C6    . C   B 1 11 ? -18.985 3.414   -0.353  1.00 24.91 ? 11  C   B C6    1 
HETATM 461 O O     . HOH C 2 .  ? -10.248 10.670  9.570   1.00 32.50 ? 27  HOH A O     1 
HETATM 462 O O     . HOH C 2 .  ? 5.424   -2.617  -0.401  1.00 31.25 ? 28  HOH A O     1 
HETATM 463 O O     . HOH C 2 .  ? 7.806   -4.371  -2.622  1.00 27.39 ? 31  HOH A O     1 
HETATM 464 O O     . HOH C 2 .  ? -13.047 10.009  9.352   1.00 34.93 ? 34  HOH A O     1 
HETATM 465 O O     . HOH C 2 .  ? -5.561  2.300   -1.357  1.00 30.93 ? 35  HOH A O     1 
HETATM 466 O O     . HOH C 2 .  ? 1.095   -2.444  -8.025  1.00 32.35 ? 36  HOH A O     1 
HETATM 467 O O     . HOH C 2 .  ? 12.447  -4.289  -5.829  1.00 32.89 ? 37  HOH A O     1 
HETATM 468 O O     . HOH C 2 .  ? 10.099  -5.189  -3.458  1.00 36.64 ? 38  HOH A O     1 
HETATM 469 O O     . HOH C 2 .  ? 13.796  -5.031  -3.432  1.00 31.80 ? 41  HOH A O     1 
HETATM 470 O O     . HOH C 2 .  ? 14.860  -7.593  -2.433  1.00 35.09 ? 42  HOH A O     1 
HETATM 471 O O     . HOH C 2 .  ? 2.329   -6.491  -8.373  1.00 36.34 ? 46  HOH A O     1 
HETATM 472 O O     . HOH C 2 .  ? 15.347  -2.425  -5.309  1.00 36.11 ? 47  HOH A O     1 
HETATM 473 O O     . HOH C 2 .  ? -10.845 5.928   -1.467  1.00 39.98 ? 51  HOH A O     1 
HETATM 474 O O     . HOH C 2 .  ? -2.211  -0.131  3.602   1.00 32.97 ? 53  HOH A O     1 
HETATM 475 O O     . HOH C 2 .  ? -1.704  1.657   5.020   1.00 61.54 ? 54  HOH A O     1 
HETATM 476 O O     . HOH C 2 .  ? 4.443   -5.406  0.425   1.00 37.43 ? 56  HOH A O     1 
HETATM 477 O O     . HOH C 2 .  ? -3.476  -9.272  2.176   1.00 44.87 ? 59  HOH A O     1 
HETATM 478 O O     . HOH C 2 .  ? -8.008  6.893   9.027   1.00 38.93 ? 60  HOH A O     1 
HETATM 479 O O     . HOH C 2 .  ? -7.103  6.353   1.716   1.00 36.60 ? 63  HOH A O     1 
HETATM 480 O O     . HOH C 2 .  ? 17.519  0.652   4.139   1.00 38.03 ? 64  HOH A O     1 
HETATM 481 O O     . HOH C 2 .  ? -14.554 -1.576  4.399   1.00 49.70 ? 65  HOH A O     1 
HETATM 482 O O     . HOH C 2 .  ? -11.497 9.276   -1.289  1.00 53.95 ? 67  HOH A O     1 
HETATM 483 O O     . HOH C 2 .  ? -3.687  0.442   7.708   1.00 42.29 ? 71  HOH A O     1 
HETATM 484 O O     . HOH C 2 .  ? -12.033 13.823  0.585   1.00 65.61 ? 73  HOH A O     1 
HETATM 485 O O     . HOH C 2 .  ? -9.478  -4.011  2.812   1.00 36.35 ? 75  HOH A O     1 
HETATM 486 O O     . HOH C 2 .  ? -2.720  3.144   0.510   1.00 51.51 ? 78  HOH A O     1 
HETATM 487 O O     . HOH C 2 .  ? 13.333  4.404   -0.549  1.00 47.25 ? 79  HOH A O     1 
HETATM 488 O O     . HOH C 2 .  ? 13.747  -6.806  -6.916  1.00 67.60 ? 82  HOH A O     1 
HETATM 489 O O     . HOH C 2 .  ? 16.288  5.573   -5.143  1.00 39.55 ? 87  HOH A O     1 
HETATM 490 O O     . HOH C 2 .  ? -7.869  6.294   5.376   1.00 57.03 ? 88  HOH A O     1 
HETATM 491 O O     . HOH C 2 .  ? -5.881  4.273   6.920   1.00 44.03 ? 92  HOH A O     1 
HETATM 492 O O     . HOH C 2 .  ? 16.934  -4.468  -4.203  1.00 59.00 ? 94  HOH A O     1 
HETATM 493 O O     . HOH C 2 .  ? -9.030  10.279  3.565   1.00 57.26 ? 95  HOH A O     1 
HETATM 494 O O     . HOH C 2 .  ? -6.801  10.042  7.549   1.00 47.08 ? 96  HOH A O     1 
HETATM 495 O O     . HOH C 2 .  ? -6.470  0.933   10.172  1.00 48.04 ? 97  HOH A O     1 
HETATM 496 O O     . HOH C 2 .  ? -4.246  -7.201  4.119   1.00 54.84 ? 98  HOH A O     1 
HETATM 497 O O     . HOH C 2 .  ? -5.240  7.584   5.674   1.00 65.85 ? 102 HOH A O     1 
HETATM 498 O O     . HOH C 2 .  ? 6.104   -5.357  -10.773 1.00 45.99 ? 104 HOH A O     1 
HETATM 499 O O     . HOH C 2 .  ? 19.297  -1.899  -3.503  1.00 34.95 ? 105 HOH A O     1 
HETATM 500 O O     . HOH C 2 .  ? 11.259  1.976   -10.621 1.00 30.49 ? 107 HOH A O     1 
HETATM 501 O O     . HOH C 2 .  ? 1.890   -10.392 -6.323  1.00 36.97 ? 108 HOH A O     1 
HETATM 502 O O     . HOH C 2 .  ? 5.498   -5.805  -2.131  1.00 35.06 ? 110 HOH A O     1 
HETATM 503 O O     . HOH C 2 .  ? 3.348   -5.732  -12.770 1.00 51.61 ? 112 HOH A O     1 
HETATM 504 O O     . HOH C 2 .  ? -4.661  -11.322 2.589   1.00 46.24 ? 118 HOH A O     1 
HETATM 505 O O     . HOH C 2 .  ? 12.273  -4.968  -9.726  1.00 51.80 ? 120 HOH A O     1 
HETATM 506 O O     . HOH C 2 .  ? 18.568  -1.080  -7.531  1.00 56.99 ? 121 HOH A O     1 
HETATM 507 O O     . HOH C 2 .  ? -9.702  7.304   1.468   1.00 46.75 ? 122 HOH A O     1 
HETATM 508 O O     . HOH C 2 .  ? -4.702  -5.051  9.196   1.00 73.06 ? 124 HOH A O     1 
HETATM 509 O O     . HOH C 2 .  ? -14.600 1.123   5.647   1.00 44.71 ? 126 HOH A O     1 
HETATM 510 O O     . HOH C 2 .  ? 25.063  -1.668  0.440   1.00 63.81 ? 131 HOH A O     1 
HETATM 511 O O     . HOH C 2 .  ? 15.799  -8.819  -4.718  1.00 66.86 ? 132 HOH A O     1 
HETATM 512 O O     . HOH C 2 .  ? -6.940  6.828   -1.111  1.00 53.98 ? 133 HOH A O     1 
HETATM 513 O O     . HOH C 2 .  ? 15.401  7.052   -1.259  1.00 78.21 ? 136 HOH A O     1 
HETATM 514 O O     . HOH C 2 .  ? -1.123  -0.834  1.162   1.00 50.70 ? 137 HOH A O     1 
HETATM 515 O O     . HOH C 2 .  ? 3.316   -7.917  -10.333 1.00 71.56 ? 138 HOH A O     1 
HETATM 516 O O     . HOH C 2 .  ? -3.084  3.432   7.015   1.00 56.74 ? 139 HOH A O     1 
HETATM 517 O O     . HOH C 2 .  ? 0.922   1.019   0.720   1.00 65.44 ? 141 HOH A O     1 
HETATM 518 O O     . HOH C 2 .  ? -11.144 2.870   12.115  1.00 58.31 ? 144 HOH A O     1 
HETATM 519 O O     . HOH C 2 .  ? 23.225  2.840   1.177   1.00 63.54 ? 145 HOH A O     1 
HETATM 520 O O     . HOH C 2 .  ? 19.547  4.050   0.882   1.00 87.23 ? 146 HOH A O     1 
HETATM 521 O O     . HOH C 2 .  ? -16.285 0.836   8.644   1.00 54.65 ? 150 HOH A O     1 
HETATM 522 O O     . HOH C 2 .  ? -4.344  3.353   9.658   1.00 60.36 ? 152 HOH A O     1 
HETATM 523 O O     . HOH C 2 .  ? 8.636   -7.985  -3.221  1.00 76.80 ? 155 HOH A O     1 
HETATM 524 O O     . HOH C 2 .  ? 13.607  5.141   -4.559  1.00 73.60 ? 156 HOH A O     1 
HETATM 525 O O     . HOH D 2 .  ? 10.406  -5.548  12.986  1.00 31.59 ? 26  HOH B O     1 
HETATM 526 O O     . HOH D 2 .  ? -10.454 3.355   -5.235  1.00 33.84 ? 29  HOH B O     1 
HETATM 527 O O     . HOH D 2 .  ? 13.181  -5.025  12.460  1.00 35.61 ? 30  HOH B O     1 
HETATM 528 O O     . HOH D 2 .  ? -14.098 3.108   -5.044  1.00 29.68 ? 32  HOH B O     1 
HETATM 529 O O     . HOH D 2 .  ? -7.986  2.958   -4.109  1.00 28.20 ? 33  HOH B O     1 
HETATM 530 O O     . HOH D 2 .  ? -11.558 -6.335  -8.458  1.00 30.51 ? 39  HOH B O     1 
HETATM 531 O O     . HOH D 2 .  ? -1.471  -1.179  -8.271  1.00 30.46 ? 40  HOH B O     1 
HETATM 532 O O     . HOH D 2 .  ? -15.183 5.888   -5.232  1.00 34.44 ? 43  HOH B O     1 
HETATM 533 O O     . HOH D 2 .  ? -12.763 1.625   -6.798  1.00 35.70 ? 44  HOH B O     1 
HETATM 534 O O     . HOH D 2 .  ? 10.862  -5.967  1.023   1.00 37.51 ? 45  HOH B O     1 
HETATM 535 O O     . HOH D 2 .  ? -2.639  2.263   -10.303 1.00 33.56 ? 48  HOH B O     1 
HETATM 536 O O     . HOH D 2 .  ? -15.520 0.057   -5.538  1.00 38.85 ? 49  HOH B O     1 
HETATM 537 O O     . HOH D 2 .  ? 1.763   0.532   5.569   1.00 48.62 ? 50  HOH B O     1 
HETATM 538 O O     . HOH D 2 .  ? 10.887  4.222   10.981  1.00 53.49 ? 52  HOH B O     1 
HETATM 539 O O     . HOH D 2 .  ? -4.460  5.170   -1.788  1.00 37.24 ? 55  HOH B O     1 
HETATM 540 O O     . HOH D 2 .  ? -5.808  4.444   -4.434  1.00 38.07 ? 57  HOH B O     1 
HETATM 541 O O     . HOH D 2 .  ? 11.279  -8.396  2.742   1.00 46.41 ? 58  HOH B O     1 
HETATM 542 O O     . HOH D 2 .  ? 9.766   -8.149  12.894  1.00 50.80 ? 61  HOH B O     1 
HETATM 543 O O     . HOH D 2 .  ? 2.099   1.761   3.151   1.00 34.64 ? 62  HOH B O     1 
HETATM 544 O O     . HOH D 2 .  ? 6.948   -4.828  4.342   1.00 38.97 ? 66  HOH B O     1 
HETATM 545 O O     . HOH D 2 .  ? 14.778  3.520   2.574   1.00 45.95 ? 68  HOH B O     1 
HETATM 546 O O     . HOH D 2 .  ? 6.782   -5.975  1.988   1.00 55.93 ? 69  HOH B O     1 
HETATM 547 O O     . HOH D 2 .  ? 8.112   -2.095  10.953  1.00 40.67 ? 70  HOH B O     1 
HETATM 548 O O     . HOH D 2 .  ? 3.280   9.405   -2.044  1.00 45.06 ? 72  HOH B O     1 
HETATM 549 O O     . HOH D 2 .  ? 6.075   -0.833  7.732   1.00 49.11 ? 74  HOH B O     1 
HETATM 550 O O     . HOH D 2 .  ? -14.211 -7.770  -0.791  1.00 50.87 ? 76  HOH B O     1 
HETATM 551 O O     . HOH D 2 .  ? -12.324 6.159   -8.041  1.00 63.36 ? 77  HOH B O     1 
HETATM 552 O O     . HOH D 2 .  ? 2.439   -1.938  1.679   1.00 49.02 ? 80  HOH B O     1 
HETATM 553 O O     . HOH D 2 .  ? -13.505 -3.948  1.539   1.00 46.32 ? 81  HOH B O     1 
HETATM 554 O O     . HOH D 2 .  ? 7.211   -4.429  6.974   1.00 65.07 ? 83  HOH B O     1 
HETATM 555 O O     . HOH D 2 .  ? -23.269 2.333   -2.141  1.00 58.91 ? 84  HOH B O     1 
HETATM 556 O O     . HOH D 2 .  ? 9.552   4.735   0.538   1.00 44.92 ? 85  HOH B O     1 
HETATM 557 O O     . HOH D 2 .  ? 3.727   3.150   6.815   1.00 51.86 ? 86  HOH B O     1 
HETATM 558 O O     . HOH D 2 .  ? -6.551  0.382   -12.005 1.00 43.42 ? 89  HOH B O     1 
HETATM 559 O O     . HOH D 2 .  ? 8.985   -8.237  7.553   1.00 54.42 ? 90  HOH B O     1 
HETATM 560 O O     . HOH D 2 .  ? -8.645  5.959   -5.626  1.00 48.88 ? 91  HOH B O     1 
HETATM 561 O O     . HOH D 2 .  ? -18.739 -2.069  -7.082  1.00 53.22 ? 93  HOH B O     1 
HETATM 562 O O     . HOH D 2 .  ? 5.100   -4.378  8.398   1.00 61.98 ? 99  HOH B O     1 
HETATM 563 O O     . HOH D 2 .  ? -19.527 0.452   -3.637  1.00 35.86 ? 100 HOH B O     1 
HETATM 564 O O     . HOH D 2 .  ? -16.648 -7.052  -1.737  1.00 41.59 ? 101 HOH B O     1 
HETATM 565 O O     . HOH D 2 .  ? -14.270 3.019   -8.658  1.00 68.04 ? 103 HOH B O     1 
HETATM 566 O O     . HOH D 2 .  ? -2.291  6.729   -10.180 1.00 34.62 ? 106 HOH B O     1 
HETATM 567 O O     . HOH D 2 .  ? 8.331   -4.342  0.300   1.00 42.07 ? 109 HOH B O     1 
HETATM 568 O O     . HOH D 2 .  ? 14.409  1.672   5.371   1.00 48.28 ? 111 HOH B O     1 
HETATM 569 O O     . HOH D 2 .  ? 4.709   11.548  -2.626  1.00 50.70 ? 113 HOH B O     1 
HETATM 570 O O     . HOH D 2 .  ? -16.914 2.375   -5.309  1.00 53.30 ? 114 HOH B O     1 
HETATM 571 O O     . HOH D 2 .  ? 6.875   3.598   9.601   1.00 51.75 ? 116 HOH B O     1 
HETATM 572 O O     . HOH D 2 .  ? 5.756   9.092   5.717   1.00 56.74 ? 117 HOH B O     1 
HETATM 573 O O     . HOH D 2 .  ? -17.562 1.530   4.535   1.00 39.19 ? 119 HOH B O     1 
HETATM 574 O O     . HOH D 2 .  ? 9.482   -4.004  14.972  1.00 54.88 ? 123 HOH B O     1 
HETATM 575 O O     . HOH D 2 .  ? -25.526 1.227   1.055   1.00 54.24 ? 125 HOH B O     1 
HETATM 576 O O     . HOH D 2 .  ? 13.108  5.095   2.677   1.00 60.58 ? 127 HOH B O     1 
HETATM 577 O O     . HOH D 2 .  ? 6.857   -5.753  11.058  1.00 52.37 ? 128 HOH B O     1 
HETATM 578 O O     . HOH D 2 .  ? 16.319  1.953   7.647   1.00 55.26 ? 129 HOH B O     1 
HETATM 579 O O     . HOH D 2 .  ? 11.699  -6.764  -1.068  1.00 64.07 ? 130 HOH B O     1 
HETATM 580 O O     . HOH D 2 .  ? -16.076 6.317   -7.926  1.00 66.13 ? 134 HOH B O     1 
HETATM 581 O O     . HOH D 2 .  ? 2.951   0.215   7.483   1.00 45.25 ? 135 HOH B O     1 
HETATM 582 O O     . HOH D 2 .  ? 8.140   -8.693  10.881  1.00 68.80 ? 140 HOH B O     1 
HETATM 583 O O     . HOH D 2 .  ? 5.885   -9.010  1.046   1.00 80.84 ? 142 HOH B O     1 
HETATM 584 O O     . HOH D 2 .  ? -23.143 -2.444  3.341   1.00 56.91 ? 143 HOH B O     1 
HETATM 585 O O     . HOH D 2 .  ? -22.096 -2.358  -2.878  1.00 67.22 ? 147 HOH B O     1 
HETATM 586 O O     . HOH D 2 .  ? 6.421   -9.623  3.971   1.00 70.35 ? 148 HOH B O     1 
HETATM 587 O O     . HOH D 2 .  ? 4.606   6.063   8.528   1.00 60.25 ? 149 HOH B O     1 
# 
loop_
_atom_site_anisotrop.id 
_atom_site_anisotrop.type_symbol 
_atom_site_anisotrop.pdbx_label_atom_id 
_atom_site_anisotrop.pdbx_label_alt_id 
_atom_site_anisotrop.pdbx_label_comp_id 
_atom_site_anisotrop.pdbx_label_asym_id 
_atom_site_anisotrop.pdbx_label_seq_id 
_atom_site_anisotrop.pdbx_PDB_ins_code 
_atom_site_anisotrop.U[1][1] 
_atom_site_anisotrop.U[2][2] 
_atom_site_anisotrop.U[3][3] 
_atom_site_anisotrop.U[1][2] 
_atom_site_anisotrop.U[1][3] 
_atom_site_anisotrop.U[2][3] 
_atom_site_anisotrop.pdbx_auth_seq_id 
_atom_site_anisotrop.pdbx_auth_comp_id 
_atom_site_anisotrop.pdbx_auth_asym_id 
_atom_site_anisotrop.pdbx_auth_atom_id 
1   O "O5'" . G   A 1  ? 0.3405 0.5267 0.4383 -0.0341 -0.0327 -0.1210 1   G   A "O5'" 
2   C "C5'" . G   A 1  ? 0.3669 0.4021 0.3973 -0.0211 -0.0582 -0.0728 1   G   A "C5'" 
3   C "C4'" . G   A 1  ? 0.3905 0.3415 0.3941 -0.0004 -0.0705 -0.0688 1   G   A "C4'" 
4   O "O4'" . G   A 1  ? 0.3540 0.3068 0.3769 0.0059  -0.0402 -0.0352 1   G   A "O4'" 
5   C "C3'" . G   A 1  ? 0.2980 0.3750 0.3807 0.0262  -0.0479 -0.1077 1   G   A "C3'" 
6   O "O3'" . G   A 1  ? 0.3546 0.3747 0.4078 0.0620  -0.0871 -0.1518 1   G   A "O3'" 
7   C "C2'" . G   A 1  ? 0.3029 0.3321 0.3258 0.0448  -0.0331 -0.0418 1   G   A "C2'" 
8   O "O2'" . G   A 1  ? 0.3285 0.3530 0.3129 0.0495  -0.0561 -0.0682 1   G   A "O2'" 
9   C "C1'" . G   A 1  ? 0.2810 0.3014 0.3235 0.0303  -0.0160 -0.0289 1   G   A "C1'" 
10  N N9    . G   A 1  ? 0.2688 0.3155 0.3221 0.0513  -0.0215 -0.0326 1   G   A N9    
11  C C8    . G   A 1  ? 0.2870 0.2856 0.3203 0.0477  -0.0217 -0.0350 1   G   A C8    
12  N N7    . G   A 1  ? 0.2795 0.2984 0.3328 0.0008  -0.0034 -0.0505 1   G   A N7    
13  C C5    . G   A 1  ? 0.2224 0.3301 0.3115 -0.0226 -0.0269 -0.0444 1   G   A C5    
14  C C6    . G   A 1  ? 0.2534 0.3222 0.3260 -0.0252 -0.0026 -0.0450 1   G   A C6    
15  O O6    . G   A 1  ? 0.2339 0.2730 0.2987 -0.0045 -0.0346 -0.0140 1   G   A O6    
16  N N1    . G   A 1  ? 0.2251 0.3012 0.2642 0.0073  -0.0531 -0.0270 1   G   A N1    
17  C C2    . G   A 1  ? 0.2777 0.3563 0.2751 -0.0195 -0.0346 -0.0494 1   G   A C2    
18  N N2    . G   A 1  ? 0.2205 0.3278 0.2826 0.0472  -0.0051 -0.0453 1   G   A N2    
19  N N3    . G   A 1  ? 0.2219 0.3330 0.3150 0.0393  0.0115  -0.0566 1   G   A N3    
20  C C4    . G   A 1  ? 0.2746 0.3488 0.3106 -0.0100 -0.0205 -0.0470 1   G   A C4    
21  P P     . G   A 2  ? 0.3074 0.4143 0.4042 0.0443  -0.0426 -0.0712 2   G   A P     
22  O OP1   . G   A 2  ? 0.2483 0.5487 0.4226 0.0310  -0.0317 -0.0854 2   G   A OP1   
23  O OP2   . G   A 2  ? 0.3574 0.3177 0.4141 0.0459  -0.0231 -0.0448 2   G   A OP2   
24  O "O5'" . G   A 2  ? 0.3695 0.3825 0.2861 0.0656  -0.0065 -0.0792 2   G   A "O5'" 
25  C "C5'" . G   A 2  ? 0.3160 0.3669 0.3101 0.0846  -0.0020 -0.1106 2   G   A "C5'" 
26  C "C4'" . G   A 2  ? 0.3030 0.3774 0.3383 0.0638  -0.0347 -0.0919 2   G   A "C4'" 
27  O "O4'" . G   A 2  ? 0.3361 0.3656 0.3375 0.0841  -0.0442 -0.0886 2   G   A "O4'" 
28  C "C3'" . G   A 2  ? 0.3326 0.3426 0.3375 0.0652  -0.0401 -0.0760 2   G   A "C3'" 
29  O "O3'" . G   A 2  ? 0.3799 0.3577 0.3024 0.0931  -0.0277 -0.0986 2   G   A "O3'" 
30  C "C2'" . G   A 2  ? 0.3768 0.3285 0.3092 0.0288  -0.0372 -0.0276 2   G   A "C2'" 
31  O "O2'" . G   A 2  ? 0.3516 0.3102 0.3458 0.0857  0.0121  -0.0431 2   G   A "O2'" 
32  C "C1'" . G   A 2  ? 0.3608 0.3430 0.3000 0.0651  -0.0368 -0.0593 2   G   A "C1'" 
33  N N9    . G   A 2  ? 0.2982 0.3053 0.3036 0.0598  -0.0461 -0.0490 2   G   A N9    
34  C C8    . G   A 2  ? 0.2591 0.3012 0.3576 0.0586  -0.0498 -0.0512 2   G   A C8    
35  N N7    . G   A 2  ? 0.2873 0.3383 0.3575 0.0100  -0.0257 -0.0445 2   G   A N7    
36  C C5    . G   A 2  ? 0.2394 0.3332 0.3117 0.0378  -0.0374 -0.0407 2   G   A C5    
37  C C6    . G   A 2  ? 0.1608 0.3187 0.3194 0.0482  -0.0263 -0.0268 2   G   A C6    
38  O O6    . G   A 2  ? 0.2903 0.3041 0.3216 0.0322  -0.0053 -0.0169 2   G   A O6    
39  N N1    . G   A 2  ? 0.2025 0.3147 0.2926 0.0420  -0.0432 -0.0114 2   G   A N1    
40  C C2    . G   A 2  ? 0.2777 0.3110 0.2846 0.0152  -0.0243 -0.0400 2   G   A C2    
41  N N2    . G   A 2  ? 0.2550 0.3443 0.2919 -0.0247 -0.0060 -0.0642 2   G   A N2    
42  N N3    . G   A 2  ? 0.2894 0.3052 0.2887 0.0451  -0.0420 -0.0427 2   G   A N3    
43  C C4    . G   A 2  ? 0.3134 0.3085 0.2890 0.0337  -0.0442 -0.0430 2   G   A C4    
44  P P     . U   A 3  ? 0.3827 0.3765 0.3494 0.0947  -0.0551 -0.0775 3   U   A P     
45  O OP1   . U   A 3  ? 0.3948 0.4634 0.3570 0.0779  -0.0721 -0.0608 3   U   A OP1   
46  O OP2   . U   A 3  ? 0.3318 0.3536 0.3679 0.0844  -0.0975 -0.0772 3   U   A OP2   
47  O "O5'" . U   A 3  ? 0.3280 0.3535 0.3974 0.0908  -0.0436 -0.0843 3   U   A "O5'" 
48  C "C5'" . U   A 3  ? 0.3585 0.3480 0.3015 0.1193  -0.0436 -0.0534 3   U   A "C5'" 
49  C "C4'" . U   A 3  ? 0.3345 0.3491 0.3181 0.0885  -0.0329 -0.0617 3   U   A "C4'" 
50  O "O4'" . U   A 3  ? 0.3438 0.3222 0.2998 0.0631  -0.0235 -0.0582 3   U   A "O4'" 
51  C "C3'" . U   A 3  ? 0.3185 0.3257 0.2863 0.0468  -0.0087 -0.0534 3   U   A "C3'" 
52  O "O3'" . U   A 3  ? 0.3300 0.4064 0.2786 0.1115  0.0134  -0.0358 3   U   A "O3'" 
53  C "C2'" . U   A 3  ? 0.2715 0.2918 0.3062 0.0251  -0.0261 -0.0430 3   U   A "C2'" 
54  O "O2'" . U   A 3  ? 0.3445 0.2832 0.3726 0.0157  -0.0429 -0.0193 3   U   A "O2'" 
55  C "C1'" . U   A 3  ? 0.2900 0.2714 0.3168 0.0416  -0.0196 -0.0654 3   U   A "C1'" 
56  N N1    . U   A 3  ? 0.3028 0.2877 0.3181 0.0351  -0.0337 -0.0472 3   U   A N1    
57  C C2    . U   A 3  ? 0.2951 0.3274 0.3279 0.0179  -0.0122 -0.0561 3   U   A C2    
58  O O2    . U   A 3  ? 0.2506 0.3062 0.2938 0.0685  -0.0355 -0.0390 3   U   A O2    
59  N N3    . U   A 3  ? 0.1836 0.3430 0.3370 0.0369  -0.0411 -0.0370 3   U   A N3    
60  C C4    . U   A 3  ? 0.1965 0.3154 0.3755 0.0615  -0.0048 -0.0242 3   U   A C4    
61  O O4    . U   A 3  ? 0.2989 0.3409 0.3609 0.0470  -0.0586 0.0288  3   U   A O4    
62  C C5    . U   A 3  ? 0.2356 0.2892 0.3687 0.0506  -0.0252 -0.0336 3   U   A C5    
63  C C6    . U   A 3  ? 0.2691 0.2780 0.3404 0.0438  -0.0316 -0.0423 3   U   A C6    
64  P P     . C   A 4  ? 0.3369 0.3846 0.3185 0.0824  -0.0047 -0.0344 4   C   A P     
65  O OP1   . C   A 4  ? 0.3669 0.4141 0.3378 0.0917  -0.0373 -0.0091 4   C   A OP1   
66  O OP2   . C   A 4  ? 0.4038 0.3927 0.3288 0.0789  -0.0386 -0.0586 4   C   A OP2   
67  O "O5'" . C   A 4  ? 0.2892 0.3851 0.3287 0.0907  -0.0127 -0.0507 4   C   A "O5'" 
68  C "C5'" . C   A 4  ? 0.3747 0.3988 0.3042 0.0418  0.0040  -0.0370 4   C   A "C5'" 
69  C "C4'" . C   A 4  ? 0.3119 0.3504 0.2983 0.0587  -0.0182 -0.0179 4   C   A "C4'" 
70  O "O4'" . C   A 4  ? 0.3062 0.2854 0.3203 0.0497  -0.0163 -0.0591 4   C   A "O4'" 
71  C "C3'" . C   A 4  ? 0.3202 0.2763 0.3234 0.0493  -0.0204 -0.0380 4   C   A "C3'" 
72  O "O3'" . C   A 4  ? 0.3423 0.3148 0.3497 0.0910  0.0293  -0.0239 4   C   A "O3'" 
73  C "C2'" . C   A 4  ? 0.3387 0.2737 0.3033 0.0725  0.0173  -0.0610 4   C   A "C2'" 
74  O "O2'" . C   A 4  ? 0.3196 0.2688 0.3253 0.0570  0.0080  -0.0566 4   C   A "O2'" 
75  C "C1'" . C   A 4  ? 0.3158 0.2613 0.3064 0.0535  -0.0213 -0.0636 4   C   A "C1'" 
76  N N1    . C   A 4  ? 0.3396 0.2582 0.3589 0.0618  -0.0095 -0.0745 4   C   A N1    
77  C C2    . C   A 4  ? 0.2996 0.2832 0.3885 -0.0007 -0.0051 -0.0800 4   C   A C2    
78  O O2    . C   A 4  ? 0.3772 0.3025 0.3488 0.0264  -0.0549 -0.0498 4   C   A O2    
79  N N3    . C   A 4  ? 0.2751 0.2779 0.4258 0.0106  -0.0335 -0.0746 4   C   A N3    
80  C C4    . C   A 4  ? 0.2852 0.2828 0.4466 0.0289  -0.0194 -0.1037 4   C   A C4    
81  N N4    . C   A 4  ? 0.2845 0.2860 0.5018 0.0412  0.0066  -0.1205 4   C   A N4    
82  C C5    . C   A 4  ? 0.2107 0.2956 0.3996 0.0367  -0.0515 -0.1129 4   C   A C5    
83  C C6    . C   A 4  ? 0.2877 0.2891 0.3665 0.0312  -0.0205 -0.1045 4   C   A C6    
84  P P     . A   A 5  ? 0.3574 0.4307 0.4695 0.1075  -0.0184 -0.0155 5   A   A P     
85  O OP1   . A   A 5  ? 0.4433 0.5177 0.4794 0.2086  -0.0390 0.0288  5   A   A OP1   
86  O OP2   . A   A 5  ? 0.3295 0.6049 0.5953 0.1831  -0.1244 -0.1773 5   A   A OP2   
87  O "O5'" . A   A 5  ? 0.3247 0.3839 0.5280 0.0975  0.0693  -0.0079 5   A   A "O5'" 
88  C "C5'" . A   A 5  ? 0.3358 0.3335 0.5224 0.1245  0.0258  0.0202  5   A   A "C5'" 
89  C "C4'" . A   A 5  ? 0.3980 0.3859 0.3878 0.0734  0.0547  0.0237  5   A   A "C4'" 
90  O "O4'" . A   A 5  ? 0.3471 0.3326 0.3880 0.0395  0.0970  0.0533  5   A   A "O4'" 
91  C "C3'" . A   A 5  ? 0.4572 0.3453 0.3937 0.1381  0.0671  0.0675  5   A   A "C3'" 
92  O "O3'" . A   A 5  ? 0.4472 0.3379 0.4278 0.1005  0.0883  0.1420  5   A   A "O3'" 
93  C "C2'" . A   A 5  ? 0.4749 0.3355 0.3065 0.0901  0.1008  0.0955  5   A   A "C2'" 
94  O "O2'" . A   A 5  ? 0.5837 0.3256 0.4140 0.0406  0.1910  0.0326  5   A   A "O2'" 
95  C "C1'" . A   A 5  ? 0.4444 0.3535 0.3727 0.0897  0.0522  0.0752  5   A   A "C1'" 
96  N N9    . A   A 5  ? 0.3592 0.2987 0.3705 0.0766  0.0595  0.0406  5   A   A N9    
97  C C8    . A   A 5  ? 0.2392 0.3432 0.3472 0.0324  0.0563  0.0037  5   A   A C8    
98  N N7    . A   A 5  ? 0.2969 0.2928 0.3450 0.0281  0.0371  -0.0030 5   A   A N7    
99  C C5    . A   A 5  ? 0.2880 0.2741 0.3481 0.0023  0.0052  0.0179  5   A   A C5    
100 C C6    . A   A 5  ? 0.2640 0.2453 0.3474 -0.0616 -0.0048 0.0044  5   A   A C6    
101 N N6    . A   A 5  ? 0.2326 0.2384 0.3405 -0.0275 -0.0100 0.0028  5   A   A N6    
102 N N1    . A   A 5  ? 0.2986 0.2176 0.3860 0.0220  0.0545  -0.0287 5   A   A N1    
103 C C2    . A   A 5  ? 0.3174 0.2146 0.4111 0.0036  0.0303  -0.0243 5   A   A C2    
104 N N3    . A   A 5  ? 0.2632 0.2901 0.4228 -0.0222 0.0799  0.0032  5   A   A N3    
105 C C4    . A   A 5  ? 0.3123 0.3128 0.3613 -0.0649 0.0323  0.0315  5   A   A C4    
106 P P     . C   A 6  ? 0.4513 0.4881 0.4161 0.1437  0.0669  0.1295  6   C   A P     
107 O OP1   . C   A 6  ? 0.5451 0.5940 0.5328 0.2267  0.0224  0.1834  6   C   A OP1   
108 O OP2   . C   A 6  ? 0.3319 0.5831 0.3698 0.1481  0.0384  0.0540  6   C   A OP2   
109 O "O5'" . C   A 6  ? 0.4516 0.4103 0.4305 0.1066  0.0930  0.0620  6   C   A "O5'" 
110 C "C5'" . C   A 6  ? 0.4214 0.3642 0.4446 0.0898  0.0522  0.1152  6   C   A "C5'" 
111 C "C4'" . C   A 6  ? 0.4155 0.3482 0.4461 0.0658  0.0430  0.1139  6   C   A "C4'" 
112 O "O4'" . C   A 6  ? 0.4253 0.3065 0.4327 0.0487  0.1117  0.1403  6   C   A "O4'" 
113 C "C3'" . C   A 6  ? 0.4085 0.4104 0.4208 0.0586  0.0423  0.0918  6   C   A "C3'" 
114 O "O3'" . C   A 6  ? 0.4598 0.4106 0.4135 0.0697  0.0707  0.1014  6   C   A "O3'" 
115 C "C2'" . C   A 6  ? 0.4024 0.3864 0.3115 0.0659  0.0743  0.0274  6   C   A "C2'" 
116 O "O2'" . C   A 6  ? 0.3819 0.3557 0.3582 0.0194  0.1195  0.0093  6   C   A "O2'" 
117 C "C1'" . C   A 6  ? 0.4052 0.2960 0.3087 0.0302  0.1071  0.0594  6   C   A "C1'" 
118 N N1    . C   A 6  ? 0.2966 0.3030 0.3481 0.0211  0.0589  0.0516  6   C   A N1    
119 C C2    . C   A 6  ? 0.3223 0.2925 0.3506 0.0576  0.0302  0.0473  6   C   A C2    
120 O O2    . C   A 6  ? 0.2785 0.3308 0.3541 0.0104  -0.0035 0.0602  6   C   A O2    
121 N N3    . C   A 6  ? 0.2938 0.2990 0.3801 0.0189  -0.0107 0.0535  6   C   A N3    
122 C C4    . C   A 6  ? 0.3380 0.2912 0.3778 -0.0289 0.0398  0.0382  6   C   A C4    
123 N N4    . C   A 6  ? 0.2476 0.2992 0.4367 0.0081  -0.0002 0.0129  6   C   A N4    
124 C C5    . C   A 6  ? 0.3440 0.3047 0.3594 0.0083  0.0576  0.0398  6   C   A C5    
125 C C6    . C   A 6  ? 0.2321 0.2896 0.3523 0.0216  0.0397  0.0492  6   C   A C6    
126 P P     . A   A 7  ? 0.4675 0.4032 0.5185 0.0752  0.1024  0.1038  7   A   A P     
127 O OP1   . A   A 7  ? 0.6397 0.5127 0.5804 0.2320  0.1730  0.1246  7   A   A OP1   
128 O OP2   . A   A 7  ? 0.3465 0.7804 0.4740 0.1308  0.0979  -0.0176 7   A   A OP2   
129 O "O5'" . A   A 7  ? 0.5251 0.3924 0.4855 -0.0200 0.0760  0.0826  7   A   A "O5'" 
130 C "C5'" . A   A 7  ? 0.4002 0.3205 0.5669 0.0770  0.0948  0.0360  7   A   A "C5'" 
131 C "C4'" . A   A 7  ? 0.3308 0.2901 0.4904 0.0296  0.0828  -0.0160 7   A   A "C4'" 
132 O "O4'" . A   A 7  ? 0.2878 0.2765 0.4021 -0.0025 0.0489  -0.0211 7   A   A "O4'" 
133 C "C3'" . A   A 7  ? 0.2752 0.3159 0.3645 0.0307  0.0287  -0.0462 7   A   A "C3'" 
134 O "O3'" . A   A 7  ? 0.3143 0.3269 0.3264 0.0376  0.0282  -0.0315 7   A   A "O3'" 
135 C "C2'" . A   A 7  ? 0.2543 0.3044 0.2925 -0.0038 0.0231  -0.0376 7   A   A "C2'" 
136 O "O2'" . A   A 7  ? 0.2873 0.3984 0.2983 -0.0299 0.0172  -0.0541 7   A   A "O2'" 
137 C "C1'" . A   A 7  ? 0.2640 0.2795 0.3111 0.0102  0.0355  -0.0137 7   A   A "C1'" 
138 N N9    . A   A 7  ? 0.2304 0.2920 0.2933 -0.0220 0.0415  -0.0051 7   A   A N9    
139 C C8    . A   A 7  ? 0.3169 0.2731 0.3028 0.0211  0.0074  0.0140  7   A   A C8    
140 N N7    . A   A 7  ? 0.3072 0.2638 0.2854 0.0641  0.0052  0.0190  7   A   A N7    
141 C C5    . A   A 7  ? 0.2173 0.2744 0.2767 0.0048  0.0132  0.0102  7   A   A C5    
142 C C6    . A   A 7  ? 0.2529 0.2717 0.2906 0.0242  -0.0182 0.0067  7   A   A C6    
143 N N6    . A   A 7  ? 0.2310 0.2405 0.2973 0.0301  0.0244  0.0099  7   A   A N6    
144 N N1    . A   A 7  ? 0.2400 0.2695 0.2904 -0.0097 -0.0046 0.0014  7   A   A N1    
145 C C2    . A   A 7  ? 0.3008 0.2759 0.2909 0.0068  -0.0032 -0.0006 7   A   A C2    
146 N N3    . A   A 7  ? 0.2718 0.2907 0.2696 -0.0112 -0.0252 0.0024  7   A   A N3    
147 C C4    . A   A 7  ? 0.2414 0.2849 0.2796 -0.0190 0.0288  0.0020  7   A   A C4    
148 P P     . G   A 8  ? 0.3045 0.3409 0.3429 0.0192  0.0680  -0.0182 8   G   A P     
149 O OP1   . G   A 8  ? 0.3105 0.4826 0.3808 -0.0051 0.0402  -0.1400 8   G   A OP1   
150 O OP2   . G   A 8  ? 0.3036 0.3129 0.3852 0.0156  0.0119  -0.0132 8   G   A OP2   
151 O "O5'" . G   A 8  ? 0.3361 0.3385 0.3371 0.0147  0.0479  0.0008  8   G   A "O5'" 
152 C "C5'" . G   A 8  ? 0.2520 0.3361 0.2822 -0.0071 0.0143  -0.0369 8   G   A "C5'" 
153 C "C4'" . G   A 8  ? 0.2485 0.3218 0.3210 0.0231  0.0186  -0.0268 8   G   A "C4'" 
154 O "O4'" . G   A 8  ? 0.2538 0.2936 0.2600 0.0124  0.0029  0.0044  8   G   A "O4'" 
155 C "C3'" . G   A 8  ? 0.2600 0.3143 0.3042 -0.0248 0.0326  -0.0338 8   G   A "C3'" 
156 O "O3'" . G   A 8  ? 0.2620 0.3786 0.2760 -0.0235 0.0274  -0.0358 8   G   A "O3'" 
157 C "C2'" . G   A 8  ? 0.2716 0.2624 0.2962 -0.0272 0.0575  0.0266  8   G   A "C2'" 
158 O "O2'" . G   A 8  ? 0.2590 0.3246 0.2517 -0.0452 -0.0054 0.0376  8   G   A "O2'" 
159 C "C1'" . G   A 8  ? 0.2428 0.3008 0.2446 -0.0188 0.0144  0.0161  8   G   A "C1'" 
160 N N9    . G   A 8  ? 0.2519 0.3058 0.2500 -0.0275 0.0413  0.0051  8   G   A N9    
161 C C8    . G   A 8  ? 0.2143 0.3081 0.2552 -0.0124 0.0272  0.0233  8   G   A C8    
162 N N7    . G   A 8  ? 0.2230 0.3333 0.2547 -0.0150 0.0175  0.0282  8   G   A N7    
163 C C5    . G   A 8  ? 0.2907 0.3281 0.2490 -0.0095 -0.0147 0.0333  8   G   A C5    
164 C C6    . G   A 8  ? 0.2834 0.3508 0.2484 0.0046  -0.0184 0.0350  8   G   A C6    
165 O O6    . G   A 8  ? 0.2798 0.3560 0.2494 0.0565  0.0138  0.0404  8   G   A O6    
166 N N1    . G   A 8  ? 0.2557 0.3308 0.2544 0.0524  -0.0233 0.0145  8   G   A N1    
167 C C2    . G   A 8  ? 0.3982 0.3133 0.2604 0.0163  -0.0265 0.0068  8   G   A C2    
168 N N2    . G   A 8  ? 0.3092 0.3562 0.2651 -0.0157 -0.0245 -0.0063 8   G   A N2    
169 N N3    . G   A 8  ? 0.3608 0.3163 0.2584 -0.0206 -0.0307 0.0146  8   G   A N3    
170 C C4    . G   A 8  ? 0.2489 0.2970 0.2456 0.0266  -0.0027 0.0180  8   G   A C4    
171 P P     . C   A 9  ? 0.2681 0.3749 0.3523 -0.0059 0.0361  0.0022  9   C   A P     
172 O OP1   . C   A 9  ? 0.2498 0.4426 0.3760 0.0061  0.0316  0.0299  9   C   A OP1   
173 O OP2   . C   A 9  ? 0.3421 0.3441 0.3914 0.0237  0.0851  -0.0219 9   C   A OP2   
174 O "O5'" . C   A 9  ? 0.2432 0.3679 0.3619 -0.0682 0.0045  0.0371  9   C   A "O5'" 
175 C "C5'" . C   A 9  ? 0.3555 0.3662 0.3137 -0.0437 -0.0052 0.0453  9   C   A "C5'" 
176 C "C4'" . C   A 9  ? 0.3253 0.3674 0.3064 -0.0627 -0.0147 0.0541  9   C   A "C4'" 
177 O "O4'" . C   A 9  ? 0.3132 0.3233 0.3129 -0.0243 -0.0268 0.0474  9   C   A "O4'" 
178 C "C3'" . C   A 9  ? 0.2953 0.3660 0.3225 -0.0537 0.0000  0.0604  9   C   A "C3'" 
179 O "O3'" . C   A 9  ? 0.3101 0.3730 0.3740 -0.0652 0.0094  0.1060  9   C   A "O3'" 
180 C "C2'" . C   A 9  ? 0.3041 0.3683 0.3179 -0.0532 -0.0278 0.0351  9   C   A "C2'" 
181 O "O2'" . C   A 9  ? 0.3951 0.3729 0.3446 -0.0683 -0.0783 0.0394  9   C   A "O2'" 
182 C "C1'" . C   A 9  ? 0.2953 0.3853 0.3139 -0.0349 -0.0111 0.0727  9   C   A "C1'" 
183 N N1    . C   A 9  ? 0.2445 0.3606 0.3054 0.0016  0.0014  0.0611  9   C   A N1    
184 C C2    . C   A 9  ? 0.3401 0.2981 0.3063 0.0048  0.0118  0.0408  9   C   A C2    
185 O O2    . C   A 9  ? 0.3444 0.2962 0.3153 -0.0052 -0.0439 0.0618  9   C   A O2    
186 N N3    . C   A 9  ? 0.2766 0.2864 0.2725 0.0292  -0.0319 0.0496  9   C   A N3    
187 C C4    . C   A 9  ? 0.2977 0.3128 0.2504 -0.0095 -0.0112 0.0499  9   C   A C4    
188 N N4    . C   A 9  ? 0.2297 0.3100 0.2672 0.0089  -0.0144 0.0574  9   C   A N4    
189 C C5    . C   A 9  ? 0.2339 0.3213 0.2501 0.0574  -0.0191 0.0768  9   C   A C5    
190 C C6    . C   A 9  ? 0.2333 0.3445 0.2876 0.0329  0.0423  0.0577  9   C   A C6    
191 P P     . C   A 10 ? 0.2923 0.4538 0.3624 -0.0516 -0.0159 0.0664  10  C   A P     
192 O OP1   . C   A 10 ? 0.3078 0.5085 0.3864 -0.0340 -0.0006 0.1469  10  C   A OP1   
193 O OP2   . C   A 10 ? 0.3412 0.4242 0.3177 -0.0012 0.0122  0.0724  10  C   A OP2   
194 O "O5'" . C   A 10 ? 0.4006 0.3297 0.3523 -0.0354 0.0034  0.0942  10  C   A "O5'" 
195 C "C5'" . C   A 10 ? 0.3922 0.3404 0.3508 -0.0232 -0.0014 0.0854  10  C   A "C5'" 
196 C "C4'" . C   A 10 ? 0.3357 0.3247 0.3530 -0.0182 0.0019  0.0998  10  C   A "C4'" 
197 O "O4'" . C   A 10 ? 0.3054 0.3557 0.3452 -0.0197 -0.0497 0.1152  10  C   A "O4'" 
198 C "C3'" . C   A 10 ? 0.2967 0.2986 0.3894 -0.0318 0.0100  0.1005  10  C   A "C3'" 
199 O "O3'" . C   A 10 ? 0.3158 0.3199 0.3888 -0.0509 -0.0174 0.0714  10  C   A "O3'" 
200 C "C2'" . C   A 10 ? 0.2804 0.2834 0.3268 0.0019  -0.0407 0.0586  10  C   A "C2'" 
201 O "O2'" . C   A 10 ? 0.4038 0.3371 0.3757 -0.0444 -0.1319 0.0558  10  C   A "O2'" 
202 C "C1'" . C   A 10 ? 0.2763 0.3344 0.2988 -0.0274 -0.0369 0.0780  10  C   A "C1'" 
203 N N1    . C   A 10 ? 0.2600 0.3272 0.3082 -0.0178 0.0124  0.0459  10  C   A N1    
204 C C2    . C   A 10 ? 0.2872 0.2988 0.2836 -0.0200 -0.0190 0.0323  10  C   A C2    
205 O O2    . C   A 10 ? 0.2627 0.3140 0.2867 0.0094  -0.0014 -0.0058 10  C   A O2    
206 N N3    . C   A 10 ? 0.2440 0.2808 0.2870 0.0078  -0.0091 0.0192  10  C   A N3    
207 C C4    . C   A 10 ? 0.2980 0.2960 0.2788 -0.0290 -0.0018 0.0319  10  C   A C4    
208 N N4    . C   A 10 ? 0.2562 0.2854 0.2461 0.0025  0.0033  0.0264  10  C   A N4    
209 C C5    . C   A 10 ? 0.3208 0.3160 0.3038 -0.0308 -0.0156 0.0667  10  C   A C5    
210 C C6    . C   A 10 ? 0.2736 0.3508 0.3013 -0.0503 -0.0005 0.0623  10  C   A C6    
211 P P     . C   A 11 ? 0.2864 0.4148 0.3440 -0.0278 0.0018  0.0720  11  C   A P     
212 O OP1   . C   A 11 ? 0.3005 0.5220 0.4317 -0.0629 -0.0638 0.1870  11  C   A OP1   
213 O OP2   . C   A 11 ? 0.2997 0.5003 0.3144 -0.0055 0.0626  0.0427  11  C   A OP2   
214 O "O5'" . C   A 11 ? 0.2471 0.3656 0.3182 0.0167  0.0010  0.0458  11  C   A "O5'" 
215 C "C5'" . C   A 11 ? 0.2573 0.2888 0.3379 0.0010  -0.0238 0.0366  11  C   A "C5'" 
216 C "C4'" . C   A 11 ? 0.2332 0.3212 0.3126 0.0182  -0.0201 0.0460  11  C   A "C4'" 
217 O "O4'" . C   A 11 ? 0.2364 0.2974 0.2783 0.0207  -0.0296 0.0407  11  C   A "O4'" 
218 C "C3'" . C   A 11 ? 0.2457 0.3205 0.3615 0.0352  0.0101  0.0979  11  C   A "C3'" 
219 O "O3'" . C   A 11 ? 0.2423 0.3188 0.3196 0.0411  0.0132  -0.0081 11  C   A "O3'" 
220 C "C2'" . C   A 11 ? 0.2454 0.3247 0.2346 0.0348  -0.0075 0.0628  11  C   A "C2'" 
221 O "O2'" . C   A 11 ? 0.3124 0.3528 0.2379 0.1324  -0.0134 0.0100  11  C   A "O2'" 
222 C "C1'" . C   A 11 ? 0.2375 0.2889 0.2533 0.0283  -0.0135 0.0321  11  C   A "C1'" 
223 N N1    . C   A 11 ? 0.2307 0.2931 0.2605 0.0334  -0.0125 0.0274  11  C   A N1    
224 C C2    . C   A 11 ? 0.1846 0.3495 0.3024 0.0128  -0.0064 0.0133  11  C   A C2    
225 O O2    . C   A 11 ? 0.2887 0.2737 0.3191 0.0070  -0.0325 0.0449  11  C   A O2    
226 N N3    . C   A 11 ? 0.1913 0.3322 0.3191 0.0247  -0.0188 0.0074  11  C   A N3    
227 C C4    . C   A 11 ? 0.3088 0.2945 0.3067 0.0562  -0.0034 -0.0082 11  C   A C4    
228 N N4    . C   A 11 ? 0.2357 0.3732 0.3106 0.0375  0.0095  -0.0094 11  C   A N4    
229 C C5    . C   A 11 ? 0.2700 0.3118 0.2654 0.0651  -0.0258 0.0257  11  C   A C5    
230 C C6    . C   A 11 ? 0.3395 0.3000 0.2596 0.0362  -0.0571 0.0518  11  C   A C6    
231 O "O5'" . G   B 1  ? 0.3761 0.4459 0.4042 0.0227  0.0768  0.0557  1   G   B "O5'" 
232 C "C5'" . G   B 1  ? 0.3476 0.4318 0.3717 0.0752  0.1026  0.0975  1   G   B "C5'" 
233 C "C4'" . G   B 1  ? 0.3959 0.4192 0.2983 0.0687  0.0608  0.0782  1   G   B "C4'" 
234 O "O4'" . G   B 1  ? 0.3469 0.3546 0.3286 0.0464  0.0396  0.0767  1   G   B "O4'" 
235 C "C3'" . G   B 1  ? 0.3387 0.4230 0.3078 0.0684  0.0459  0.0645  1   G   B "C3'" 
236 O "O3'" . G   B 1  ? 0.3526 0.5275 0.2848 0.1360  0.0318  0.0849  1   G   B "O3'" 
237 C "C2'" . G   B 1  ? 0.3330 0.3721 0.2993 0.0711  0.0139  0.0204  1   G   B "C2'" 
238 O "O2'" . G   B 1  ? 0.3687 0.4610 0.2594 0.0767  0.0421  0.0140  1   G   B "O2'" 
239 C "C1'" . G   B 1  ? 0.3044 0.3188 0.2815 0.0561  -0.0026 0.0437  1   G   B "C1'" 
240 N N9    . G   B 1  ? 0.3029 0.3329 0.2813 0.0488  -0.0068 0.0355  1   G   B N9    
241 C C8    . G   B 1  ? 0.2432 0.3274 0.2788 0.0474  0.0201  0.0404  1   G   B C8    
242 N N7    . G   B 1  ? 0.2997 0.3522 0.2805 -0.0130 0.0050  0.0493  1   G   B N7    
243 C C5    . G   B 1  ? 0.2411 0.3629 0.2657 -0.0130 0.0239  0.0349  1   G   B C5    
244 C C6    . G   B 1  ? 0.2172 0.3380 0.2718 0.0131  0.0196  0.0340  1   G   B C6    
245 O O6    . G   B 1  ? 0.2870 0.2811 0.2556 0.0245  0.0455  0.0218  1   G   B O6    
246 N N1    . G   B 1  ? 0.2155 0.3501 0.2619 0.0045  0.0236  0.0359  1   G   B N1    
247 C C2    . G   B 1  ? 0.3220 0.3315 0.2541 0.0166  0.0347  0.0024  1   G   B C2    
248 N N2    . G   B 1  ? 0.1938 0.3331 0.2923 0.0543  -0.0069 0.0209  1   G   B N2    
249 N N3    . G   B 1  ? 0.2432 0.3401 0.2657 0.0447  -0.0058 0.0218  1   G   B N3    
250 C C4    . G   B 1  ? 0.2322 0.4016 0.2642 -0.0221 0.0244  0.0356  1   G   B C4    
251 P P     . G   B 2  ? 0.3148 0.4526 0.3383 0.0799  0.0187  0.0567  2   G   B P     
252 O OP1   . G   B 2  ? 0.2461 0.6103 0.3548 0.0946  0.0186  0.0714  2   G   B OP1   
253 O OP2   . G   B 2  ? 0.3445 0.4071 0.3836 0.0717  -0.0186 0.0655  2   G   B OP2   
254 O "O5'" . G   B 2  ? 0.4107 0.4477 0.2473 0.0470  0.0033  0.0241  2   G   B "O5'" 
255 C "C5'" . G   B 2  ? 0.3285 0.4329 0.2700 0.0917  -0.0007 0.0351  2   G   B "C5'" 
256 C "C4'" . G   B 2  ? 0.3743 0.4047 0.3149 0.0928  0.0262  0.0302  2   G   B "C4'" 
257 O "O4'" . G   B 2  ? 0.3263 0.4333 0.2947 0.0870  0.0071  0.0449  2   G   B "O4'" 
258 C "C3'" . G   B 2  ? 0.3749 0.3711 0.3279 0.0827  0.0218  0.0246  2   G   B "C3'" 
259 O "O3'" . G   B 2  ? 0.3689 0.4129 0.2743 0.0995  -0.0210 0.0141  2   G   B "O3'" 
260 C "C2'" . G   B 2  ? 0.4360 0.3470 0.3116 0.0524  0.0318  0.0030  2   G   B "C2'" 
261 O "O2'" . G   B 2  ? 0.3234 0.3813 0.3135 0.0998  -0.0021 0.0081  2   G   B "O2'" 
262 C "C1'" . G   B 2  ? 0.3470 0.3731 0.2936 0.0670  -0.0081 0.0211  2   G   B "C1'" 
263 N N9    . G   B 2  ? 0.3263 0.3568 0.2792 0.0607  0.0236  0.0141  2   G   B N9    
264 C C8    . G   B 2  ? 0.2747 0.3617 0.3001 0.0700  0.0257  0.0317  2   G   B C8    
265 N N7    . G   B 2  ? 0.3144 0.3725 0.3104 0.0304  0.0177  0.0294  2   G   B N7    
266 C C5    . G   B 2  ? 0.2706 0.3521 0.2896 0.0596  0.0290  0.0113  2   G   B C5    
267 C C6    . G   B 2  ? 0.2037 0.3627 0.3028 0.0484  0.0140  0.0248  2   G   B C6    
268 O O6    . G   B 2  ? 0.2803 0.3506 0.3074 0.0262  0.0017  0.0337  2   G   B O6    
269 N N1    . G   B 2  ? 0.2266 0.3335 0.2864 0.0600  0.0288  -0.0017 2   G   B N1    
270 C C2    . G   B 2  ? 0.3173 0.3172 0.2771 0.0614  0.0004  0.0060  2   G   B C2    
271 N N2    . G   B 2  ? 0.2743 0.3533 0.2699 0.0282  -0.0247 0.0191  2   G   B N2    
272 N N3    . G   B 2  ? 0.3011 0.3687 0.2629 0.0355  0.0422  0.0000  2   G   B N3    
273 C C4    . G   B 2  ? 0.2868 0.3480 0.2777 0.0607  0.0402  0.0071  2   G   B C4    
274 P P     . U   B 3  ? 0.3729 0.4402 0.2959 0.1057  0.0122  0.0427  3   U   B P     
275 O OP1   . U   B 3  ? 0.3650 0.4761 0.3235 0.1159  0.0210  0.0141  3   U   B OP1   
276 O OP2   . U   B 3  ? 0.3159 0.3973 0.3087 0.1376  0.0452  0.0644  3   U   B OP2   
277 O "O5'" . U   B 3  ? 0.3227 0.4551 0.3165 0.0645  -0.0082 0.0745  3   U   B "O5'" 
278 C "C5'" . U   B 3  ? 0.3230 0.4084 0.2477 0.1008  -0.0299 0.0190  3   U   B "C5'" 
279 C "C4'" . U   B 3  ? 0.3493 0.3766 0.2560 0.0796  -0.0330 0.0279  3   U   B "C4'" 
280 O "O4'" . U   B 3  ? 0.3408 0.3710 0.2432 0.0599  -0.0066 0.0376  3   U   B "O4'" 
281 C "C3'" . U   B 3  ? 0.3294 0.3471 0.2169 0.0426  -0.0212 0.0206  3   U   B "C3'" 
282 O "O3'" . U   B 3  ? 0.3277 0.3872 0.2351 0.0767  -0.0331 -0.0136 3   U   B "O3'" 
283 C "C2'" . U   B 3  ? 0.3166 0.3394 0.2324 0.0530  0.0045  0.0228  3   U   B "C2'" 
284 O "O2'" . U   B 3  ? 0.3433 0.3528 0.2902 0.0628  0.0319  0.0561  3   U   B "O2'" 
285 C "C1'" . U   B 3  ? 0.3000 0.3492 0.2445 0.0516  0.0008  0.0512  3   U   B "C1'" 
286 N N1    . U   B 3  ? 0.2842 0.3431 0.2826 0.0636  0.0109  0.0262  3   U   B N1    
287 C C2    . U   B 3  ? 0.2792 0.3824 0.2942 0.0297  -0.0092 0.0326  3   U   B C2    
288 O O2    . U   B 3  ? 0.2551 0.3468 0.2741 0.0838  0.0070  0.0138  3   U   B O2    
289 N N3    . U   B 3  ? 0.1857 0.3663 0.3067 0.0695  0.0161  0.0144  3   U   B N3    
290 C C4    . U   B 3  ? 0.2136 0.3255 0.3138 0.0886  -0.0103 0.0076  3   U   B C4    
291 O O4    . U   B 3  ? 0.2718 0.3748 0.3020 0.0301  0.0031  0.0012  3   U   B O4    
292 C C5    . U   B 3  ? 0.3144 0.3265 0.3060 0.0533  -0.0074 0.0090  3   U   B C5    
293 C C6    . U   B 3  ? 0.2605 0.3414 0.2925 0.0418  -0.0005 0.0262  3   U   B C6    
294 P P     . C   B 4  ? 0.3377 0.3986 0.3172 0.0628  -0.0054 0.0104  4   C   B P     
295 O OP1   . C   B 4  ? 0.3710 0.4163 0.3319 0.1142  -0.0108 -0.0103 4   C   B OP1   
296 O OP2   . C   B 4  ? 0.3796 0.4600 0.3143 0.0676  0.0250  0.0373  4   C   B OP2   
297 O "O5'" . C   B 4  ? 0.2958 0.3716 0.3336 0.0596  -0.0306 0.0430  4   C   B "O5'" 
298 C "C5'" . C   B 4  ? 0.3310 0.3671 0.3139 0.0509  0.0013  0.0112  4   C   B "C5'" 
299 C "C4'" . C   B 4  ? 0.3185 0.3535 0.3315 0.0811  -0.0160 0.0019  4   C   B "C4'" 
300 O "O4'" . C   B 4  ? 0.3041 0.3217 0.2828 0.0569  -0.0099 0.0532  4   C   B "O4'" 
301 C "C3'" . C   B 4  ? 0.3249 0.3117 0.2930 0.0708  -0.0107 0.0538  4   C   B "C3'" 
302 O "O3'" . C   B 4  ? 0.3465 0.3619 0.3086 0.1133  -0.0289 0.0592  4   C   B "O3'" 
303 C "C2'" . C   B 4  ? 0.3331 0.3376 0.2395 0.0860  -0.0493 0.0646  4   C   B "C2'" 
304 O "O2'" . C   B 4  ? 0.3277 0.3788 0.2626 0.0456  -0.0514 0.0871  4   C   B "O2'" 
305 C "C1'" . C   B 4  ? 0.2859 0.3237 0.2339 0.0625  -0.0096 0.0645  4   C   B "C1'" 
306 N N1    . C   B 4  ? 0.2982 0.3229 0.2567 0.0635  -0.0329 0.0803  4   C   B N1    
307 C C2    . C   B 4  ? 0.2992 0.3556 0.3280 0.0013  -0.0131 0.0745  4   C   B C2    
308 O O2    . C   B 4  ? 0.3367 0.3454 0.3350 -0.0296 -0.0041 0.0444  4   C   B O2    
309 N N3    . C   B 4  ? 0.2612 0.3554 0.3484 -0.0019 0.0345  0.0751  4   C   B N3    
310 C C4    . C   B 4  ? 0.2983 0.3971 0.3414 0.0357  0.0207  0.0993  4   C   B C4    
311 N N4    . C   B 4  ? 0.2620 0.4043 0.3541 0.0525  0.0354  0.1041  4   C   B N4    
312 C C5    . C   B 4  ? 0.2232 0.4233 0.2581 0.0215  0.0116  0.1092  4   C   B C5    
313 C C6    . C   B 4  ? 0.2704 0.4056 0.2480 0.0223  -0.0173 0.1011  4   C   B C6    
314 P P     . A   B 5  ? 0.3540 0.4190 0.4219 0.1126  -0.0184 0.0337  5   A   B P     
315 O OP1   . A   B 5  ? 0.4056 0.4458 0.4696 0.1922  -0.0647 -0.0392 5   A   B OP1   
316 O OP2   . A   B 5  ? 0.3458 0.6792 0.4280 0.2344  0.0653  0.0942  5   A   B OP2   
317 O "O5'" . A   B 5  ? 0.3809 0.3862 0.4811 0.0999  -0.0933 0.0474  5   A   B "O5'" 
318 C "C5'" . A   B 5  ? 0.3338 0.3859 0.4988 0.0995  -0.0778 0.0565  5   A   B "C5'" 
319 C "C4'" . A   B 5  ? 0.4238 0.3775 0.4056 0.0481  -0.0827 -0.0100 5   A   B "C4'" 
320 O "O4'" . A   B 5  ? 0.3692 0.2940 0.4002 -0.0067 -0.0985 0.0082  5   A   B "O4'" 
321 C "C3'" . A   B 5  ? 0.4313 0.2784 0.4532 0.0550  -0.1208 -0.0240 5   A   B "C3'" 
322 O "O3'" . A   B 5  ? 0.4586 0.2415 0.5730 0.0391  -0.1328 -0.0423 5   A   B "O3'" 
323 C "C2'" . A   B 5  ? 0.4597 0.2642 0.3955 0.0087  -0.1349 -0.0235 5   A   B "C2'" 
324 O "O2'" . A   B 5  ? 0.4654 0.3034 0.4517 -0.0300 -0.1949 0.0087  5   A   B "O2'" 
325 C "C1'" . A   B 5  ? 0.4158 0.3012 0.4030 0.0272  -0.0955 -0.0190 5   A   B "C1'" 
326 N N9    . A   B 5  ? 0.2990 0.2913 0.3910 0.0251  -0.0726 0.0043  5   A   B N9    
327 C C8    . A   B 5  ? 0.2520 0.3428 0.3583 -0.0285 -0.0879 0.0067  5   A   B C8    
328 N N7    . A   B 5  ? 0.2262 0.3130 0.3406 0.0028  -0.0326 0.0166  5   A   B N7    
329 C C5    . A   B 5  ? 0.3018 0.2796 0.3521 -0.0149 -0.0101 0.0217  5   A   B C5    
330 C C6    . A   B 5  ? 0.2772 0.2601 0.3325 -0.0434 -0.0074 0.0450  5   A   B C6    
331 N N6    . A   B 5  ? 0.2285 0.2537 0.3505 -0.0151 -0.0083 0.0429  5   A   B N6    
332 N N1    . A   B 5  ? 0.3357 0.2814 0.3380 -0.0326 -0.0651 0.0751  5   A   B N1    
333 C C2    . A   B 5  ? 0.3135 0.2659 0.3532 -0.0035 -0.0744 0.0917  5   A   B C2    
334 N N3    . A   B 5  ? 0.3059 0.2817 0.3995 -0.0025 -0.0533 0.0511  5   A   B N3    
335 C C4    . A   B 5  ? 0.3260 0.2943 0.3796 -0.0646 -0.0133 0.0053  5   A   B C4    
336 P P     . C   B 6  ? 0.4615 0.3832 0.5064 0.1056  -0.1265 -0.0938 6   C   B P     
337 O OP1   . C   B 6  ? 0.5599 0.4305 0.5821 0.1820  -0.1974 -0.1207 6   C   B OP1   
338 O OP2   . C   B 6  ? 0.3404 0.4822 0.4407 0.1593  -0.0986 -0.0877 6   C   B OP2   
339 O "O5'" . C   B 6  ? 0.4769 0.3534 0.4600 0.0659  -0.1326 -0.0292 6   C   B "O5'" 
340 C "C5'" . C   B 6  ? 0.3973 0.3113 0.5035 0.0720  -0.0937 -0.0515 6   C   B "C5'" 
341 C "C4'" . C   B 6  ? 0.3805 0.2989 0.5340 0.0713  -0.0424 -0.0616 6   C   B "C4'" 
342 O "O4'" . C   B 6  ? 0.3872 0.2407 0.5165 -0.0016 -0.0814 -0.0313 6   C   B "O4'" 
343 C "C3'" . C   B 6  ? 0.4033 0.3299 0.5073 0.0541  -0.0650 -0.0694 6   C   B "C3'" 
344 O "O3'" . C   B 6  ? 0.4677 0.3317 0.5345 0.0541  -0.1196 -0.0796 6   C   B "O3'" 
345 C "C2'" . C   B 6  ? 0.3787 0.3603 0.3651 0.0540  -0.0697 -0.0581 6   C   B "C2'" 
346 O "O2'" . C   B 6  ? 0.3674 0.3840 0.3833 -0.0909 -0.0751 -0.0351 6   C   B "O2'" 
347 C "C1'" . C   B 6  ? 0.3535 0.2621 0.4187 -0.0159 -0.0823 -0.0113 6   C   B "C1'" 
348 N N1    . C   B 6  ? 0.3213 0.2933 0.4266 -0.0289 -0.0723 0.0035  6   C   B N1    
349 C C2    . C   B 6  ? 0.3693 0.2899 0.3886 -0.0007 -0.0556 0.0151  6   C   B C2    
350 O O2    . C   B 6  ? 0.2620 0.3032 0.3942 -0.0080 0.0142  0.0129  6   C   B O2    
351 N N3    . C   B 6  ? 0.2423 0.2956 0.3866 0.0345  -0.0238 0.0148  6   C   B N3    
352 C C4    . C   B 6  ? 0.3033 0.2875 0.3911 -0.0163 -0.0373 0.0069  6   C   B C4    
353 N N4    . C   B 6  ? 0.2643 0.2976 0.3818 0.0202  -0.0463 0.0080  6   C   B N4    
354 C C5    . C   B 6  ? 0.3058 0.2894 0.4241 -0.0406 -0.0708 -0.0017 6   C   B C5    
355 C C6    . C   B 6  ? 0.2475 0.2820 0.4322 -0.0333 -0.0543 0.0027  6   C   B C6    
356 P P     . A   B 7  ? 0.4725 0.3410 0.6136 0.0419  -0.1408 -0.0336 7   A   B P     
357 O OP1   . A   B 7  ? 0.5852 0.3426 0.7342 0.0726  -0.2580 -0.0380 7   A   B OP1   
358 O OP2   . A   B 7  ? 0.3662 0.7392 0.5918 0.1700  -0.1411 -0.0907 7   A   B OP2   
359 O "O5'" . A   B 7  ? 0.5320 0.3184 0.5675 -0.0141 -0.1223 0.0077  7   A   B "O5'" 
360 C "C5'" . A   B 7  ? 0.3941 0.3394 0.5594 0.0397  -0.1397 0.0386  7   A   B "C5'" 
361 C "C4'" . A   B 7  ? 0.2960 0.3238 0.4744 -0.0062 -0.0881 0.0744  7   A   B "C4'" 
362 O "O4'" . A   B 7  ? 0.2808 0.3015 0.3620 -0.0265 -0.0506 0.0570  7   A   B "O4'" 
363 C "C3'" . A   B 7  ? 0.2783 0.3612 0.3722 -0.0051 -0.0524 0.0625  7   A   B "C3'" 
364 O "O3'" . A   B 7  ? 0.3032 0.3557 0.3517 -0.0179 -0.0501 0.0331  7   A   B "O3'" 
365 C "C2'" . A   B 7  ? 0.2945 0.3189 0.3113 -0.0312 -0.0410 0.0147  7   A   B "C2'" 
366 O "O2'" . A   B 7  ? 0.3070 0.4020 0.3069 -0.0685 -0.0127 0.0222  7   A   B "O2'" 
367 C "C1'" . A   B 7  ? 0.2720 0.2901 0.3170 -0.0127 -0.0334 0.0324  7   A   B "C1'" 
368 N N9    . A   B 7  ? 0.2394 0.2854 0.3136 -0.0594 -0.0202 0.0104  7   A   B N9    
369 C C8    . A   B 7  ? 0.2604 0.2735 0.3372 -0.0400 0.0300  -0.0009 7   A   B C8    
370 N N7    . A   B 7  ? 0.3049 0.2669 0.3249 -0.0046 0.0189  -0.0101 7   A   B N7    
371 C C5    . A   B 7  ? 0.2167 0.2599 0.3031 0.0237  -0.0107 -0.0011 7   A   B C5    
372 C C6    . A   B 7  ? 0.2800 0.2567 0.2975 0.0329  0.0278  -0.0115 7   A   B C6    
373 N N6    . A   B 7  ? 0.2714 0.2084 0.3042 -0.0058 -0.0377 -0.0047 7   A   B N6    
374 N N1    . A   B 7  ? 0.2765 0.2656 0.2711 -0.0055 -0.0005 -0.0094 7   A   B N1    
375 C C2    . A   B 7  ? 0.3118 0.2643 0.2663 0.0166  -0.0361 0.0120  7   A   B C2    
376 N N3    . A   B 7  ? 0.2945 0.2748 0.2832 -0.0253 0.0201  0.0060  7   A   B N3    
377 C C4    . A   B 7  ? 0.2524 0.2783 0.3014 -0.0536 0.0021  0.0026  7   A   B C4    
378 P P     . G   B 8  ? 0.3003 0.3697 0.3147 -0.0254 -0.0614 0.0154  8   G   B P     
379 O OP1   . G   B 8  ? 0.3019 0.5614 0.2902 -0.0840 -0.0391 0.0629  8   G   B OP1   
380 O OP2   . G   B 8  ? 0.3680 0.3299 0.3482 0.0011  -0.0140 0.0459  8   G   B OP2   
381 O "O5'" . G   B 8  ? 0.2742 0.3378 0.3301 -0.0033 -0.0457 -0.0016 8   G   B "O5'" 
382 C "C5'" . G   B 8  ? 0.2736 0.3613 0.2685 0.0020  -0.0219 -0.0004 8   G   B "C5'" 
383 C "C4'" . G   B 8  ? 0.2481 0.3404 0.3087 0.0121  -0.0299 0.0108  8   G   B "C4'" 
384 O "O4'" . G   B 8  ? 0.2423 0.3009 0.2649 -0.0034 -0.0017 -0.0033 8   G   B "O4'" 
385 C "C3'" . G   B 8  ? 0.2492 0.2836 0.3163 -0.0367 -0.0229 -0.0021 8   G   B "C3'" 
386 O "O3'" . G   B 8  ? 0.2681 0.3270 0.3063 -0.0454 -0.0194 -0.0409 8   G   B "O3'" 
387 C "C2'" . G   B 8  ? 0.2518 0.2390 0.3402 -0.0519 -0.0244 -0.0019 8   G   B "C2'" 
388 O "O2'" . G   B 8  ? 0.2517 0.2612 0.2925 -0.0332 0.0170  -0.0290 8   G   B "O2'" 
389 C "C1'" . G   B 8  ? 0.2282 0.2655 0.2746 -0.0280 0.0093  -0.0142 8   G   B "C1'" 
390 N N9    . G   B 8  ? 0.2537 0.2999 0.2757 -0.0610 -0.0087 -0.0257 8   G   B N9    
391 C C8    . G   B 8  ? 0.2759 0.2713 0.2775 -0.0243 -0.0051 -0.0346 8   G   B C8    
392 N N7    . G   B 8  ? 0.2353 0.2942 0.2834 -0.0260 0.0050  -0.0483 8   G   B N7    
393 C C5    . G   B 8  ? 0.2488 0.2977 0.2784 0.0043  0.0003  -0.0378 8   G   B C5    
394 C C6    . G   B 8  ? 0.2637 0.3240 0.2866 0.0271  0.0308  -0.0519 8   G   B C6    
395 O O6    . G   B 8  ? 0.3182 0.3341 0.2687 0.0272  -0.0138 -0.0495 8   G   B O6    
396 N N1    . G   B 8  ? 0.2820 0.3214 0.2745 0.0600  0.0048  -0.0282 8   G   B N1    
397 C C2    . G   B 8  ? 0.3596 0.3292 0.2761 0.0231  -0.0017 -0.0139 8   G   B C2    
398 N N2    . G   B 8  ? 0.2958 0.3615 0.2671 -0.0073 -0.0082 -0.0234 8   G   B N2    
399 N N3    . G   B 8  ? 0.3086 0.2904 0.2809 0.0240  0.0149  -0.0145 8   G   B N3    
400 C C4    . G   B 8  ? 0.2096 0.2879 0.2771 0.0151  -0.0086 -0.0213 8   G   B C4    
401 P P     . C   B 9  ? 0.2621 0.3504 0.3550 -0.0335 -0.0363 -0.0020 9   C   B P     
402 O OP1   . C   B 9  ? 0.2775 0.4028 0.4188 -0.0038 -0.0654 -0.0615 9   C   B OP1   
403 O OP2   . C   B 9  ? 0.3105 0.3490 0.3977 -0.0144 -0.0890 0.0292  9   C   B OP2   
404 O "O5'" . C   B 9  ? 0.2529 0.3669 0.3757 -0.0246 0.0049  0.0005  9   C   B "O5'" 
405 C "C5'" . C   B 9  ? 0.3832 0.3610 0.3092 -0.0046 0.0081  -0.0229 9   C   B "C5'" 
406 C "C4'" . C   B 9  ? 0.2859 0.3699 0.3133 -0.0398 0.0198  -0.0480 9   C   B "C4'" 
407 O "O4'" . C   B 9  ? 0.2745 0.2959 0.3421 -0.0169 0.0116  -0.0479 9   C   B "O4'" 
408 C "C3'" . C   B 9  ? 0.2712 0.3758 0.3489 -0.0240 0.0155  -0.0366 9   C   B "C3'" 
409 O "O3'" . C   B 9  ? 0.2848 0.3279 0.4212 -0.0250 0.0029  -0.0775 9   C   B "O3'" 
410 C "C2'" . C   B 9  ? 0.2893 0.3095 0.3400 -0.0093 0.0203  -0.0420 9   C   B "C2'" 
411 O "O2'" . C   B 9  ? 0.3715 0.3709 0.3748 -0.0300 0.0657  -0.0018 9   C   B "O2'" 
412 C "C1'" . C   B 9  ? 0.2862 0.3180 0.3499 -0.0254 0.0099  -0.0618 9   C   B "C1'" 
413 N N1    . C   B 9  ? 0.2775 0.2989 0.3506 -0.0014 0.0059  -0.0605 9   C   B N1    
414 C C2    . C   B 9  ? 0.3110 0.2556 0.3274 0.0351  0.0115  -0.0357 9   C   B C2    
415 O O2    . C   B 9  ? 0.3478 0.2757 0.3391 0.0578  0.0261  -0.0138 9   C   B O2    
416 N N3    . C   B 9  ? 0.2954 0.2563 0.3283 0.0346  0.0054  -0.0484 9   C   B N3    
417 C C4    . C   B 9  ? 0.2512 0.2312 0.3199 0.0348  -0.0260 -0.0465 9   C   B C4    
418 N N4    . C   B 9  ? 0.2350 0.2606 0.3538 -0.0019 -0.0097 -0.0644 9   C   B N4    
419 C C5    . C   B 9  ? 0.2545 0.2223 0.3375 0.0666  -0.0087 -0.0747 9   C   B C5    
420 C C6    . C   B 9  ? 0.2180 0.2629 0.3358 0.0287  -0.0293 -0.0643 9   C   B C6    
421 P P     . C   B 10 ? 0.2665 0.3615 0.4168 -0.0296 0.0337  -0.0736 10  C   B P     
422 O OP1   . C   B 10 ? 0.2801 0.3464 0.4901 -0.0257 0.0107  -0.1196 10  C   B OP1   
423 O OP2   . C   B 10 ? 0.2804 0.3370 0.3884 -0.0011 0.0175  -0.0910 10  C   B OP2   
424 O "O5'" . C   B 10 ? 0.3270 0.2958 0.4023 -0.0213 0.0111  -0.0579 10  C   B "O5'" 
425 C "C5'" . C   B 10 ? 0.4234 0.3030 0.3795 0.0004  -0.0271 -0.0297 10  C   B "C5'" 
426 C "C4'" . C   B 10 ? 0.3221 0.3024 0.4093 -0.0255 0.0219  -0.0564 10  C   B "C4'" 
427 O "O4'" . C   B 10 ? 0.3111 0.2523 0.4730 -0.0091 0.0406  -0.0524 10  C   B "O4'" 
428 C "C3'" . C   B 10 ? 0.2919 0.2953 0.4108 -0.0358 0.0173  -0.0287 10  C   B "C3'" 
429 O "O3'" . C   B 10 ? 0.2988 0.3160 0.4199 -0.0433 0.0351  -0.0153 10  C   B "O3'" 
430 C "C2'" . C   B 10 ? 0.2728 0.3036 0.3502 -0.0018 0.0412  -0.0320 10  C   B "C2'" 
431 O "O2'" . C   B 10 ? 0.3621 0.2652 0.3744 0.0258  0.0888  -0.0298 10  C   B "O2'" 
432 C "C1'" . C   B 10 ? 0.2710 0.2641 0.3931 -0.0072 0.0433  -0.0343 10  C   B "C1'" 
433 N N1    . C   B 10 ? 0.2543 0.2666 0.3503 -0.0136 0.0173  -0.0365 10  C   B N1    
434 C C2    . C   B 10 ? 0.2841 0.2652 0.2984 -0.0096 0.0215  -0.0257 10  C   B C2    
435 O O2    . C   B 10 ? 0.2621 0.3062 0.2688 0.0443  -0.0148 0.0000  10  C   B O2    
436 N N3    . C   B 10 ? 0.2761 0.2403 0.2960 0.0101  0.0157  -0.0211 10  C   B N3    
437 C C4    . C   B 10 ? 0.2852 0.2562 0.2916 0.0114  0.0119  -0.0203 10  C   B C4    
438 N N4    . C   B 10 ? 0.2339 0.2829 0.2896 0.0290  0.0029  -0.0069 10  C   B N4    
439 C C5    . C   B 10 ? 0.3337 0.2609 0.3267 0.0159  0.0293  -0.0558 10  C   B C5    
440 C C6    . C   B 10 ? 0.2425 0.2773 0.3609 -0.0012 0.0305  -0.0707 10  C   B C6    
441 P P     . C   B 11 ? 0.2940 0.3531 0.4137 -0.0254 0.0168  -0.0558 11  C   B P     
442 O OP1   . C   B 11 ? 0.2964 0.3579 0.5641 -0.0175 0.0665  -0.0940 11  C   B OP1   
443 O OP2   . C   B 11 ? 0.2729 0.4446 0.3744 -0.0436 -0.0591 -0.0913 11  C   B OP2   
444 O "O5'" . C   B 11 ? 0.2298 0.3590 0.3746 0.0109  0.0102  -0.0666 11  C   B "O5'" 
445 C "C5'" . C   B 11 ? 0.2289 0.3121 0.3344 -0.0095 0.0036  0.0070  11  C   B "C5'" 
446 C "C4'" . C   B 11 ? 0.2117 0.3209 0.3134 -0.0017 -0.0254 -0.0095 11  C   B "C4'" 
447 O "O4'" . C   B 11 ? 0.2173 0.2623 0.3138 0.0230  -0.0079 -0.0477 11  C   B "O4'" 
448 C "C3'" . C   B 11 ? 0.2148 0.2898 0.3820 0.0282  -0.0238 -0.0317 11  C   B "C3'" 
449 O "O3'" . C   B 11 ? 0.2432 0.3444 0.3387 0.0343  0.0279  0.0042  11  C   B "O3'" 
450 C "C2'" . C   B 11 ? 0.2397 0.2687 0.3424 0.0373  -0.0163 -0.0707 11  C   B "C2'" 
451 O "O2'" . C   B 11 ? 0.2984 0.2829 0.3243 0.0969  -0.0224 -0.0479 11  C   B "O2'" 
452 C "C1'" . C   B 11 ? 0.2087 0.2697 0.3041 0.0183  -0.0019 -0.0415 11  C   B "C1'" 
453 N N1    . C   B 11 ? 0.2364 0.3243 0.3041 0.0247  0.0009  -0.0284 11  C   B N1    
454 C C2    . C   B 11 ? 0.1953 0.3426 0.3015 0.0308  -0.0016 -0.0226 11  C   B C2    
455 O O2    . C   B 11 ? 0.3000 0.2810 0.3059 0.0435  -0.0069 -0.0012 11  C   B O2    
456 N N3    . C   B 11 ? 0.2132 0.3327 0.3150 0.0663  0.0180  -0.0099 11  C   B N3    
457 C C4    . C   B 11 ? 0.2941 0.3532 0.2550 0.0304  -0.0251 0.0266  11  C   B C4    
458 N N4    . C   B 11 ? 0.2514 0.3749 0.2467 0.0409  -0.0478 0.0401  11  C   B N4    
459 C C5    . C   B 11 ? 0.2981 0.3500 0.2756 0.0297  0.0061  0.0028  11  C   B C5    
460 C C6    . C   B 11 ? 0.3517 0.3218 0.2729 0.0056  0.0166  -0.0142 11  C   B C6    
461 O O     . HOH C .  ? 0.3324 0.4196 0.4827 -0.0107 -0.0741 -0.1580 27  HOH A O     
462 O O     . HOH C .  ? 0.5094 0.3678 0.3102 0.0296  -0.0312 -0.0042 28  HOH A O     
463 O O     . HOH C .  ? 0.3353 0.3498 0.3556 0.0312  0.0265  -0.0002 31  HOH A O     
464 O O     . HOH C .  ? 0.4122 0.4357 0.4793 -0.0198 -0.0704 -0.1434 34  HOH A O     
465 O O     . HOH C .  ? 0.4688 0.3247 0.3816 0.0343  -0.0002 -0.0297 35  HOH A O     
466 O O     . HOH C .  ? 0.3148 0.4143 0.5000 -0.0924 0.0133  0.0653  36  HOH A O     
467 O O     . HOH C .  ? 0.4816 0.3909 0.3773 0.0777  -0.0117 0.0356  37  HOH A O     
468 O O     . HOH C .  ? 0.4839 0.4134 0.4947 0.0290  0.0095  -0.0068 38  HOH A O     
469 O O     . HOH C .  ? 0.4806 0.3743 0.3536 -0.0092 -0.0399 0.0503  41  HOH A O     
470 O O     . HOH C .  ? 0.4184 0.3939 0.5210 0.0455  -0.0849 -0.0755 42  HOH A O     
471 O O     . HOH C .  ? 0.4880 0.4823 0.4103 -0.1558 0.0087  -0.0024 46  HOH A O     
472 O O     . HOH C .  ? 0.4289 0.5173 0.4260 0.0185  0.1031  0.0324  47  HOH A O     
473 O O     . HOH C .  ? 0.4549 0.4834 0.5807 -0.0190 0.1325  -0.0519 51  HOH A O     
474 O O     . HOH C .  ? 0.3856 0.3404 0.5268 -0.0622 -0.0476 -0.0451 53  HOH A O     
475 O O     . HOH C .  ? 0.7087 0.9204 0.7091 0.1162  -0.0748 0.0713  54  HOH A O     
476 O O     . HOH C .  ? 0.6066 0.3851 0.4303 -0.0393 -0.0817 0.0474  56  HOH A O     
477 O O     . HOH C .  ? 0.5341 0.6872 0.4837 -0.1470 0.0174  0.1933  59  HOH A O     
478 O O     . HOH C .  ? 0.5366 0.4922 0.4502 0.0097  -0.0550 -0.0794 60  HOH A O     
479 O O     . HOH C .  ? 0.4731 0.3880 0.5297 0.0140  -0.0402 -0.0845 63  HOH A O     
480 O O     . HOH C .  ? 0.5944 0.4218 0.4287 -0.0511 -0.0444 -0.0866 64  HOH A O     
481 O O     . HOH C .  ? 0.6457 0.6845 0.5581 -0.0056 0.1416  0.1054  65  HOH A O     
482 O O     . HOH C .  ? 0.6083 0.7104 0.7313 -0.1323 0.1752  -0.1331 67  HOH A O     
483 O O     . HOH C .  ? 0.5042 0.6073 0.4955 0.0154  -0.0027 -0.0753 71  HOH A O     
484 O O     . HOH C .  ? 0.9206 0.8900 0.6823 -0.0278 0.0379  0.0316  73  HOH A O     
485 O O     . HOH C .  ? 0.5319 0.4559 0.3935 -0.1206 0.0608  -0.1024 75  HOH A O     
486 O O     . HOH C .  ? 0.6006 0.7073 0.6492 -0.1385 0.0266  -0.0028 78  HOH A O     
487 O O     . HOH C .  ? 0.7490 0.4144 0.6317 0.0798  -0.0891 -0.0236 79  HOH A O     
488 O O     . HOH C .  ? 1.0498 0.7753 0.7435 0.0010  -0.0270 -0.0959 82  HOH A O     
489 O O     . HOH C .  ? 0.5024 0.4858 0.5145 -0.1026 -0.0241 0.0817  87  HOH A O     
490 O O     . HOH C .  ? 0.6809 0.7352 0.7506 0.1094  -0.0487 -0.1410 88  HOH A O     
491 O O     . HOH C .  ? 0.4444 0.5681 0.6605 -0.0073 0.0214  -0.2573 92  HOH A O     
492 O O     . HOH C .  ? 0.9111 0.7460 0.5847 0.0556  0.0794  -0.0843 94  HOH A O     
493 O O     . HOH C .  ? 0.5155 0.7429 0.9173 -0.0057 0.0550  0.0606  95  HOH A O     
494 O O     . HOH C .  ? 0.3490 0.6912 0.7487 -0.0727 -0.0718 -0.0365 96  HOH A O     
495 O O     . HOH C .  ? 0.6904 0.5434 0.5914 -0.0086 -0.0790 -0.1191 97  HOH A O     
496 O O     . HOH C .  ? 0.7701 0.5935 0.7202 -0.1934 -0.0233 0.0245  98  HOH A O     
497 O O     . HOH C .  ? 0.6801 0.8373 0.9846 0.0227  -0.0691 0.0920  102 HOH A O     
498 O O     . HOH C .  ? 0.5153 0.6588 0.5735 -0.0618 -0.0807 -0.1127 104 HOH A O     
499 O O     . HOH C .  ? 0.4733 0.4853 0.3692 0.0946  0.0047  0.0731  105 HOH A O     
500 O O     . HOH C .  ? 0.4919 0.3813 0.2854 -0.0626 0.0344  0.0128  107 HOH A O     
501 O O     . HOH C .  ? 0.4620 0.4269 0.5156 -0.0364 0.0404  0.0686  108 HOH A O     
502 O O     . HOH C .  ? 0.4577 0.3866 0.4877 -0.0048 0.0214  0.1154  110 HOH A O     
503 O O     . HOH C .  ? 0.7456 0.5402 0.6753 -0.0732 -0.0465 -0.0978 112 HOH A O     
504 O O     . HOH C .  ? 0.7003 0.6621 0.3946 0.0296  -0.0904 0.0797  118 HOH A O     
505 O O     . HOH C .  ? 0.4451 0.8136 0.7095 -0.0009 0.1304  0.0426  120 HOH A O     
506 O O     . HOH C .  ? 0.5984 0.8632 0.7039 0.1385  0.0642  0.0220  121 HOH A O     
507 O O     . HOH C .  ? 0.5526 0.4641 0.7596 -0.1158 -0.0307 -0.0594 122 HOH A O     
508 O O     . HOH C .  ? 0.9831 0.8617 0.9310 0.0884  -0.0022 0.0037  124 HOH A O     
509 O O     . HOH C .  ? 0.5380 0.6066 0.5542 -0.0311 0.0684  -0.1530 126 HOH A O     
510 O O     . HOH C .  ? 0.6259 0.8525 0.9459 0.1394  -0.0103 0.0007  131 HOH A O     
511 O O     . HOH C .  ? 0.8928 0.9913 0.6564 0.0498  -0.1909 0.2733  132 HOH A O     
512 O O     . HOH C .  ? 0.6338 0.6439 0.7734 -0.0053 -0.0298 -0.1077 133 HOH A O     
513 O O     . HOH C .  ? 1.0341 0.9701 0.9674 0.0063  -0.0093 -0.0908 136 HOH A O     
514 O O     . HOH C .  ? 0.6153 0.6179 0.6932 -0.0180 -0.0042 -0.0022 137 HOH A O     
515 O O     . HOH C .  ? 0.7793 0.9424 0.9971 -0.0123 0.0272  0.0097  138 HOH A O     
516 O O     . HOH C .  ? 0.7203 0.7171 0.7183 -0.0386 -0.1037 -0.0771 139 HOH A O     
517 O O     . HOH C .  ? 0.8866 0.8897 0.7100 0.0142  -0.0406 0.0080  141 HOH A O     
518 O O     . HOH C .  ? 0.6685 1.0062 0.5409 0.1141  -0.1269 0.0122  144 HOH A O     
519 O O     . HOH C .  ? 0.6655 0.8448 0.9038 -0.0619 0.0524  0.1024  145 HOH A O     
520 O O     . HOH C .  ? 1.0992 1.1298 1.0854 -0.0749 0.0067  0.1409  146 HOH A O     
521 O O     . HOH C .  ? 0.7236 0.6692 0.6836 -0.1537 0.0365  -0.0625 150 HOH A O     
522 O O     . HOH C .  ? 0.7609 0.7186 0.8140 -0.0426 0.0599  -0.0599 152 HOH A O     
523 O O     . HOH C .  ? 0.7828 1.0164 1.1189 0.0443  -0.0737 -0.0142 155 HOH A O     
524 O O     . HOH C .  ? 0.7638 1.0961 0.9363 0.0833  -0.0809 0.0798  156 HOH A O     
525 O O     . HOH D .  ? 0.2906 0.5852 0.3245 0.0388  0.0132  0.0811  26  HOH B O     
526 O O     . HOH D .  ? 0.4615 0.3916 0.4327 -0.0249 -0.0125 -0.0038 29  HOH B O     
527 O O     . HOH D .  ? 0.4435 0.5712 0.3379 0.0194  0.0258  0.0321  30  HOH B O     
528 O O     . HOH D .  ? 0.4092 0.4006 0.3177 0.0665  -0.0299 -0.0391 32  HOH B O     
529 O O     . HOH D .  ? 0.3488 0.3943 0.3284 0.0205  -0.0400 0.0181  33  HOH B O     
530 O O     . HOH D .  ? 0.4093 0.3816 0.3683 -0.0511 -0.0100 -0.0026 39  HOH B O     
531 O O     . HOH D .  ? 0.3437 0.3166 0.4971 -0.0844 0.0491  -0.0287 40  HOH B O     
532 O O     . HOH D .  ? 0.3754 0.4912 0.4420 0.1510  0.0161  0.0686  43  HOH B O     
533 O O     . HOH D .  ? 0.4600 0.4302 0.4663 -0.0392 -0.0040 -0.0347 44  HOH B O     
534 O O     . HOH D .  ? 0.4363 0.4442 0.5447 -0.1019 -0.0960 -0.0307 45  HOH B O     
535 O O     . HOH D .  ? 0.4386 0.3657 0.4707 -0.0118 0.0809  -0.0413 48  HOH B O     
536 O O     . HOH D .  ? 0.4954 0.4452 0.5355 -0.0541 -0.1219 -0.0137 49  HOH B O     
537 O O     . HOH D .  ? 0.6428 0.5846 0.6198 -0.0345 0.0595  -0.0553 50  HOH B O     
538 O O     . HOH D .  ? 0.7501 0.7380 0.5444 -0.0515 0.1546  -0.1033 52  HOH B O     
539 O O     . HOH D .  ? 0.6131 0.3418 0.4600 -0.0163 -0.0079 -0.0137 55  HOH B O     
540 O O     . HOH D .  ? 0.5350 0.3936 0.5178 -0.0814 0.0282  0.0090  57  HOH B O     
541 O O     . HOH D .  ? 0.5653 0.6626 0.5354 -0.1195 -0.0923 0.0806  58  HOH B O     
542 O O     . HOH D .  ? 0.6185 0.6657 0.6460 0.0213  -0.0630 0.2790  61  HOH B O     
543 O O     . HOH D .  ? 0.3523 0.5387 0.4250 0.0204  0.0449  0.1236  62  HOH B O     
544 O O     . HOH D .  ? 0.5631 0.4237 0.4940 -0.0594 -0.0022 0.0564  66  HOH B O     
545 O O     . HOH D .  ? 0.6673 0.5709 0.5078 0.0371  -0.0852 -0.0736 68  HOH B O     
546 O O     . HOH D .  ? 0.6743 0.8168 0.6340 0.0259  0.0823  0.2097  69  HOH B O     
547 O O     . HOH D .  ? 0.4586 0.6224 0.4641 0.0297  0.0173  0.0132  70  HOH B O     
548 O O     . HOH D .  ? 0.6007 0.4785 0.6327 -0.0670 0.1425  -0.1104 72  HOH B O     
549 O O     . HOH D .  ? 0.5585 0.7997 0.5078 -0.0634 -0.0619 0.1371  74  HOH B O     
550 O O     . HOH D .  ? 0.7323 0.5627 0.6377 0.0697  0.0546  -0.0313 76  HOH B O     
551 O O     . HOH D .  ? 0.7804 0.8081 0.8189 0.1255  -0.0367 0.0172  77  HOH B O     
552 O O     . HOH D .  ? 0.6754 0.6727 0.5145 -0.1443 0.0970  -0.2437 80  HOH B O     
553 O O     . HOH D .  ? 0.8372 0.4111 0.5115 0.0741  0.0591  -0.0129 81  HOH B O     
554 O O     . HOH D .  ? 0.5646 0.8967 1.0109 0.1073  -0.0259 0.0043  83  HOH B O     
555 O O     . HOH D .  ? 0.7684 0.8264 0.6436 0.1101  -0.1122 0.0942  84  HOH B O     
556 O O     . HOH D .  ? 0.6724 0.6231 0.4112 -0.1141 0.0219  0.0184  85  HOH B O     
557 O O     . HOH D .  ? 0.7955 0.7239 0.4512 0.0791  -0.0530 -0.0053 86  HOH B O     
558 O O     . HOH D .  ? 0.4730 0.7040 0.4730 -0.0480 0.0902  -0.0196 89  HOH B O     
559 O O     . HOH D .  ? 0.5437 0.6725 0.8515 -0.0728 -0.0340 -0.0325 90  HOH B O     
560 O O     . HOH D .  ? 0.6650 0.5619 0.6302 0.0181  0.0470  -0.1628 91  HOH B O     
561 O O     . HOH D .  ? 0.6425 0.6204 0.7594 -0.0064 -0.1959 -0.1033 93  HOH B O     
562 O O     . HOH D .  ? 0.7540 0.7573 0.8438 0.0122  0.0805  0.0176  99  HOH B O     
563 O O     . HOH D .  ? 0.5509 0.3666 0.4448 0.0406  -0.0052 -0.1142 100 HOH B O     
564 O O     . HOH D .  ? 0.5102 0.4568 0.6133 -0.0496 0.0777  -0.0605 101 HOH B O     
565 O O     . HOH D .  ? 1.0940 0.8742 0.6169 0.0842  -0.0020 -0.1467 103 HOH B O     
566 O O     . HOH D .  ? 0.4351 0.4250 0.4553 0.0093  -0.0643 0.0515  106 HOH B O     
567 O O     . HOH D .  ? 0.6425 0.5929 0.3631 -0.0895 0.0929  -0.1073 109 HOH B O     
568 O O     . HOH D .  ? 0.6214 0.6832 0.5297 -0.1954 -0.0651 0.0358  111 HOH B O     
569 O O     . HOH D .  ? 0.5989 0.6389 0.6885 0.0540  0.0356  -0.1514 113 HOH B O     
570 O O     . HOH D .  ? 0.8442 0.5871 0.5939 -0.0059 -0.0024 -0.0332 114 HOH B O     
571 O O     . HOH D .  ? 0.6248 0.7325 0.6091 0.0958  0.0610  0.0094  116 HOH B O     
572 O O     . HOH D .  ? 0.9055 0.7454 0.5048 0.1912  -0.1113 0.0163  117 HOH B O     
573 O O     . HOH D .  ? 0.6151 0.4568 0.4172 -0.0772 0.0886  -0.0542 119 HOH B O     
574 O O     . HOH D .  ? 0.7007 0.7259 0.6584 0.1227  -0.0528 -0.0005 123 HOH B O     
575 O O     . HOH D .  ? 0.5820 0.6397 0.8391 -0.0542 -0.0343 0.0217  125 HOH B O     
576 O O     . HOH D .  ? 0.5790 0.7745 0.9483 -0.0006 0.0640  -0.0094 127 HOH B O     
577 O O     . HOH D .  ? 0.5464 0.6759 0.7676 -0.0337 0.1644  -0.0085 128 HOH B O     
578 O O     . HOH D .  ? 0.5269 0.9521 0.6206 -0.0501 -0.0253 0.1363  129 HOH B O     
579 O O     . HOH D .  ? 0.6491 0.7532 1.0318 -0.1574 0.0611  0.0945  130 HOH B O     
580 O O     . HOH D .  ? 0.9068 0.7873 0.8184 0.1892  0.1918  -0.2920 134 HOH B O     
581 O O     . HOH D .  ? 0.5973 0.5780 0.5440 -0.0231 0.0223  0.0459  135 HOH B O     
582 O O     . HOH D .  ? 0.7898 0.9137 0.9106 -0.0810 0.1258  -0.0136 140 HOH B O     
583 O O     . HOH D .  ? 1.1544 0.9795 0.9375 0.0321  0.0077  -0.0624 142 HOH B O     
584 O O     . HOH D .  ? 0.6198 0.6471 0.8954 -0.1600 0.0712  0.0332  143 HOH B O     
585 O O     . HOH D .  ? 0.8410 0.8380 0.8751 -0.0059 0.0348  -0.0188 147 HOH B O     
586 O O     . HOH D .  ? 0.7845 0.9489 0.9398 0.0053  0.0474  0.0101  148 HOH B O     
587 O O     . HOH D .  ? 0.6554 0.8180 0.8160 -0.0291 0.0230  0.0766  149 HOH B O     
# 
